data_7A6F
#
_entry.id   7A6F
#
loop_
_entity.id
_entity.type
_entity.pdbx_description
1 polymer 'Multidrug resistance protein 1'
2 polymer 'MRK16 Fab-fragment light chain'
3 polymer 'MRK16 Fab-fragment heavy chain'
4 non-polymer Zosuquidar
5 non-polymer CHOLESTEROL
#
loop_
_entity_poly.entity_id
_entity_poly.type
_entity_poly.pdbx_seq_one_letter_code
_entity_poly.pdbx_strand_id
1 'polypeptide(L)'
;MDLEGDRNGGAKKKNFFKLNNKSEKDKKEKKPTVSVFSMFRYSNWLDKLYMVVGTLAAIIHGAGLPLMMLVFGEMTDIFA
NAGNLEDLMSNITNRSDINDTGFFMNLEEDMTRYAYYYSGIGAGVLVAAYIQVSFWCLAAGRQIHKIRKQFFHAIMRQEI
GWFDVHDVGELNTRLTDDVSKINEGIGDKIGMFFQSMATFFTGFIVGFTRGWKLTLVILAISPVLGLSAAVWAKILSSFT
DKELLAYAKAGAVAEEVLAAIRTVIAFGGQKKELERYNKNLEEAKRIGIKKAITANISIGAAFLLIYASYALAFWYGTTL
VLSGEYSIGQVLTVFFSVLIGAFSVGQASPSIEAFANARGAAYEIFKIIDNKPSIDSYSKSGHKPDNIKGNLEFRNVHFS
YPSRKEVKILKGLNLKVQSGQTVALVGNSGCGKSTTVQLMQRLYDPTEGMVSVDGQDIRTINVRFLREIIGVVSQEPVLF
ATTIAENIRYGRENVTMDEIEKAVKEANAYDFIMKLPHKFDTLVGERGAQLSGGQKQRIAIARALVRNPKILLLDEATSA
LDTESEAVVQVALDKARKGRTTIVIAHRLSTVRNADVIAGFDDGVIVEKGNHDELMKEKGIYFKLVTMQTAGNEVELENA
ADESKSEIDALEMSSNDSRSSLIRKRSTRRSVRGSQAQDRKLSTKEALDESIPPVSFWRIMKLNLTEWPYFVVGVFCAII
NGGLQPAFAIIFSKIIGVFTRIDDPETKRQNSNLFSLLFLALGIISFITFFLQGFTFGKAGEILTKRLRYMVFRSMLRQD
VSWFDDPKNTTGALTTRLANDAAQVKGAIGSRLAVITQNIANLGTGIIISFIYGWQLTLLLLAIVPIIAIAGVVEMKMLS
GQALKDKKELEGAGKIATEAIENFRTVVSLTQEQKFEHMYAQSLQVPYRNSLRKAHIFGITFSFTQAMMYFSYAGCFRFG
AYLVAHKLMSFEDVLLVFSAVVFGAMAVGQVSSFAPDYAKAKISAAHIIMIIEKTPLIDSYSTEGLMPNTLEGNVTFGEV
VFNYPTRPDIPVLQGLSLEVKKGQTLALVGSSGCGKSTVVQLLERFYDPLAGKVLLDGKEIKRLNVQWLRAHLGIVSQEP
ILFDCSIAENIAYGDNSRVVSQEEIVRAAKEANIHAFIESLPNKYSTKVGDKGTQLSGGQKQRIAIARALVRQPHILLLD
EATSALDTESEKVVQEALDKAREGRTCIVIAHRLSTIQNADLIVVFQNGRVKEHGTHQQLLAQKGIYFSMVSVQAGTKRQ
;
A
2 'polypeptide(L)'
;DVLMTQTPVSLSVSLGDQASISCRSSQSIVHSTGNTYLEWYLQKPGQSPKLLIYKISNRFSGVPDRFSGSGSGTDFTLKI
SRVEAEDLGVYYCFQASHAPRTFGGGTKLEIKRADAAPTVSIFPPSSEQLTSGGASVVCFLNNFYPKDINVKWKIDGSER
QNGVLNSWTDQDSKDSTYSMSSTLTLTKDEYERHNSYTCEATHKTSTSPIVKSFNRNEC
;
B
3 'polypeptide(L)'
;EVILVESGGGLVKPGGSLKLSCAASGFTFSSYTMSWVRQTPEKRLEWVATISSGGGNTYYPDSVKGRFTISRDNAKNNLY
LQMSSLRSEDTALYYCARYYRYEAWFASWGQGTLVTVSAAKTTAPSVYPLAPVCGDTTGSSVTLGCLVKGYFPEPVTLTW
NSGSLSSGVHTFPAVLQSDLYTLSSSVTVTSSTWPSQSITCNVAHPASSTKVDKKIEP
;
C
#
loop_
_chem_comp.id
_chem_comp.type
_chem_comp.name
_chem_comp.formula
CLR non-polymer CHOLESTEROL 'C27 H46 O'
ZQU non-polymer Zosuquidar 'C32 H31 F2 N3 O2'
#
# COMPACT_ATOMS: atom_id res chain seq x y z
N PRO A 32 21.87 -9.68 23.48
CA PRO A 32 20.54 -9.45 24.05
C PRO A 32 19.45 -10.17 23.26
N THR A 33 19.75 -11.37 22.77
CA THR A 33 18.83 -12.17 22.01
C THR A 33 18.84 -13.60 22.55
N VAL A 34 17.69 -14.28 22.44
CA VAL A 34 17.52 -15.64 22.95
C VAL A 34 17.42 -16.59 21.76
N SER A 35 18.07 -17.75 21.87
CA SER A 35 18.25 -18.65 20.74
C SER A 35 16.91 -19.11 20.18
N VAL A 36 16.98 -19.78 19.03
CA VAL A 36 15.76 -20.17 18.31
C VAL A 36 15.14 -21.42 18.93
N PHE A 37 15.98 -22.35 19.40
CA PHE A 37 15.47 -23.54 20.05
C PHE A 37 14.77 -23.18 21.36
N SER A 38 15.36 -22.26 22.12
CA SER A 38 14.79 -21.82 23.38
C SER A 38 13.83 -20.68 23.20
N MET A 39 13.20 -20.61 22.03
CA MET A 39 12.22 -19.57 21.75
C MET A 39 10.82 -20.17 21.86
N PHE A 40 10.64 -21.34 21.26
CA PHE A 40 9.37 -22.05 21.31
C PHE A 40 9.46 -23.12 22.39
N ARG A 41 9.35 -22.70 23.65
CA ARG A 41 9.44 -23.62 24.77
C ARG A 41 8.10 -23.81 25.48
N TYR A 42 7.15 -22.92 25.20
CA TYR A 42 5.84 -23.01 25.83
C TYR A 42 4.81 -23.64 24.89
N SER A 43 5.28 -24.55 24.03
CA SER A 43 4.41 -25.22 23.08
C SER A 43 4.33 -26.71 23.36
N ASN A 44 3.11 -27.23 23.49
CA ASN A 44 2.90 -28.65 23.75
C ASN A 44 2.80 -29.45 22.46
N TRP A 45 2.32 -30.68 22.56
CA TRP A 45 2.18 -31.55 21.40
C TRP A 45 1.19 -31.01 20.36
N LEU A 46 0.14 -30.35 20.84
CA LEU A 46 -0.88 -29.79 19.95
C LEU A 46 -0.35 -28.62 19.14
N ASP A 47 0.56 -27.86 19.74
CA ASP A 47 1.15 -26.71 19.08
C ASP A 47 2.19 -27.11 18.04
N LYS A 48 2.74 -28.31 18.20
CA LYS A 48 3.74 -28.81 17.27
C LYS A 48 3.07 -29.30 15.99
N LEU A 49 1.80 -29.70 16.12
CA LEU A 49 1.03 -30.18 14.99
C LEU A 49 0.39 -29.00 14.26
N TYR A 50 0.32 -27.86 14.94
CA TYR A 50 -0.25 -26.66 14.36
C TYR A 50 0.80 -25.91 13.55
N MET A 51 2.06 -26.15 13.88
CA MET A 51 3.17 -25.49 13.19
C MET A 51 3.61 -26.24 11.95
N VAL A 52 3.68 -27.57 12.04
CA VAL A 52 4.10 -28.36 10.89
C VAL A 52 3.06 -28.31 9.79
N VAL A 53 1.77 -28.36 10.14
CA VAL A 53 0.74 -28.39 9.13
C VAL A 53 0.56 -27.00 8.52
N GLY A 54 0.59 -25.95 9.33
CA GLY A 54 0.58 -24.61 8.78
C GLY A 54 1.73 -24.35 7.83
N THR A 55 2.90 -24.94 8.11
CA THR A 55 4.05 -24.74 7.23
C THR A 55 3.85 -25.45 5.89
N LEU A 56 3.36 -26.68 5.92
CA LEU A 56 3.12 -27.37 4.66
C LEU A 56 2.02 -26.70 3.85
N ALA A 57 0.98 -26.26 4.53
CA ALA A 57 -0.14 -25.59 3.86
C ALA A 57 0.31 -24.29 3.22
N ALA A 58 1.28 -23.62 3.84
CA ALA A 58 1.80 -22.37 3.32
C ALA A 58 2.80 -22.61 2.18
N ILE A 59 3.33 -23.82 2.13
CA ILE A 59 4.29 -24.18 1.09
C ILE A 59 3.58 -24.58 -0.19
N ILE A 60 2.28 -24.90 -0.06
CA ILE A 60 1.47 -25.32 -1.20
C ILE A 60 0.61 -24.15 -1.69
N HIS A 61 0.41 -23.16 -0.84
CA HIS A 61 -0.39 -22.00 -1.19
C HIS A 61 0.47 -20.95 -1.88
N GLY A 62 1.79 -21.10 -1.75
CA GLY A 62 2.72 -20.17 -2.35
C GLY A 62 3.12 -20.59 -3.75
N ALA A 63 2.73 -21.82 -4.12
CA ALA A 63 3.03 -22.37 -5.46
C ALA A 63 1.78 -22.28 -6.34
N GLY A 64 0.87 -21.36 -6.01
CA GLY A 64 -0.38 -21.18 -6.78
C GLY A 64 -0.20 -20.17 -7.90
N LEU A 65 0.52 -19.09 -7.64
CA LEU A 65 0.76 -18.03 -8.65
C LEU A 65 1.62 -18.59 -9.79
N PRO A 66 2.84 -19.11 -9.51
CA PRO A 66 3.70 -19.67 -10.56
C PRO A 66 2.99 -20.75 -11.39
N LEU A 67 2.25 -21.64 -10.73
CA LEU A 67 1.50 -22.72 -11.42
C LEU A 67 0.41 -22.12 -12.31
N MET A 68 -0.21 -21.03 -11.83
CA MET A 68 -1.28 -20.33 -12.59
C MET A 68 -0.70 -19.81 -13.90
N MET A 69 0.52 -19.27 -13.85
CA MET A 69 1.20 -18.70 -15.05
C MET A 69 1.60 -19.84 -16.00
N LEU A 70 1.52 -21.09 -15.51
CA LEU A 70 1.86 -22.25 -16.33
C LEU A 70 0.64 -22.67 -17.13
N VAL A 71 -0.53 -22.37 -16.60
CA VAL A 71 -1.79 -22.70 -17.27
C VAL A 71 -2.16 -21.59 -18.25
N PHE A 72 -1.97 -20.35 -17.83
CA PHE A 72 -2.29 -19.20 -18.69
C PHE A 72 -1.43 -19.19 -19.94
N GLY A 73 -0.11 -19.32 -19.78
CA GLY A 73 0.73 -19.42 -20.94
C GLY A 73 0.42 -20.63 -21.79
N GLU A 74 -0.32 -21.60 -21.27
CA GLU A 74 -0.74 -22.71 -22.12
C GLU A 74 -2.05 -22.46 -22.85
N MET A 75 -2.93 -21.66 -22.24
CA MET A 75 -4.25 -21.33 -22.84
C MET A 75 -4.07 -20.28 -23.94
N THR A 76 -2.99 -19.49 -23.88
CA THR A 76 -2.77 -18.47 -24.90
C THR A 76 -2.27 -19.08 -26.20
N ASP A 77 -1.70 -20.29 -26.15
CA ASP A 77 -1.34 -20.96 -27.39
C ASP A 77 -2.55 -21.57 -28.08
N ILE A 78 -3.57 -21.97 -27.31
CA ILE A 78 -4.82 -22.41 -27.92
C ILE A 78 -5.51 -21.24 -28.61
N PHE A 79 -5.78 -20.17 -27.87
CA PHE A 79 -6.52 -19.05 -28.42
C PHE A 79 -5.83 -18.41 -29.61
N ALA A 80 -4.54 -18.65 -29.80
CA ALA A 80 -3.79 -18.03 -30.89
C ALA A 80 -3.47 -19.03 -32.00
N ASN A 81 -4.22 -20.11 -32.10
CA ASN A 81 -4.07 -21.07 -33.19
C ASN A 81 -5.42 -21.44 -33.78
N ALA A 82 -6.51 -21.10 -33.11
CA ALA A 82 -7.84 -21.43 -33.60
C ALA A 82 -8.50 -20.20 -34.18
N GLY A 83 -9.55 -20.44 -34.97
CA GLY A 83 -10.15 -19.38 -35.76
C GLY A 83 -9.40 -19.16 -37.05
N ASN A 84 -8.15 -19.62 -37.11
CA ASN A 84 -7.28 -19.28 -38.22
C ASN A 84 -7.46 -20.24 -39.39
N LEU A 85 -7.33 -21.54 -39.15
CA LEU A 85 -7.27 -22.55 -40.20
C LEU A 85 -8.36 -22.40 -41.26
N PHE A 104 -12.50 -22.07 -35.09
CA PHE A 104 -13.59 -22.22 -34.12
C PHE A 104 -13.94 -23.70 -33.93
N MET A 105 -13.10 -24.58 -34.46
CA MET A 105 -13.32 -26.01 -34.34
C MET A 105 -12.61 -26.52 -33.09
N ASN A 106 -13.40 -27.16 -32.22
CA ASN A 106 -12.93 -27.78 -30.94
C ASN A 106 -12.30 -26.72 -30.03
N LEU A 107 -12.34 -25.45 -30.43
CA LEU A 107 -11.77 -24.37 -29.59
C LEU A 107 -12.53 -24.31 -28.26
N GLU A 108 -13.86 -24.43 -28.32
CA GLU A 108 -14.71 -24.38 -27.10
C GLU A 108 -14.37 -25.56 -26.19
N GLU A 109 -14.17 -26.75 -26.77
CA GLU A 109 -13.86 -27.97 -25.98
C GLU A 109 -12.52 -27.81 -25.25
N ASP A 110 -11.52 -27.23 -25.92
CA ASP A 110 -10.19 -27.03 -25.29
C ASP A 110 -10.33 -26.08 -24.09
N MET A 111 -11.13 -25.02 -24.24
CA MET A 111 -11.32 -24.01 -23.17
C MET A 111 -12.01 -24.61 -21.93
N THR A 112 -12.97 -25.52 -22.11
CA THR A 112 -13.64 -26.15 -20.94
C THR A 112 -12.63 -26.98 -20.14
N ARG A 113 -11.74 -27.72 -20.82
CA ARG A 113 -10.73 -28.54 -20.11
C ARG A 113 -9.80 -27.59 -19.33
N TYR A 114 -9.39 -26.49 -19.96
CA TYR A 114 -8.51 -25.48 -19.33
C TYR A 114 -9.22 -24.83 -18.13
N ALA A 115 -10.54 -24.62 -18.26
CA ALA A 115 -11.34 -24.01 -17.17
C ALA A 115 -11.26 -24.90 -15.93
N TYR A 116 -11.35 -26.22 -16.12
CA TYR A 116 -11.26 -27.17 -14.98
C TYR A 116 -9.95 -26.93 -14.23
N TYR A 117 -8.83 -26.83 -14.96
CA TYR A 117 -7.53 -26.60 -14.32
C TYR A 117 -7.56 -25.35 -13.44
N TYR A 118 -8.18 -24.27 -13.92
CA TYR A 118 -8.23 -23.07 -13.10
C TYR A 118 -9.08 -23.26 -11.86
N SER A 119 -10.22 -23.94 -11.97
CA SER A 119 -11.02 -24.19 -10.78
C SER A 119 -10.31 -25.13 -9.81
N GLY A 120 -9.48 -26.05 -10.34
CA GLY A 120 -8.70 -26.90 -9.45
C GLY A 120 -7.66 -26.13 -8.66
N ILE A 121 -6.89 -25.29 -9.34
CA ILE A 121 -5.92 -24.46 -8.62
C ILE A 121 -6.63 -23.52 -7.66
N GLY A 122 -7.79 -23.00 -8.05
CA GLY A 122 -8.52 -22.14 -7.15
C GLY A 122 -8.96 -22.83 -5.88
N ALA A 123 -9.40 -24.09 -5.99
CA ALA A 123 -9.85 -24.81 -4.80
C ALA A 123 -8.68 -25.23 -3.92
N GLY A 124 -7.59 -25.70 -4.54
CA GLY A 124 -6.39 -25.97 -3.77
C GLY A 124 -5.93 -24.75 -2.98
N VAL A 125 -5.98 -23.57 -3.60
CA VAL A 125 -5.53 -22.39 -2.90
C VAL A 125 -6.52 -21.97 -1.83
N LEU A 126 -7.81 -22.18 -2.06
CA LEU A 126 -8.78 -21.92 -0.99
C LEU A 126 -8.43 -22.72 0.26
N VAL A 127 -8.24 -24.02 0.10
CA VAL A 127 -8.01 -24.87 1.28
C VAL A 127 -6.65 -24.55 1.91
N ALA A 128 -5.60 -24.44 1.11
CA ALA A 128 -4.28 -24.21 1.68
C ALA A 128 -4.19 -22.84 2.36
N ALA A 129 -4.82 -21.82 1.80
CA ALA A 129 -4.79 -20.51 2.44
C ALA A 129 -5.49 -20.54 3.78
N TYR A 130 -6.67 -21.16 3.84
CA TYR A 130 -7.41 -21.22 5.09
C TYR A 130 -6.59 -21.88 6.19
N ILE A 131 -6.00 -23.04 5.89
CA ILE A 131 -5.20 -23.77 6.86
C ILE A 131 -3.99 -22.97 7.33
N GLN A 132 -3.17 -22.52 6.38
CA GLN A 132 -1.96 -21.76 6.70
C GLN A 132 -2.22 -20.58 7.64
N VAL A 133 -3.16 -19.72 7.26
CA VAL A 133 -3.47 -18.53 8.06
C VAL A 133 -4.05 -18.85 9.43
N SER A 134 -4.99 -19.80 9.49
CA SER A 134 -5.63 -20.17 10.74
C SER A 134 -4.71 -20.91 11.70
N PHE A 135 -4.08 -21.97 11.23
CA PHE A 135 -3.19 -22.77 12.06
C PHE A 135 -2.01 -21.97 12.63
N TRP A 136 -1.46 -21.06 11.83
CA TRP A 136 -0.33 -20.24 12.28
C TRP A 136 -0.78 -19.17 13.27
N CYS A 137 -2.04 -18.76 13.18
CA CYS A 137 -2.58 -17.75 14.07
C CYS A 137 -3.13 -18.37 15.35
N LEU A 138 -3.20 -19.69 15.37
CA LEU A 138 -3.70 -20.43 16.52
C LEU A 138 -2.52 -20.94 17.35
N ALA A 139 -1.40 -21.18 16.68
CA ALA A 139 -0.20 -21.67 17.36
C ALA A 139 0.48 -20.52 18.10
N ALA A 140 0.29 -19.31 17.59
CA ALA A 140 0.87 -18.12 18.20
C ALA A 140 -0.12 -17.49 19.17
N GLY A 141 -1.38 -17.91 19.07
CA GLY A 141 -2.42 -17.40 19.94
C GLY A 141 -2.47 -18.18 21.24
N ARG A 142 -1.94 -19.40 21.21
CA ARG A 142 -1.91 -20.25 22.39
C ARG A 142 -0.64 -19.99 23.19
N GLN A 143 0.50 -19.97 22.51
CA GLN A 143 1.77 -19.71 23.17
C GLN A 143 1.77 -18.36 23.86
N ILE A 144 1.48 -17.29 23.13
CA ILE A 144 1.52 -15.95 23.71
C ILE A 144 0.67 -15.88 24.97
N HIS A 145 -0.46 -16.60 24.98
CA HIS A 145 -1.29 -16.55 26.18
C HIS A 145 -0.58 -17.23 27.36
N LYS A 146 0.02 -18.39 27.12
CA LYS A 146 0.79 -19.03 28.19
C LYS A 146 1.86 -18.09 28.72
N ILE A 147 2.54 -17.40 27.81
CA ILE A 147 3.67 -16.54 28.21
C ILE A 147 3.17 -15.36 29.02
N ARG A 148 2.02 -14.79 28.66
CA ARG A 148 1.45 -13.72 29.47
C ARG A 148 1.21 -14.19 30.90
N LYS A 149 0.48 -15.29 31.05
CA LYS A 149 0.19 -15.78 32.40
C LYS A 149 1.46 -16.05 33.18
N GLN A 150 2.45 -16.68 32.53
CA GLN A 150 3.66 -17.09 33.24
C GLN A 150 4.52 -15.89 33.64
N PHE A 151 4.70 -14.94 32.71
CA PHE A 151 5.43 -13.72 33.02
C PHE A 151 4.81 -12.99 34.20
N PHE A 152 3.48 -12.89 34.21
CA PHE A 152 2.80 -12.19 35.30
C PHE A 152 2.88 -12.95 36.61
N HIS A 153 3.00 -14.27 36.53
CA HIS A 153 3.10 -15.10 37.73
C HIS A 153 4.44 -14.91 38.41
N ALA A 154 5.47 -14.65 37.60
CA ALA A 154 6.82 -14.46 38.13
C ALA A 154 7.06 -13.03 38.59
N ILE A 155 6.36 -12.08 37.98
CA ILE A 155 6.50 -10.68 38.34
C ILE A 155 5.96 -10.38 39.73
N MET A 156 4.92 -11.12 40.14
CA MET A 156 4.31 -10.93 41.44
C MET A 156 5.17 -11.51 42.57
N ARG A 157 5.69 -12.71 42.35
CA ARG A 157 6.52 -13.38 43.36
C ARG A 157 8.00 -13.03 43.18
N GLN A 158 8.35 -11.77 43.37
CA GLN A 158 9.73 -11.31 43.23
C GLN A 158 10.17 -10.52 44.45
N GLU A 159 11.38 -10.78 44.92
CA GLU A 159 11.93 -10.08 46.08
C GLU A 159 11.89 -8.57 45.91
N ILE A 160 11.50 -7.87 46.97
CA ILE A 160 11.42 -6.41 46.95
C ILE A 160 12.75 -5.83 46.51
N GLY A 161 12.69 -4.89 45.59
CA GLY A 161 13.89 -4.38 44.95
C GLY A 161 13.82 -4.52 43.45
N TRP A 162 12.60 -4.61 42.91
CA TRP A 162 12.39 -4.44 41.49
C TRP A 162 11.61 -3.17 41.18
N PHE A 163 11.61 -2.20 42.09
CA PHE A 163 11.02 -0.89 41.90
C PHE A 163 12.04 0.22 42.00
N ASP A 164 13.06 0.04 42.82
CA ASP A 164 14.16 0.99 42.92
C ASP A 164 15.22 0.71 41.86
N VAL A 165 15.50 -0.57 41.62
CA VAL A 165 16.49 -0.96 40.63
C VAL A 165 15.93 -0.91 39.21
N HIS A 166 14.72 -1.41 38.99
CA HIS A 166 14.08 -1.42 37.68
C HIS A 166 12.78 -0.63 37.78
N ASP A 167 12.71 0.51 37.10
CA ASP A 167 11.51 1.35 37.13
C ASP A 167 10.29 0.54 36.72
N VAL A 168 9.10 1.02 37.09
CA VAL A 168 7.90 0.19 37.05
C VAL A 168 7.03 0.49 35.85
N GLY A 169 6.75 1.77 35.58
CA GLY A 169 6.06 2.10 34.33
C GLY A 169 6.74 1.47 33.13
N GLU A 170 8.07 1.55 33.13
CA GLU A 170 8.86 0.95 32.06
C GLU A 170 8.59 -0.56 32.02
N LEU A 171 8.12 -1.10 33.15
CA LEU A 171 7.80 -2.51 33.25
C LEU A 171 6.48 -2.79 32.53
N ASN A 172 5.61 -1.79 32.47
CA ASN A 172 4.33 -1.91 31.79
C ASN A 172 4.56 -1.86 30.28
N THR A 173 5.61 -1.14 29.88
CA THR A 173 5.98 -1.03 28.48
C THR A 173 6.81 -2.25 28.08
N ARG A 174 7.38 -2.91 29.09
CA ARG A 174 8.19 -4.11 28.88
C ARG A 174 7.33 -5.36 29.02
N LEU A 175 6.04 -5.18 29.28
CA LEU A 175 5.12 -6.28 29.45
C LEU A 175 4.13 -6.29 28.29
N THR A 176 3.14 -5.40 28.36
CA THR A 176 2.11 -5.30 27.33
C THR A 176 2.71 -5.17 25.92
N ASP A 177 3.45 -4.10 25.69
CA ASP A 177 4.07 -3.86 24.40
C ASP A 177 4.96 -5.04 23.98
N ASP A 178 5.88 -5.41 24.86
CA ASP A 178 6.80 -6.51 24.58
C ASP A 178 6.06 -7.78 24.18
N VAL A 179 5.05 -8.16 24.96
CA VAL A 179 4.27 -9.36 24.68
C VAL A 179 3.69 -9.24 23.28
N SER A 180 3.22 -8.04 22.93
CA SER A 180 2.66 -7.84 21.60
C SER A 180 3.74 -8.00 20.53
N LYS A 181 4.97 -7.62 20.86
CA LYS A 181 6.07 -7.72 19.89
C LYS A 181 6.43 -9.16 19.60
N ILE A 182 6.47 -10.01 20.64
CA ILE A 182 6.65 -11.44 20.43
C ILE A 182 5.50 -12.00 19.61
N ASN A 183 4.28 -11.64 19.97
CA ASN A 183 3.11 -12.11 19.23
C ASN A 183 3.26 -11.83 17.74
N GLU A 184 3.49 -10.57 17.38
CA GLU A 184 3.73 -10.23 15.99
C GLU A 184 4.93 -10.97 15.41
N GLY A 185 5.91 -11.33 16.24
CA GLY A 185 7.07 -12.03 15.73
C GLY A 185 6.85 -13.47 15.33
N ILE A 186 6.50 -14.33 16.29
CA ILE A 186 6.34 -15.75 16.01
C ILE A 186 4.96 -16.09 15.45
N GLY A 187 4.11 -15.11 15.22
CA GLY A 187 2.76 -15.37 14.82
C GLY A 187 2.63 -15.69 13.35
N ASP A 188 1.69 -15.02 12.69
CA ASP A 188 1.40 -15.34 11.30
C ASP A 188 2.56 -15.03 10.37
N LYS A 189 3.43 -14.10 10.75
CA LYS A 189 4.50 -13.68 9.83
C LYS A 189 5.33 -14.87 9.36
N ILE A 190 5.66 -15.80 10.25
CA ILE A 190 6.52 -16.91 9.82
C ILE A 190 5.80 -17.79 8.81
N GLY A 191 4.47 -17.83 8.86
CA GLY A 191 3.73 -18.42 7.75
C GLY A 191 4.08 -17.74 6.45
N MET A 192 3.79 -16.43 6.37
CA MET A 192 4.05 -15.56 5.18
C MET A 192 5.43 -15.86 4.57
N PHE A 193 6.47 -15.89 5.41
CA PHE A 193 7.83 -16.20 4.99
C PHE A 193 7.86 -17.44 4.12
N PHE A 194 7.45 -18.58 4.65
CA PHE A 194 7.61 -19.82 3.91
C PHE A 194 6.89 -19.74 2.57
N GLN A 195 5.67 -19.21 2.57
CA GLN A 195 4.93 -19.07 1.33
C GLN A 195 5.78 -18.36 0.29
N SER A 196 6.32 -17.20 0.64
CA SER A 196 7.09 -16.43 -0.32
C SER A 196 8.30 -17.19 -0.80
N MET A 197 8.94 -17.93 0.10
CA MET A 197 10.09 -18.75 -0.25
C MET A 197 9.67 -19.73 -1.34
N ALA A 198 8.55 -20.41 -1.14
CA ALA A 198 8.02 -21.32 -2.14
C ALA A 198 7.89 -20.63 -3.49
N THR A 199 7.31 -19.42 -3.49
CA THR A 199 7.08 -18.74 -4.76
C THR A 199 8.40 -18.38 -5.43
N PHE A 200 9.47 -18.31 -4.65
CA PHE A 200 10.80 -18.19 -5.24
C PHE A 200 11.11 -19.44 -6.05
N PHE A 201 11.20 -20.59 -5.37
CA PHE A 201 11.77 -21.76 -6.02
C PHE A 201 10.88 -22.25 -7.15
N THR A 202 9.59 -22.50 -6.86
CA THR A 202 8.66 -22.82 -7.93
C THR A 202 8.87 -21.90 -9.11
N GLY A 203 8.90 -20.59 -8.85
CA GLY A 203 9.14 -19.65 -9.94
C GLY A 203 10.30 -20.08 -10.80
N PHE A 204 11.50 -20.07 -10.23
CA PHE A 204 12.64 -20.31 -11.09
C PHE A 204 12.63 -21.71 -11.67
N ILE A 205 12.01 -22.67 -10.99
CA ILE A 205 11.96 -24.02 -11.55
C ILE A 205 11.14 -24.02 -12.83
N VAL A 206 9.96 -23.41 -12.79
CA VAL A 206 9.19 -23.24 -14.01
C VAL A 206 10.04 -22.50 -15.03
N GLY A 207 10.73 -21.46 -14.59
CA GLY A 207 11.53 -20.67 -15.50
C GLY A 207 12.58 -21.49 -16.22
N PHE A 208 13.09 -22.52 -15.56
CA PHE A 208 14.15 -23.29 -16.21
C PHE A 208 13.61 -24.49 -16.95
N THR A 209 12.36 -24.86 -16.72
CA THR A 209 11.84 -26.06 -17.36
C THR A 209 11.27 -25.75 -18.74
N ARG A 210 10.45 -24.71 -18.83
CA ARG A 210 9.87 -24.32 -20.10
C ARG A 210 10.93 -23.88 -21.09
N GLY A 211 11.63 -22.79 -20.79
CA GLY A 211 12.75 -22.35 -21.60
C GLY A 211 13.74 -21.55 -20.79
N TRP A 212 15.04 -21.86 -20.90
CA TRP A 212 16.01 -21.25 -20.01
C TRP A 212 16.75 -20.06 -20.59
N LYS A 213 16.68 -19.83 -21.90
CA LYS A 213 17.46 -18.74 -22.49
C LYS A 213 16.99 -17.38 -22.00
N LEU A 214 15.72 -17.27 -21.64
CA LEU A 214 15.18 -16.03 -21.13
C LEU A 214 15.18 -15.99 -19.62
N THR A 215 15.34 -17.13 -18.95
CA THR A 215 15.40 -17.10 -17.50
C THR A 215 16.73 -16.57 -17.02
N LEU A 216 17.83 -16.92 -17.68
CA LEU A 216 19.12 -16.34 -17.32
C LEU A 216 19.09 -14.83 -17.49
N VAL A 217 18.35 -14.32 -18.46
CA VAL A 217 18.29 -12.88 -18.68
C VAL A 217 17.46 -12.21 -17.60
N ILE A 218 16.24 -12.70 -17.37
CA ILE A 218 15.43 -12.16 -16.29
C ILE A 218 16.09 -12.34 -14.93
N LEU A 219 17.06 -13.24 -14.82
CA LEU A 219 17.80 -13.44 -13.59
C LEU A 219 19.01 -12.52 -13.48
N ALA A 220 19.60 -12.12 -14.61
CA ALA A 220 20.77 -11.25 -14.58
C ALA A 220 20.47 -9.94 -13.87
N ILE A 221 19.23 -9.48 -13.94
CA ILE A 221 18.85 -8.20 -13.35
C ILE A 221 18.14 -8.42 -12.03
N SER A 222 18.05 -9.67 -11.59
CA SER A 222 17.16 -9.99 -10.48
C SER A 222 17.58 -9.41 -9.13
N PRO A 223 18.88 -9.22 -8.85
CA PRO A 223 19.24 -8.50 -7.61
C PRO A 223 18.53 -7.17 -7.45
N VAL A 224 18.48 -6.34 -8.50
CA VAL A 224 17.83 -5.03 -8.41
C VAL A 224 16.34 -5.18 -8.18
N LEU A 225 15.71 -6.16 -8.84
CA LEU A 225 14.29 -6.40 -8.66
C LEU A 225 14.00 -6.78 -7.21
N GLY A 226 14.76 -7.74 -6.69
CA GLY A 226 14.57 -8.16 -5.32
C GLY A 226 14.87 -7.05 -4.33
N LEU A 227 15.81 -6.17 -4.66
CA LEU A 227 16.17 -5.09 -3.74
C LEU A 227 15.06 -4.04 -3.68
N SER A 228 14.50 -3.67 -4.83
CA SER A 228 13.35 -2.79 -4.85
C SER A 228 12.17 -3.40 -4.11
N ALA A 229 11.95 -4.70 -4.30
CA ALA A 229 10.86 -5.37 -3.60
C ALA A 229 11.09 -5.37 -2.10
N ALA A 230 12.33 -5.65 -1.69
CA ALA A 230 12.67 -5.67 -0.27
C ALA A 230 12.40 -4.31 0.38
N VAL A 231 12.92 -3.26 -0.23
CA VAL A 231 12.75 -1.91 0.28
C VAL A 231 11.27 -1.53 0.38
N TRP A 232 10.51 -1.85 -0.67
CA TRP A 232 9.09 -1.53 -0.71
C TRP A 232 8.32 -2.32 0.34
N ALA A 233 8.75 -3.55 0.60
CA ALA A 233 8.09 -4.40 1.58
C ALA A 233 8.23 -3.84 2.98
N LYS A 234 9.39 -3.25 3.27
CA LYS A 234 9.65 -2.68 4.58
C LYS A 234 8.86 -1.39 4.80
N ILE A 235 8.63 -0.65 3.72
CA ILE A 235 7.88 0.60 3.80
C ILE A 235 6.37 0.35 3.78
N LEU A 236 5.98 -0.85 3.38
CA LEU A 236 4.58 -1.23 3.32
C LEU A 236 4.10 -1.71 4.69
N SER A 237 4.89 -2.58 5.30
CA SER A 237 4.57 -3.13 6.62
C SER A 237 4.86 -2.12 7.71
N SER A 238 3.97 -2.05 8.70
CA SER A 238 4.11 -1.13 9.83
C SER A 238 4.39 0.30 9.36
N PHE A 239 3.57 0.80 8.44
CA PHE A 239 3.74 2.15 7.91
C PHE A 239 2.88 3.15 8.67
N THR A 240 2.24 2.69 9.73
CA THR A 240 1.38 3.55 10.54
C THR A 240 1.97 3.72 11.95
N ASP A 241 3.05 2.99 12.22
CA ASP A 241 3.71 3.05 13.52
C ASP A 241 4.94 3.95 13.48
N LYS A 242 4.93 4.91 12.56
CA LYS A 242 6.05 5.84 12.42
C LYS A 242 5.56 7.28 12.34
N GLU A 243 5.04 7.79 13.46
CA GLU A 243 4.52 9.15 13.51
C GLU A 243 4.82 9.80 14.86
N LEU A 244 5.68 9.17 15.65
CA LEU A 244 6.05 9.69 16.96
C LEU A 244 7.53 10.05 17.03
N LEU A 245 8.18 10.10 15.88
CA LEU A 245 9.60 10.43 15.83
C LEU A 245 9.81 11.94 15.81
N ALA A 246 8.89 12.67 15.18
CA ALA A 246 8.98 14.11 15.09
C ALA A 246 8.22 14.79 16.23
N TYR A 247 7.26 14.07 16.80
CA TYR A 247 6.47 14.61 17.90
C TYR A 247 6.98 14.08 19.23
N ALA A 248 8.17 13.49 19.21
CA ALA A 248 8.79 12.96 20.41
C ALA A 248 9.51 14.07 21.17
N LYS A 249 10.33 14.83 20.46
CA LYS A 249 11.07 15.93 21.07
C LYS A 249 10.14 17.09 21.41
N ALA A 250 9.08 17.24 20.60
CA ALA A 250 8.11 18.30 20.82
C ALA A 250 7.08 17.87 21.87
N GLY A 251 6.81 16.57 21.93
CA GLY A 251 5.86 16.03 22.88
C GLY A 251 6.20 16.44 24.30
N ALA A 252 7.50 16.48 24.60
CA ALA A 252 8.01 16.84 25.94
C ALA A 252 7.61 18.29 26.26
N VAL A 253 7.90 19.22 25.34
CA VAL A 253 7.58 20.66 25.56
C VAL A 253 6.06 20.83 25.69
N ALA A 254 5.28 20.12 24.86
CA ALA A 254 3.81 20.21 24.92
C ALA A 254 3.32 19.69 26.28
N GLU A 255 3.88 18.57 26.74
CA GLU A 255 3.52 17.98 28.05
C GLU A 255 3.93 18.91 29.20
N GLU A 256 5.12 19.50 29.10
CA GLU A 256 5.67 20.37 30.19
C GLU A 256 4.79 21.61 30.41
N VAL A 257 4.39 22.31 29.35
CA VAL A 257 3.55 23.54 29.52
C VAL A 257 2.19 23.13 30.10
N LEU A 258 1.62 22.02 29.62
CA LEU A 258 0.31 21.49 30.08
C LEU A 258 0.39 21.05 31.55
N ALA A 259 1.55 20.55 31.99
CA ALA A 259 1.74 20.07 33.37
C ALA A 259 1.48 21.20 34.36
N ALA A 260 1.93 22.42 34.06
CA ALA A 260 1.72 23.56 34.98
C ALA A 260 1.13 24.75 34.20
N ILE A 261 -0.13 24.60 33.77
CA ILE A 261 -0.85 25.66 33.01
C ILE A 261 -1.06 26.89 33.91
N ARG A 262 -1.40 26.64 35.18
CA ARG A 262 -1.67 27.75 36.15
C ARG A 262 -0.42 28.61 36.33
N THR A 263 0.76 27.99 36.44
CA THR A 263 2.02 28.75 36.63
C THR A 263 2.28 29.65 35.42
N VAL A 264 2.08 29.12 34.20
CA VAL A 264 2.34 29.91 32.96
C VAL A 264 1.38 31.11 32.91
N ILE A 265 0.10 30.89 33.22
CA ILE A 265 -0.91 32.00 33.19
C ILE A 265 -0.55 33.03 34.27
N ALA A 266 -0.19 32.55 35.47
CA ALA A 266 0.16 33.42 36.62
C ALA A 266 1.41 34.25 36.32
N PHE A 267 2.42 33.64 35.69
CA PHE A 267 3.71 34.34 35.42
C PHE A 267 3.72 34.99 34.03
N GLY A 268 2.64 34.90 33.27
CA GLY A 268 2.64 35.52 31.96
C GLY A 268 3.21 34.67 30.85
N GLY A 269 3.98 33.64 31.18
CA GLY A 269 4.88 33.05 30.21
C GLY A 269 4.29 32.16 29.14
N GLN A 270 3.14 32.54 28.59
CA GLN A 270 2.66 31.87 27.38
C GLN A 270 3.66 32.05 26.23
N LYS A 271 3.97 33.32 25.90
CA LYS A 271 4.71 33.70 24.70
C LYS A 271 5.89 32.78 24.41
N LYS A 272 6.82 32.70 25.35
CA LYS A 272 8.04 31.93 25.10
C LYS A 272 7.74 30.44 24.98
N GLU A 273 6.72 29.95 25.70
CA GLU A 273 6.39 28.54 25.61
C GLU A 273 5.83 28.20 24.24
N LEU A 274 4.89 29.01 23.79
CA LEU A 274 4.35 28.87 22.45
C LEU A 274 5.42 28.99 21.38
N GLU A 275 6.44 29.82 21.61
CA GLU A 275 7.50 29.97 20.63
C GLU A 275 8.38 28.73 20.56
N ARG A 276 8.81 28.22 21.72
CA ARG A 276 9.49 26.93 21.76
C ARG A 276 8.68 25.86 21.02
N TYR A 277 7.37 25.85 21.27
CA TYR A 277 6.50 24.90 20.59
C TYR A 277 6.63 25.03 19.08
N ASN A 278 6.39 26.22 18.54
CA ASN A 278 6.47 26.45 17.11
C ASN A 278 7.79 25.94 16.52
N LYS A 279 8.89 26.11 17.26
CA LYS A 279 10.18 25.65 16.76
C LYS A 279 10.22 24.13 16.65
N ASN A 280 9.89 23.45 17.75
CA ASN A 280 9.72 22.00 17.71
C ASN A 280 8.89 21.57 16.50
N LEU A 281 7.80 22.28 16.27
CA LEU A 281 6.90 21.96 15.18
C LEU A 281 7.66 21.94 13.86
N GLU A 282 8.22 23.08 13.48
CA GLU A 282 8.85 23.17 12.15
C GLU A 282 9.86 22.05 11.96
N GLU A 283 10.51 21.62 13.04
CA GLU A 283 11.42 20.49 12.91
C GLU A 283 10.67 19.19 12.54
N ALA A 284 9.62 18.87 13.31
CA ALA A 284 8.85 17.67 13.01
C ALA A 284 8.30 17.70 11.60
N LYS A 285 7.91 18.89 11.14
CA LYS A 285 7.40 19.05 9.79
C LYS A 285 8.44 18.66 8.76
N ARG A 286 9.68 19.12 8.93
CA ARG A 286 10.71 18.77 7.95
C ARG A 286 10.88 17.26 7.87
N ILE A 287 10.97 16.59 9.03
CA ILE A 287 11.17 15.15 9.01
C ILE A 287 10.01 14.45 8.30
N GLY A 288 8.78 14.89 8.56
CA GLY A 288 7.64 14.30 7.91
C GLY A 288 7.68 14.43 6.40
N ILE A 289 8.05 15.61 5.90
CA ILE A 289 8.13 15.80 4.45
C ILE A 289 9.14 14.84 3.84
N LYS A 290 10.28 14.66 4.51
CA LYS A 290 11.31 13.79 3.95
C LYS A 290 10.84 12.33 3.93
N LYS A 291 10.07 11.92 4.94
CA LYS A 291 9.57 10.55 4.91
C LYS A 291 8.53 10.36 3.80
N ALA A 292 7.65 11.34 3.58
CA ALA A 292 6.69 11.20 2.48
C ALA A 292 7.41 11.08 1.14
N ILE A 293 8.40 11.94 0.91
CA ILE A 293 9.19 11.86 -0.31
C ILE A 293 9.79 10.47 -0.48
N THR A 294 10.31 9.89 0.62
CA THR A 294 11.00 8.60 0.48
C THR A 294 10.02 7.46 0.22
N ALA A 295 8.87 7.46 0.88
CA ALA A 295 7.86 6.43 0.62
C ALA A 295 7.44 6.42 -0.84
N ASN A 296 7.17 7.62 -1.38
CA ASN A 296 6.69 7.65 -2.76
C ASN A 296 7.80 7.36 -3.76
N ILE A 297 9.04 7.75 -3.45
CA ILE A 297 10.15 7.34 -4.31
C ILE A 297 10.27 5.82 -4.34
N SER A 298 10.04 5.17 -3.19
CA SER A 298 10.17 3.72 -3.14
C SER A 298 9.14 3.04 -4.02
N ILE A 299 7.86 3.38 -3.85
CA ILE A 299 6.84 2.75 -4.70
C ILE A 299 7.08 3.09 -6.17
N GLY A 300 7.50 4.33 -6.45
CA GLY A 300 7.79 4.71 -7.83
C GLY A 300 8.87 3.85 -8.45
N ALA A 301 9.93 3.57 -7.69
CA ALA A 301 11.01 2.76 -8.24
C ALA A 301 10.56 1.33 -8.46
N ALA A 302 9.70 0.82 -7.58
CA ALA A 302 9.15 -0.52 -7.81
C ALA A 302 8.41 -0.58 -9.15
N PHE A 303 7.56 0.41 -9.41
CA PHE A 303 6.78 0.37 -10.66
C PHE A 303 7.67 0.62 -11.87
N LEU A 304 8.63 1.53 -11.75
CA LEU A 304 9.57 1.74 -12.83
C LEU A 304 10.28 0.44 -13.20
N LEU A 305 10.64 -0.36 -12.20
CA LEU A 305 11.38 -1.58 -12.51
C LEU A 305 10.48 -2.66 -13.08
N ILE A 306 9.26 -2.79 -12.55
CA ILE A 306 8.30 -3.71 -13.18
C ILE A 306 8.19 -3.41 -14.67
N TYR A 307 7.99 -2.12 -15.00
CA TYR A 307 7.70 -1.77 -16.38
C TYR A 307 8.93 -1.89 -17.28
N ALA A 308 10.11 -1.51 -16.79
CA ALA A 308 11.30 -1.68 -17.61
C ALA A 308 11.64 -3.16 -17.80
N SER A 309 11.25 -4.02 -16.86
CA SER A 309 11.47 -5.45 -17.04
C SER A 309 10.48 -6.02 -18.05
N TYR A 310 9.24 -5.54 -18.06
CA TYR A 310 8.34 -5.83 -19.18
C TYR A 310 9.00 -5.47 -20.50
N ALA A 311 9.51 -4.25 -20.59
CA ALA A 311 10.14 -3.77 -21.82
C ALA A 311 11.24 -4.72 -22.30
N LEU A 312 12.13 -5.10 -21.40
CA LEU A 312 13.23 -5.98 -21.80
C LEU A 312 12.74 -7.37 -22.15
N ALA A 313 11.82 -7.92 -21.36
CA ALA A 313 11.32 -9.26 -21.63
C ALA A 313 10.71 -9.33 -23.01
N PHE A 314 9.90 -8.35 -23.38
CA PHE A 314 9.29 -8.39 -24.70
C PHE A 314 10.28 -8.06 -25.80
N TRP A 315 11.20 -7.13 -25.59
CA TRP A 315 12.18 -6.84 -26.63
C TRP A 315 13.03 -8.05 -26.98
N TYR A 316 13.36 -8.88 -25.99
CA TYR A 316 14.17 -10.06 -26.28
C TYR A 316 13.31 -11.24 -26.70
N GLY A 317 12.21 -11.49 -26.00
CA GLY A 317 11.31 -12.55 -26.35
C GLY A 317 10.73 -12.44 -27.73
N THR A 318 10.65 -11.24 -28.32
CA THR A 318 10.22 -11.23 -29.70
C THR A 318 11.34 -11.68 -30.64
N THR A 319 12.60 -11.43 -30.31
CA THR A 319 13.67 -12.04 -31.11
C THR A 319 13.58 -13.55 -31.05
N LEU A 320 13.36 -14.09 -29.86
CA LEU A 320 13.25 -15.53 -29.71
C LEU A 320 12.07 -16.08 -30.49
N VAL A 321 10.87 -15.53 -30.24
CA VAL A 321 9.66 -15.98 -30.93
C VAL A 321 9.85 -15.92 -32.44
N LEU A 322 10.35 -14.79 -32.95
CA LEU A 322 10.49 -14.63 -34.39
C LEU A 322 11.51 -15.58 -34.97
N SER A 323 12.49 -16.03 -34.19
CA SER A 323 13.42 -17.01 -34.74
C SER A 323 12.90 -18.43 -34.62
N GLY A 324 11.58 -18.62 -34.45
CA GLY A 324 10.99 -19.94 -34.38
C GLY A 324 11.28 -20.74 -33.13
N GLU A 325 12.23 -20.30 -32.30
CA GLU A 325 12.63 -21.05 -31.11
C GLU A 325 11.47 -21.23 -30.15
N TYR A 326 10.96 -20.12 -29.61
CA TYR A 326 9.92 -20.14 -28.61
C TYR A 326 8.55 -19.95 -29.24
N SER A 327 7.52 -20.05 -28.41
CA SER A 327 6.17 -19.65 -28.76
C SER A 327 5.85 -18.37 -28.01
N ILE A 328 4.61 -17.90 -28.10
CA ILE A 328 4.24 -16.76 -27.24
C ILE A 328 3.75 -17.25 -25.89
N GLY A 329 3.23 -18.46 -25.81
CA GLY A 329 2.91 -19.03 -24.52
C GLY A 329 4.16 -19.31 -23.71
N GLN A 330 5.20 -19.78 -24.39
CA GLN A 330 6.50 -20.11 -23.74
C GLN A 330 7.10 -18.83 -23.14
N VAL A 331 6.95 -17.69 -23.83
CA VAL A 331 7.49 -16.43 -23.35
C VAL A 331 6.65 -15.89 -22.21
N LEU A 332 5.32 -15.95 -22.33
CA LEU A 332 4.49 -15.42 -21.26
C LEU A 332 4.67 -16.22 -19.98
N THR A 333 4.77 -17.55 -20.09
CA THR A 333 4.97 -18.38 -18.91
C THR A 333 6.31 -18.09 -18.25
N VAL A 334 7.41 -18.20 -19.01
CA VAL A 334 8.72 -18.02 -18.41
C VAL A 334 8.85 -16.62 -17.81
N PHE A 335 8.45 -15.60 -18.55
CA PHE A 335 8.65 -14.24 -18.07
C PHE A 335 7.80 -13.98 -16.84
N PHE A 336 6.50 -14.31 -16.89
CA PHE A 336 5.64 -14.01 -15.75
C PHE A 336 6.07 -14.80 -14.52
N SER A 337 6.43 -16.07 -14.68
CA SER A 337 6.77 -16.88 -13.53
C SER A 337 8.08 -16.42 -12.89
N VAL A 338 9.11 -16.15 -13.70
CA VAL A 338 10.37 -15.73 -13.10
C VAL A 338 10.24 -14.36 -12.46
N LEU A 339 9.45 -13.47 -13.05
CA LEU A 339 9.26 -12.17 -12.42
C LEU A 339 8.53 -12.29 -11.09
N ILE A 340 7.49 -13.12 -11.05
CA ILE A 340 6.76 -13.33 -9.81
C ILE A 340 7.68 -13.90 -8.74
N GLY A 341 8.51 -14.87 -9.12
CA GLY A 341 9.50 -15.39 -8.18
C GLY A 341 10.44 -14.31 -7.65
N ALA A 342 10.95 -13.48 -8.54
CA ALA A 342 11.95 -12.50 -8.14
C ALA A 342 11.38 -11.38 -7.27
N PHE A 343 10.09 -11.09 -7.37
CA PHE A 343 9.52 -10.15 -6.41
C PHE A 343 9.06 -10.82 -5.11
N SER A 344 8.60 -12.06 -5.19
CA SER A 344 8.14 -12.73 -3.99
C SER A 344 9.30 -13.22 -3.15
N VAL A 345 10.53 -13.06 -3.63
CA VAL A 345 11.66 -13.20 -2.70
C VAL A 345 11.99 -11.89 -2.01
N GLY A 346 11.39 -10.79 -2.44
CA GLY A 346 11.58 -9.55 -1.74
C GLY A 346 10.50 -9.36 -0.71
N GLN A 347 9.33 -9.92 -1.00
CA GLN A 347 8.27 -9.94 0.01
C GLN A 347 8.70 -10.59 1.32
N ALA A 348 9.82 -11.33 1.33
CA ALA A 348 10.24 -12.12 2.48
C ALA A 348 11.33 -11.47 3.30
N SER A 349 11.48 -10.14 3.23
CA SER A 349 12.41 -9.43 4.10
C SER A 349 11.84 -9.07 5.48
N PRO A 350 10.61 -8.57 5.61
CA PRO A 350 10.12 -8.20 6.94
C PRO A 350 9.93 -9.38 7.88
N SER A 351 9.90 -10.61 7.39
CA SER A 351 9.76 -11.75 8.29
C SER A 351 11.01 -11.93 9.14
N ILE A 352 12.19 -11.81 8.52
CA ILE A 352 13.43 -11.95 9.28
C ILE A 352 13.59 -10.79 10.25
N GLU A 353 13.13 -9.61 9.83
CA GLU A 353 13.20 -8.38 10.65
C GLU A 353 12.33 -8.54 11.91
N ALA A 354 11.10 -9.05 11.75
CA ALA A 354 10.21 -9.23 12.88
C ALA A 354 10.63 -10.41 13.75
N PHE A 355 11.25 -11.44 13.17
CA PHE A 355 11.77 -12.53 13.99
C PHE A 355 12.93 -12.06 14.85
N ALA A 356 13.84 -11.28 14.29
CA ALA A 356 14.95 -10.75 15.07
C ALA A 356 14.42 -9.91 16.24
N ASN A 357 13.44 -9.06 15.98
CA ASN A 357 12.82 -8.29 17.06
C ASN A 357 12.21 -9.22 18.10
N ALA A 358 11.51 -10.25 17.65
CA ALA A 358 10.85 -11.18 18.55
C ALA A 358 11.83 -11.76 19.55
N ARG A 359 12.91 -12.35 19.06
CA ARG A 359 13.85 -12.95 19.99
C ARG A 359 14.60 -11.90 20.80
N GLY A 360 14.86 -10.73 20.22
CA GLY A 360 15.51 -9.67 20.97
C GLY A 360 14.72 -9.16 22.16
N ALA A 361 13.40 -9.34 22.16
CA ALA A 361 12.60 -9.04 23.34
C ALA A 361 12.35 -10.24 24.23
N ALA A 362 12.18 -11.42 23.64
CA ALA A 362 12.00 -12.62 24.42
C ALA A 362 13.20 -12.86 25.32
N TYR A 363 14.38 -12.40 24.93
CA TYR A 363 15.52 -12.52 25.84
C TYR A 363 15.22 -11.92 27.21
N GLU A 364 14.85 -10.64 27.22
CA GLU A 364 14.66 -9.96 28.49
C GLU A 364 13.47 -10.53 29.25
N ILE A 365 12.38 -10.85 28.55
CA ILE A 365 11.26 -11.47 29.24
C ILE A 365 11.70 -12.77 29.92
N PHE A 366 12.36 -13.65 29.17
CA PHE A 366 12.79 -14.92 29.73
C PHE A 366 13.75 -14.73 30.89
N LYS A 367 14.55 -13.67 30.86
CA LYS A 367 15.48 -13.49 31.97
C LYS A 367 14.77 -12.96 33.21
N ILE A 368 13.61 -12.30 33.04
CA ILE A 368 12.80 -12.04 34.23
C ILE A 368 12.18 -13.32 34.75
N ILE A 369 11.61 -14.14 33.86
CA ILE A 369 10.88 -15.32 34.33
C ILE A 369 11.83 -16.31 34.99
N ASP A 370 13.08 -16.36 34.58
CA ASP A 370 14.04 -17.25 35.23
C ASP A 370 14.47 -16.73 36.60
N ASN A 371 14.39 -15.42 36.84
CA ASN A 371 14.98 -14.82 38.01
C ASN A 371 14.26 -15.30 39.26
N LYS A 372 14.90 -16.25 39.97
CA LYS A 372 14.34 -16.81 41.22
C LYS A 372 14.94 -16.04 42.41
N PRO A 373 14.15 -15.21 43.14
CA PRO A 373 14.67 -14.45 44.28
C PRO A 373 15.09 -15.37 45.43
N SER A 374 16.09 -14.94 46.21
CA SER A 374 16.59 -15.73 47.36
C SER A 374 15.45 -15.92 48.37
N ILE A 375 14.67 -14.87 48.61
CA ILE A 375 13.50 -14.95 49.54
C ILE A 375 12.23 -14.89 48.69
N ASP A 376 11.35 -15.89 48.84
CA ASP A 376 10.09 -15.94 48.05
C ASP A 376 9.07 -16.84 48.78
N SER A 377 7.92 -17.09 48.15
CA SER A 377 6.88 -17.91 48.76
C SER A 377 6.39 -19.03 47.84
N TYR A 378 7.02 -19.21 46.68
CA TYR A 378 6.74 -20.36 45.84
C TYR A 378 7.87 -21.38 45.89
N SER A 379 8.64 -21.38 46.98
CA SER A 379 9.61 -22.41 47.27
C SER A 379 9.07 -23.44 48.25
N LYS A 380 8.17 -23.02 49.14
CA LYS A 380 7.46 -23.86 50.09
C LYS A 380 8.40 -24.69 50.96
N SER A 381 9.64 -24.24 51.16
CA SER A 381 10.60 -25.02 51.93
C SER A 381 10.62 -24.61 53.40
N GLY A 382 10.33 -23.35 53.70
CA GLY A 382 10.38 -22.87 55.07
C GLY A 382 9.42 -23.61 55.97
N HIS A 383 9.92 -24.05 57.12
CA HIS A 383 9.10 -24.74 58.12
C HIS A 383 7.91 -23.89 58.54
N LYS A 384 6.81 -24.55 58.86
CA LYS A 384 5.63 -23.83 59.31
C LYS A 384 5.47 -23.98 60.82
N PRO A 385 5.75 -22.94 61.59
CA PRO A 385 5.57 -23.03 63.05
C PRO A 385 4.10 -22.99 63.42
N ASP A 386 3.79 -23.60 64.56
CA ASP A 386 2.42 -23.71 65.06
C ASP A 386 2.24 -23.17 66.48
N ASN A 387 3.28 -23.25 67.30
CA ASN A 387 3.24 -22.71 68.65
C ASN A 387 3.63 -21.24 68.56
N ILE A 388 2.64 -20.36 68.44
CA ILE A 388 2.89 -18.93 68.33
C ILE A 388 2.55 -18.21 69.64
N LYS A 389 3.53 -17.50 70.18
CA LYS A 389 3.35 -16.77 71.42
C LYS A 389 3.67 -15.28 71.24
N GLY A 390 4.54 -14.99 70.28
CA GLY A 390 4.94 -13.62 70.02
C GLY A 390 6.19 -13.22 70.77
N ASN A 391 7.36 -13.53 70.20
CA ASN A 391 8.63 -13.20 70.83
C ASN A 391 9.53 -12.39 69.90
N LEU A 392 9.42 -11.07 69.99
CA LEU A 392 10.24 -10.18 69.17
C LEU A 392 11.63 -10.02 69.76
N GLU A 393 12.65 -10.45 69.01
CA GLU A 393 14.02 -10.36 69.47
C GLU A 393 14.91 -9.69 68.43
N PHE A 394 15.42 -8.50 68.76
CA PHE A 394 16.29 -7.76 67.87
C PHE A 394 17.67 -7.66 68.49
N ARG A 395 18.66 -8.27 67.85
CA ARG A 395 20.03 -8.24 68.34
C ARG A 395 20.97 -7.84 67.22
N ASN A 396 21.49 -6.61 67.31
CA ASN A 396 22.47 -6.10 66.35
C ASN A 396 21.94 -6.17 64.92
N VAL A 397 20.89 -5.39 64.65
CA VAL A 397 20.25 -5.39 63.34
C VAL A 397 20.67 -4.11 62.62
N HIS A 398 21.41 -4.26 61.53
CA HIS A 398 21.86 -3.15 60.70
C HIS A 398 21.09 -3.18 59.39
N PHE A 399 21.16 -2.08 58.64
CA PHE A 399 20.48 -2.02 57.35
C PHE A 399 21.13 -0.93 56.49
N SER A 400 21.35 -1.26 55.21
CA SER A 400 21.64 -0.29 54.18
C SER A 400 20.65 -0.48 53.04
N TYR A 401 20.11 0.63 52.56
CA TYR A 401 19.02 0.60 51.58
C TYR A 401 19.43 -0.17 50.32
N PRO A 402 18.66 -1.17 49.89
CA PRO A 402 18.88 -1.72 48.54
C PRO A 402 18.76 -0.68 47.44
N SER A 403 17.95 0.36 47.66
CA SER A 403 17.90 1.47 46.71
C SER A 403 19.22 2.24 46.70
N ARG A 404 19.78 2.51 47.88
CA ARG A 404 21.03 3.26 48.00
C ARG A 404 21.87 2.61 49.11
N LYS A 405 22.91 1.89 48.70
CA LYS A 405 23.77 1.22 49.67
C LYS A 405 24.77 2.18 50.30
N GLU A 406 24.99 3.34 49.70
CA GLU A 406 26.00 4.28 50.19
C GLU A 406 25.71 4.77 51.60
N VAL A 407 24.44 4.84 52.01
CA VAL A 407 24.06 5.39 53.31
C VAL A 407 23.29 4.34 54.08
N LYS A 408 23.76 4.05 55.29
CA LYS A 408 23.06 3.19 56.24
C LYS A 408 22.33 4.11 57.22
N ILE A 409 21.03 4.30 57.00
CA ILE A 409 20.26 5.20 57.85
C ILE A 409 20.09 4.62 59.25
N LEU A 410 20.40 3.33 59.44
CA LEU A 410 20.26 2.66 60.72
C LEU A 410 21.60 2.03 61.09
N LYS A 411 21.95 2.08 62.37
CA LYS A 411 23.27 1.66 62.85
C LYS A 411 23.14 0.77 64.08
N GLY A 412 22.29 -0.24 64.02
CA GLY A 412 22.25 -1.26 65.06
C GLY A 412 21.21 -1.02 66.13
N LEU A 413 20.38 -2.03 66.40
CA LEU A 413 19.33 -1.96 67.40
C LEU A 413 19.21 -3.31 68.11
N ASN A 414 18.60 -3.30 69.30
CA ASN A 414 18.45 -4.49 70.13
C ASN A 414 17.29 -4.26 71.09
N LEU A 415 16.24 -5.06 70.96
CA LEU A 415 15.03 -4.89 71.77
C LEU A 415 14.35 -6.23 71.93
N LYS A 416 13.44 -6.32 72.90
CA LYS A 416 12.68 -7.54 73.16
C LYS A 416 11.28 -7.16 73.61
N VAL A 417 10.27 -7.75 72.97
CA VAL A 417 8.87 -7.45 73.26
C VAL A 417 8.11 -8.77 73.38
N GLN A 418 7.51 -9.00 74.55
CA GLN A 418 6.72 -10.22 74.75
C GLN A 418 5.31 -10.03 74.18
N SER A 419 4.46 -11.03 74.37
CA SER A 419 3.07 -10.91 73.96
C SER A 419 2.33 -9.93 74.87
N GLY A 420 1.45 -9.13 74.26
CA GLY A 420 0.74 -8.11 74.99
C GLY A 420 1.54 -6.87 75.30
N GLN A 421 2.87 -6.96 75.32
CA GLN A 421 3.72 -5.82 75.61
C GLN A 421 3.62 -4.77 74.51
N THR A 422 3.20 -3.56 74.87
CA THR A 422 3.03 -2.50 73.89
C THR A 422 4.13 -1.46 74.06
N VAL A 423 4.75 -1.06 72.95
CA VAL A 423 5.84 -0.09 72.96
C VAL A 423 5.49 1.00 71.96
N ALA A 424 5.57 2.24 72.41
CA ALA A 424 5.44 3.41 71.54
C ALA A 424 6.83 3.83 71.07
N LEU A 425 6.87 4.59 69.98
CA LEU A 425 8.13 4.91 69.32
C LEU A 425 8.06 6.36 68.84
N VAL A 426 8.97 7.21 69.33
CA VAL A 426 8.93 8.64 69.07
C VAL A 426 10.23 9.07 68.39
N GLY A 427 10.08 9.92 67.37
CA GLY A 427 11.19 10.41 66.57
C GLY A 427 10.72 11.28 65.43
N ASN A 428 11.64 11.79 64.62
CA ASN A 428 11.30 12.66 63.51
C ASN A 428 10.75 11.85 62.34
N SER A 429 9.97 12.47 61.45
CA SER A 429 9.39 11.77 60.30
C SER A 429 10.48 11.40 59.29
N GLY A 430 10.83 10.11 59.25
CA GLY A 430 11.85 9.63 58.34
C GLY A 430 13.08 9.14 59.07
N CYS A 431 12.89 8.62 60.28
CA CYS A 431 13.98 8.11 61.09
C CYS A 431 14.09 6.60 60.98
N GLY A 432 13.47 6.03 59.95
CA GLY A 432 13.49 4.60 59.74
C GLY A 432 12.40 3.87 60.51
N LYS A 433 11.37 4.61 60.89
CA LYS A 433 10.25 4.03 61.63
C LYS A 433 9.42 3.12 60.75
N SER A 434 9.00 3.63 59.60
CA SER A 434 8.20 2.86 58.66
C SER A 434 8.99 1.69 58.10
N THR A 435 10.19 1.98 57.61
CA THR A 435 11.06 0.95 57.04
C THR A 435 11.40 -0.13 58.07
N THR A 436 11.49 0.26 59.35
CA THR A 436 11.73 -0.73 60.38
C THR A 436 10.49 -1.59 60.63
N VAL A 437 9.31 -0.98 60.59
CA VAL A 437 8.07 -1.76 60.68
C VAL A 437 7.98 -2.73 59.52
N GLN A 438 8.44 -2.31 58.33
CA GLN A 438 8.58 -3.23 57.21
C GLN A 438 9.52 -4.38 57.56
N LEU A 439 10.77 -4.05 57.92
CA LEU A 439 11.78 -5.07 58.18
C LEU A 439 11.34 -6.04 59.27
N MET A 440 10.39 -5.64 60.11
CA MET A 440 9.80 -6.59 61.06
C MET A 440 9.22 -7.80 60.34
N GLN A 441 8.37 -7.57 59.34
CA GLN A 441 7.66 -8.62 58.62
C GLN A 441 8.55 -9.37 57.63
N ARG A 442 9.86 -9.17 57.68
CA ARG A 442 10.81 -9.69 56.71
C ARG A 442 10.56 -9.10 55.32
N LEU A 443 10.05 -7.87 55.29
CA LEU A 443 10.04 -7.13 54.03
C LEU A 443 11.45 -6.83 53.54
N TYR A 444 12.43 -6.84 54.44
CA TYR A 444 13.84 -6.80 54.08
C TYR A 444 14.58 -7.69 55.08
N ASP A 445 15.90 -7.79 54.92
CA ASP A 445 16.71 -8.57 55.83
C ASP A 445 17.84 -7.68 56.34
N PRO A 446 18.31 -7.87 57.58
CA PRO A 446 19.41 -7.05 58.08
C PRO A 446 20.69 -7.27 57.29
N THR A 447 21.54 -6.24 57.28
CA THR A 447 22.84 -6.35 56.63
C THR A 447 23.85 -7.00 57.58
N GLU A 448 23.74 -6.72 58.87
CA GLU A 448 24.48 -7.44 59.90
C GLU A 448 23.50 -7.84 60.99
N GLY A 449 23.52 -9.11 61.35
CA GLY A 449 22.72 -9.60 62.46
C GLY A 449 21.57 -10.48 62.02
N MET A 450 20.51 -10.45 62.83
CA MET A 450 19.33 -11.27 62.61
C MET A 450 18.19 -10.81 63.50
N VAL A 451 16.96 -11.07 63.07
CA VAL A 451 15.75 -10.83 63.85
C VAL A 451 15.10 -12.17 64.13
N SER A 452 14.61 -12.35 65.36
CA SER A 452 13.99 -13.61 65.75
C SER A 452 12.65 -13.36 66.42
N VAL A 453 11.83 -14.41 66.49
CA VAL A 453 10.51 -14.34 67.10
C VAL A 453 10.22 -15.70 67.74
N ASP A 454 9.82 -15.68 69.01
CA ASP A 454 9.44 -16.86 69.77
C ASP A 454 10.60 -17.86 69.84
N GLY A 455 11.76 -17.33 70.21
CA GLY A 455 12.95 -18.15 70.37
C GLY A 455 13.77 -18.30 69.11
N GLN A 456 13.20 -18.96 68.10
CA GLN A 456 13.92 -19.18 66.85
C GLN A 456 13.81 -17.96 65.95
N ASP A 457 14.64 -17.95 64.91
CA ASP A 457 14.63 -16.85 63.96
C ASP A 457 13.83 -17.22 62.71
N ILE A 458 13.44 -16.19 61.95
CA ILE A 458 12.58 -16.38 60.80
C ILE A 458 13.35 -16.74 59.54
N ARG A 459 14.67 -16.90 59.64
CA ARG A 459 15.51 -17.09 58.46
C ARG A 459 15.39 -18.49 57.87
N THR A 460 14.62 -19.39 58.48
CA THR A 460 14.52 -20.77 58.01
C THR A 460 13.07 -21.24 57.89
N ILE A 461 12.11 -20.50 58.42
CA ILE A 461 10.73 -20.94 58.48
C ILE A 461 9.91 -20.24 57.40
N ASN A 462 8.68 -20.71 57.24
CA ASN A 462 7.79 -20.17 56.23
C ASN A 462 7.36 -18.75 56.58
N VAL A 463 7.22 -17.92 55.54
CA VAL A 463 6.86 -16.53 55.73
C VAL A 463 5.36 -16.32 55.60
N ARG A 464 4.68 -17.14 54.80
CA ARG A 464 3.26 -16.94 54.54
C ARG A 464 2.46 -16.99 55.85
N PHE A 465 2.64 -18.05 56.63
CA PHE A 465 2.03 -18.11 57.95
C PHE A 465 2.48 -16.93 58.81
N LEU A 466 3.76 -16.57 58.70
CA LEU A 466 4.28 -15.40 59.41
C LEU A 466 3.61 -14.11 58.95
N ARG A 467 3.71 -13.77 57.66
CA ARG A 467 3.14 -12.52 57.16
C ARG A 467 1.63 -12.50 57.21
N GLU A 468 0.98 -13.61 57.59
CA GLU A 468 -0.46 -13.63 57.78
C GLU A 468 -0.89 -13.30 59.20
N ILE A 469 -0.27 -13.93 60.20
CA ILE A 469 -0.70 -13.85 61.60
C ILE A 469 -0.40 -12.48 62.19
N ILE A 470 0.21 -11.60 61.42
CA ILE A 470 0.69 -10.30 61.91
C ILE A 470 -0.14 -9.22 61.24
N GLY A 471 -0.65 -8.28 62.04
CA GLY A 471 -1.35 -7.14 61.50
C GLY A 471 -0.49 -5.89 61.55
N VAL A 472 -0.47 -5.11 60.47
CA VAL A 472 0.34 -3.90 60.41
C VAL A 472 -0.42 -2.84 59.62
N VAL A 473 -0.78 -1.75 60.29
CA VAL A 473 -1.34 -0.58 59.65
C VAL A 473 -0.21 0.43 59.46
N SER A 474 0.13 0.71 58.20
CA SER A 474 1.31 1.48 57.87
C SER A 474 1.05 2.97 58.10
N GLN A 475 1.98 3.80 57.64
CA GLN A 475 1.79 5.25 57.72
C GLN A 475 0.53 5.67 56.97
N GLU A 476 0.49 5.43 55.66
CA GLU A 476 -0.70 5.66 54.87
C GLU A 476 -1.17 4.33 54.28
N PRO A 477 -2.14 3.67 54.90
CA PRO A 477 -2.76 2.50 54.26
C PRO A 477 -3.68 2.93 53.13
N VAL A 478 -3.62 2.16 52.04
CA VAL A 478 -4.41 2.46 50.85
C VAL A 478 -5.34 1.29 50.58
N LEU A 479 -6.35 1.54 49.76
CA LEU A 479 -7.36 0.54 49.42
C LEU A 479 -7.69 0.64 47.94
N PHE A 480 -8.04 -0.50 47.34
CA PHE A 480 -8.13 -0.59 45.89
C PHE A 480 -9.58 -0.53 45.44
N ALA A 481 -9.79 -0.71 44.14
CA ALA A 481 -11.10 -0.61 43.52
C ALA A 481 -11.92 -1.88 43.76
N THR A 482 -12.29 -2.08 45.03
CA THR A 482 -13.03 -3.27 45.44
C THR A 482 -14.25 -2.86 46.27
N THR A 483 -14.92 -3.87 46.83
CA THR A 483 -16.12 -3.64 47.63
C THR A 483 -15.80 -3.75 49.11
N ILE A 484 -16.53 -2.98 49.93
CA ILE A 484 -16.19 -2.87 51.35
C ILE A 484 -16.21 -4.24 52.02
N ALA A 485 -17.15 -5.11 51.62
CA ALA A 485 -17.09 -6.49 52.07
C ALA A 485 -15.72 -7.09 51.76
N GLU A 486 -15.32 -7.04 50.50
CA GLU A 486 -13.99 -7.50 50.08
C GLU A 486 -12.87 -6.61 50.61
N ASN A 487 -13.11 -5.30 50.76
CA ASN A 487 -12.10 -4.42 51.36
C ASN A 487 -11.65 -4.96 52.72
N ILE A 488 -12.61 -5.30 53.58
CA ILE A 488 -12.26 -5.93 54.85
C ILE A 488 -11.76 -7.35 54.64
N ARG A 489 -12.42 -8.09 53.74
CA ARG A 489 -12.12 -9.49 53.47
C ARG A 489 -10.74 -9.72 52.87
N TYR A 490 -10.01 -8.66 52.54
CA TYR A 490 -8.67 -8.78 51.96
C TYR A 490 -7.71 -9.64 52.77
N GLY A 491 -7.83 -9.66 54.10
CA GLY A 491 -6.87 -10.39 54.92
C GLY A 491 -6.75 -11.87 54.58
N ARG A 492 -7.87 -12.55 54.46
CA ARG A 492 -7.89 -13.99 54.21
C ARG A 492 -9.15 -14.30 53.40
N GLU A 493 -9.56 -15.57 53.39
CA GLU A 493 -10.66 -15.97 52.53
C GLU A 493 -11.98 -16.08 53.28
N ASN A 494 -12.04 -16.89 54.33
CA ASN A 494 -13.28 -17.16 55.03
C ASN A 494 -13.56 -16.04 56.01
N VAL A 495 -13.96 -14.88 55.49
CA VAL A 495 -14.40 -13.74 56.29
C VAL A 495 -15.84 -13.46 55.93
N THR A 496 -16.75 -13.81 56.83
CA THR A 496 -18.19 -13.84 56.55
C THR A 496 -18.76 -12.43 56.72
N MET A 497 -19.95 -12.18 56.16
CA MET A 497 -20.71 -10.96 56.42
C MET A 497 -20.92 -10.72 57.91
N ASP A 498 -21.05 -11.79 58.70
CA ASP A 498 -21.03 -11.64 60.15
C ASP A 498 -19.74 -10.96 60.61
N GLU A 499 -18.60 -11.43 60.12
CA GLU A 499 -17.33 -10.81 60.48
C GLU A 499 -17.25 -9.38 59.97
N ILE A 500 -17.83 -9.13 58.80
CA ILE A 500 -17.82 -7.78 58.22
C ILE A 500 -18.56 -6.81 59.13
N GLU A 501 -19.80 -7.14 59.50
CA GLU A 501 -20.57 -6.30 60.40
C GLU A 501 -19.89 -6.21 61.76
N LYS A 502 -19.27 -7.30 62.21
CA LYS A 502 -18.57 -7.27 63.49
C LYS A 502 -17.45 -6.25 63.48
N ALA A 503 -16.63 -6.27 62.43
CA ALA A 503 -15.53 -5.32 62.33
C ALA A 503 -16.02 -3.88 62.21
N VAL A 504 -17.10 -3.66 61.47
CA VAL A 504 -17.59 -2.29 61.35
C VAL A 504 -18.17 -1.80 62.66
N LYS A 505 -18.67 -2.71 63.52
CA LYS A 505 -18.93 -2.32 64.90
C LYS A 505 -17.64 -2.01 65.64
N GLU A 506 -16.64 -2.88 65.53
CA GLU A 506 -15.42 -2.73 66.32
C GLU A 506 -14.73 -1.41 66.07
N ALA A 507 -14.61 -1.00 64.82
CA ALA A 507 -13.85 0.21 64.49
C ALA A 507 -14.73 1.43 64.32
N ASN A 508 -15.97 1.42 64.84
CA ASN A 508 -16.92 2.52 64.65
C ASN A 508 -17.18 2.77 63.17
N ALA A 509 -16.90 1.76 62.34
CA ALA A 509 -17.05 1.85 60.90
C ALA A 509 -18.43 1.36 60.46
N TYR A 510 -19.38 1.33 61.39
CA TYR A 510 -20.74 0.91 61.09
C TYR A 510 -21.65 2.10 60.76
N ASP A 511 -21.18 3.33 60.96
CA ASP A 511 -22.04 4.49 60.81
C ASP A 511 -22.32 4.78 59.34
N PHE A 512 -21.29 4.79 58.50
CA PHE A 512 -21.50 5.12 57.10
C PHE A 512 -22.34 4.06 56.40
N ILE A 513 -22.47 2.88 56.99
CA ILE A 513 -23.50 1.93 56.54
C ILE A 513 -24.89 2.55 56.70
N MET A 514 -25.19 3.09 57.87
CA MET A 514 -26.53 3.58 58.14
C MET A 514 -26.80 4.90 57.43
N LYS A 515 -25.78 5.76 57.31
CA LYS A 515 -26.01 7.07 56.71
C LYS A 515 -25.86 7.01 55.19
N LEU A 516 -24.99 6.13 54.69
CA LEU A 516 -24.82 6.08 53.23
C LEU A 516 -25.41 4.79 52.68
N PRO A 517 -26.25 4.89 51.64
CA PRO A 517 -26.91 3.69 51.10
C PRO A 517 -25.93 2.79 50.35
N HIS A 518 -26.49 1.74 49.74
CA HIS A 518 -25.70 0.61 49.26
C HIS A 518 -24.77 0.17 50.38
N LYS A 519 -25.37 -0.34 51.44
CA LYS A 519 -24.70 -0.44 52.74
C LYS A 519 -23.55 -1.42 52.74
N PHE A 520 -23.55 -2.40 51.83
CA PHE A 520 -22.51 -3.43 51.83
C PHE A 520 -21.90 -3.59 50.44
N ASP A 521 -22.34 -2.78 49.48
CA ASP A 521 -21.85 -2.94 48.11
C ASP A 521 -21.52 -1.60 47.45
N THR A 522 -21.22 -0.56 48.23
CA THR A 522 -20.81 0.71 47.65
C THR A 522 -19.37 0.59 47.14
N LEU A 523 -19.14 1.07 45.92
CA LEU A 523 -17.82 1.00 45.29
C LEU A 523 -17.00 2.19 45.76
N VAL A 524 -16.04 1.93 46.66
CA VAL A 524 -15.14 2.97 47.11
C VAL A 524 -14.35 3.50 45.91
N GLY A 525 -13.99 4.78 45.99
CA GLY A 525 -13.18 5.39 44.96
C GLY A 525 -11.80 4.73 44.85
N GLU A 526 -11.06 5.18 43.84
CA GLU A 526 -9.71 4.67 43.59
C GLU A 526 -8.75 5.26 44.62
N ARG A 527 -7.98 4.38 45.27
CA ARG A 527 -7.02 4.75 46.31
C ARG A 527 -7.74 5.26 47.57
N GLY A 528 -9.03 4.99 47.67
CA GLY A 528 -9.81 5.54 48.77
C GLY A 528 -10.14 7.00 48.58
N ALA A 529 -10.96 7.33 47.59
CA ALA A 529 -11.27 8.72 47.26
C ALA A 529 -12.66 9.13 47.74
N GLN A 530 -13.68 8.32 47.45
CA GLN A 530 -15.05 8.69 47.77
C GLN A 530 -15.29 8.74 49.28
N LEU A 531 -14.36 8.22 50.06
CA LEU A 531 -14.47 8.19 51.51
C LEU A 531 -13.86 9.46 52.10
N SER A 532 -13.79 9.49 53.43
CA SER A 532 -13.08 10.53 54.16
C SER A 532 -12.02 9.89 55.06
N GLY A 533 -11.19 10.73 55.69
CA GLY A 533 -10.12 10.21 56.52
C GLY A 533 -10.62 9.30 57.64
N GLY A 534 -11.76 9.66 58.25
CA GLY A 534 -12.32 8.83 59.29
C GLY A 534 -12.73 7.46 58.78
N GLN A 535 -13.50 7.42 57.69
CA GLN A 535 -13.90 6.14 57.11
C GLN A 535 -12.69 5.30 56.73
N LYS A 536 -11.70 5.93 56.09
CA LYS A 536 -10.49 5.23 55.68
C LYS A 536 -9.80 4.60 56.87
N GLN A 537 -9.52 5.38 57.90
CA GLN A 537 -8.80 4.88 59.06
C GLN A 537 -9.58 3.79 59.79
N ARG A 538 -10.91 3.95 59.86
CA ARG A 538 -11.72 2.99 60.60
C ARG A 538 -11.82 1.66 59.87
N ILE A 539 -12.08 1.68 58.56
CA ILE A 539 -12.06 0.43 57.81
C ILE A 539 -10.66 -0.17 57.83
N ALA A 540 -9.62 0.67 57.88
CA ALA A 540 -8.25 0.17 57.98
C ALA A 540 -8.04 -0.64 59.25
N ILE A 541 -8.40 -0.07 60.40
CA ILE A 541 -8.17 -0.78 61.66
C ILE A 541 -9.05 -2.02 61.75
N ALA A 542 -10.30 -1.92 61.28
CA ALA A 542 -11.16 -3.10 61.31
C ALA A 542 -10.60 -4.23 60.45
N ARG A 543 -10.17 -3.86 59.23
CA ARG A 543 -9.57 -4.85 58.28
C ARG A 543 -8.33 -5.46 58.93
N ALA A 544 -7.48 -4.63 59.54
CA ALA A 544 -6.28 -5.13 60.20
C ALA A 544 -6.62 -5.97 61.41
N LEU A 545 -7.86 -5.89 61.89
CA LEU A 545 -8.30 -6.73 62.99
C LEU A 545 -8.84 -8.07 62.51
N VAL A 546 -9.52 -8.10 61.36
CA VAL A 546 -10.20 -9.33 60.93
C VAL A 546 -9.21 -10.39 60.49
N ARG A 547 -7.96 -10.02 60.22
CA ARG A 547 -6.97 -11.00 59.77
C ARG A 547 -6.48 -11.90 60.89
N ASN A 548 -7.12 -11.89 62.07
CA ASN A 548 -6.70 -12.61 63.27
C ASN A 548 -5.24 -12.32 63.56
N PRO A 549 -4.89 -11.08 63.89
CA PRO A 549 -3.48 -10.74 64.06
C PRO A 549 -2.89 -11.32 65.33
N LYS A 550 -1.57 -11.29 65.41
CA LYS A 550 -0.85 -11.69 66.61
C LYS A 550 0.14 -10.63 67.06
N ILE A 551 0.76 -9.92 66.12
CA ILE A 551 1.63 -8.79 66.40
C ILE A 551 1.16 -7.64 65.53
N LEU A 552 0.75 -6.55 66.16
CA LEU A 552 0.11 -5.44 65.47
C LEU A 552 1.00 -4.21 65.52
N LEU A 553 1.42 -3.75 64.35
CA LEU A 553 2.38 -2.64 64.25
C LEU A 553 1.68 -1.48 63.55
N LEU A 554 1.66 -0.33 64.21
CA LEU A 554 1.00 0.86 63.68
C LEU A 554 2.02 1.95 63.38
N ASP A 555 1.76 2.70 62.30
CA ASP A 555 2.60 3.82 61.90
C ASP A 555 1.72 5.07 61.79
N GLU A 556 2.09 6.13 62.51
CA GLU A 556 1.35 7.39 62.60
C GLU A 556 -0.16 7.15 62.69
N ALA A 557 -0.55 6.45 63.75
CA ALA A 557 -1.90 5.91 63.83
C ALA A 557 -2.98 6.98 63.95
N THR A 558 -2.63 8.23 64.24
CA THR A 558 -3.63 9.27 64.47
C THR A 558 -3.23 10.57 63.78
N SER A 559 -2.86 10.49 62.51
CA SER A 559 -2.44 11.68 61.78
C SER A 559 -3.60 12.67 61.61
N ALA A 560 -4.75 12.18 61.14
CA ALA A 560 -5.86 13.04 60.75
C ALA A 560 -7.14 12.74 61.53
N LEU A 561 -7.06 11.84 62.50
CA LEU A 561 -8.24 11.43 63.25
C LEU A 561 -8.74 12.54 64.16
N ASP A 562 -10.06 12.67 64.22
CA ASP A 562 -10.73 13.74 64.96
C ASP A 562 -10.59 13.52 66.46
N THR A 563 -11.21 14.38 67.25
CA THR A 563 -11.15 14.22 68.71
C THR A 563 -11.74 12.89 69.13
N GLU A 564 -13.03 12.68 68.89
CA GLU A 564 -13.67 11.43 69.27
C GLU A 564 -13.13 10.27 68.43
N SER A 565 -12.87 10.53 67.14
CA SER A 565 -12.43 9.47 66.24
C SER A 565 -11.10 8.88 66.67
N GLU A 566 -10.14 9.74 67.04
CA GLU A 566 -8.84 9.24 67.49
C GLU A 566 -8.98 8.38 68.73
N ALA A 567 -9.82 8.81 69.69
CA ALA A 567 -10.01 8.05 70.92
C ALA A 567 -10.64 6.69 70.63
N VAL A 568 -11.67 6.67 69.76
CA VAL A 568 -12.37 5.40 69.52
C VAL A 568 -11.49 4.45 68.71
N VAL A 569 -10.71 4.99 67.75
CA VAL A 569 -9.74 4.16 67.04
C VAL A 569 -8.76 3.53 68.03
N GLN A 570 -8.18 4.37 68.91
CA GLN A 570 -7.22 3.82 69.86
C GLN A 570 -7.83 2.78 70.77
N VAL A 571 -9.05 3.01 71.27
CA VAL A 571 -9.61 2.05 72.22
C VAL A 571 -9.97 0.74 71.52
N ALA A 572 -10.60 0.84 70.34
CA ALA A 572 -10.85 -0.36 69.55
C ALA A 572 -9.58 -1.14 69.31
N LEU A 573 -8.45 -0.45 69.15
CA LEU A 573 -7.18 -1.14 69.03
C LEU A 573 -6.74 -1.76 70.35
N ASP A 574 -6.92 -1.04 71.46
CA ASP A 574 -6.45 -1.48 72.77
C ASP A 574 -7.17 -2.72 73.28
N LYS A 575 -8.47 -2.86 72.99
CA LYS A 575 -9.19 -4.06 73.44
C LYS A 575 -8.60 -5.33 72.84
N ALA A 576 -7.69 -5.18 71.87
CA ALA A 576 -6.97 -6.29 71.26
C ALA A 576 -5.47 -6.14 71.49
N ARG A 577 -5.08 -5.85 72.73
CA ARG A 577 -3.67 -5.70 73.09
C ARG A 577 -3.18 -6.70 74.13
N LYS A 578 -3.98 -7.72 74.46
CA LYS A 578 -3.61 -8.67 75.50
C LYS A 578 -3.24 -10.04 74.97
N GLY A 579 -3.96 -10.56 73.97
CA GLY A 579 -3.60 -11.83 73.37
C GLY A 579 -2.77 -11.64 72.12
N ARG A 580 -2.21 -10.44 71.96
CA ARG A 580 -1.48 -10.08 70.76
C ARG A 580 -0.55 -8.91 71.04
N THR A 581 0.72 -9.09 70.70
CA THR A 581 1.73 -8.04 70.86
C THR A 581 1.35 -6.82 70.02
N THR A 582 1.83 -5.65 70.44
CA THR A 582 1.56 -4.42 69.72
C THR A 582 2.76 -3.49 69.82
N ILE A 583 3.10 -2.85 68.71
CA ILE A 583 4.11 -1.80 68.66
C ILE A 583 3.53 -0.65 67.85
N VAL A 584 3.49 0.55 68.44
CA VAL A 584 2.76 1.67 67.86
C VAL A 584 3.74 2.80 67.56
N ILE A 585 3.40 3.60 66.55
CA ILE A 585 4.09 4.84 66.24
C ILE A 585 3.02 5.90 66.03
N ALA A 586 3.14 7.02 66.73
CA ALA A 586 2.21 8.12 66.55
C ALA A 586 2.94 9.44 66.81
N HIS A 587 2.40 10.52 66.25
CA HIS A 587 2.87 11.86 66.53
C HIS A 587 1.98 12.60 67.52
N ARG A 588 0.69 12.31 67.51
CA ARG A 588 -0.16 12.67 68.64
C ARG A 588 0.21 11.80 69.83
N LEU A 589 0.55 12.44 70.95
CA LEU A 589 0.97 11.70 72.14
C LEU A 589 -0.22 11.14 72.91
N SER A 590 -1.43 11.26 72.37
CA SER A 590 -2.59 10.63 72.98
C SER A 590 -2.60 9.12 72.77
N THR A 591 -2.18 8.68 71.59
CA THR A 591 -2.14 7.26 71.25
C THR A 591 -0.80 6.62 71.60
N VAL A 592 -0.04 7.23 72.50
CA VAL A 592 1.22 6.67 72.95
C VAL A 592 1.18 6.24 74.42
N ARG A 593 0.42 6.95 75.27
CA ARG A 593 0.47 6.77 76.71
C ARG A 593 0.20 5.34 77.16
N ASN A 594 -0.66 4.60 76.47
CA ASN A 594 -1.08 3.28 76.92
C ASN A 594 -0.05 2.19 76.65
N ALA A 595 1.11 2.54 76.09
CA ALA A 595 2.15 1.58 75.77
C ALA A 595 2.92 1.19 77.03
N ASP A 596 3.42 -0.05 77.04
CA ASP A 596 4.15 -0.55 78.20
C ASP A 596 5.53 0.07 78.28
N VAL A 597 6.15 0.33 77.13
CA VAL A 597 7.46 0.98 77.07
C VAL A 597 7.40 2.06 76.00
N ILE A 598 8.29 3.05 76.10
CA ILE A 598 8.36 4.15 75.14
C ILE A 598 9.80 4.28 74.67
N ALA A 599 10.00 4.31 73.36
CA ALA A 599 11.32 4.24 72.73
C ALA A 599 11.63 5.52 71.96
N GLY A 600 12.92 5.78 71.81
CA GLY A 600 13.40 6.98 71.15
C GLY A 600 14.31 6.72 69.96
N PHE A 601 13.87 7.21 68.80
CA PHE A 601 14.55 6.99 67.53
C PHE A 601 15.56 8.10 67.24
N ASP A 602 16.83 7.72 67.15
CA ASP A 602 17.89 8.62 66.71
C ASP A 602 18.79 7.85 65.76
N ASP A 603 18.91 8.37 64.53
CA ASP A 603 19.56 7.64 63.43
C ASP A 603 18.91 6.27 63.27
N GLY A 604 17.58 6.23 63.35
CA GLY A 604 16.84 4.99 63.29
C GLY A 604 17.13 4.01 64.40
N VAL A 605 17.96 4.38 65.38
CA VAL A 605 18.33 3.49 66.47
C VAL A 605 17.42 3.78 67.66
N ILE A 606 17.12 2.75 68.44
CA ILE A 606 16.32 2.87 69.64
C ILE A 606 17.27 3.04 70.83
N VAL A 607 17.46 4.29 71.27
CA VAL A 607 18.44 4.52 72.34
C VAL A 607 17.77 4.74 73.68
N GLU A 608 16.67 5.48 73.69
CA GLU A 608 15.92 5.75 74.92
C GLU A 608 14.88 4.65 75.09
N LYS A 609 14.93 3.97 76.23
CA LYS A 609 14.05 2.84 76.49
C LYS A 609 13.70 2.79 77.97
N GLY A 610 12.50 2.29 78.25
CA GLY A 610 11.94 2.27 79.58
C GLY A 610 10.55 2.83 79.60
N ASN A 611 9.92 2.72 80.76
CA ASN A 611 8.55 3.16 80.95
C ASN A 611 8.49 4.68 81.10
N HIS A 612 7.32 5.17 81.54
CA HIS A 612 7.11 6.60 81.72
C HIS A 612 8.11 7.21 82.70
N ASP A 613 8.09 6.73 83.95
CA ASP A 613 8.93 7.34 84.98
C ASP A 613 10.41 7.22 84.67
N GLU A 614 10.81 6.23 83.86
CA GLU A 614 12.20 6.06 83.47
C GLU A 614 12.73 7.32 82.80
N LEU A 615 12.07 7.75 81.73
CA LEU A 615 12.48 8.96 81.04
C LEU A 615 11.97 10.23 81.71
N MET A 616 10.95 10.12 82.57
CA MET A 616 10.47 11.28 83.33
C MET A 616 11.37 11.62 84.50
N LYS A 617 12.30 10.73 84.86
CA LYS A 617 13.37 11.10 85.78
C LYS A 617 14.63 11.49 85.03
N GLU A 618 14.72 11.08 83.76
CA GLU A 618 15.86 11.43 82.92
C GLU A 618 15.81 12.87 82.44
N LYS A 619 14.60 13.39 82.16
CA LYS A 619 14.42 14.73 81.61
C LYS A 619 15.10 14.86 80.24
N GLY A 620 14.67 13.99 79.33
CA GLY A 620 15.29 13.83 78.02
C GLY A 620 14.50 14.47 76.90
N ILE A 621 14.26 13.69 75.84
CA ILE A 621 13.62 14.20 74.64
C ILE A 621 12.11 14.07 74.69
N TYR A 622 11.58 12.85 74.86
CA TYR A 622 10.14 12.68 75.06
C TYR A 622 9.66 13.51 76.23
N PHE A 623 10.51 13.65 77.26
CA PHE A 623 10.24 14.60 78.33
C PHE A 623 10.03 16.01 77.79
N LYS A 624 10.90 16.47 76.89
CA LYS A 624 10.75 17.80 76.33
C LYS A 624 9.44 17.93 75.55
N LEU A 625 9.11 16.89 74.77
CA LEU A 625 7.82 16.85 74.08
C LEU A 625 6.65 17.03 75.05
N VAL A 626 6.62 16.20 76.11
CA VAL A 626 5.49 16.24 77.02
C VAL A 626 5.44 17.54 77.81
N THR A 627 6.60 18.14 78.09
CA THR A 627 6.62 19.39 78.83
C THR A 627 6.27 20.59 77.96
N MET A 628 6.43 20.46 76.63
CA MET A 628 5.95 21.52 75.74
C MET A 628 4.48 21.33 75.39
N GLN A 629 3.97 20.09 75.46
CA GLN A 629 2.56 19.86 75.22
C GLN A 629 1.71 20.32 76.40
N THR A 630 1.99 19.80 77.60
CA THR A 630 1.27 20.19 78.81
C THR A 630 1.40 21.69 79.09
N PRO A 694 -19.89 15.36 18.12
CA PRO A 694 -21.28 15.74 17.86
C PRO A 694 -21.65 15.70 16.37
N VAL A 695 -22.47 16.64 15.92
CA VAL A 695 -22.93 16.70 14.54
C VAL A 695 -21.74 16.60 13.60
N SER A 696 -21.92 15.93 12.46
CA SER A 696 -20.92 16.00 11.42
C SER A 696 -20.79 17.44 10.94
N PHE A 697 -19.72 17.70 10.19
CA PHE A 697 -19.55 19.03 9.63
C PHE A 697 -18.81 18.87 8.31
N TRP A 698 -19.26 19.58 7.28
CA TRP A 698 -18.46 19.67 6.07
C TRP A 698 -18.21 21.14 5.73
N ARG A 699 -17.17 21.67 6.37
CA ARG A 699 -16.48 22.86 5.94
C ARG A 699 -14.98 22.70 6.07
N ILE A 700 -14.50 21.50 6.41
CA ILE A 700 -13.09 21.27 6.69
C ILE A 700 -12.21 21.65 5.52
N MET A 701 -12.76 21.74 4.32
CA MET A 701 -11.94 22.22 3.23
C MET A 701 -11.68 23.72 3.32
N LYS A 702 -12.46 24.44 4.13
CA LYS A 702 -12.16 25.83 4.40
C LYS A 702 -11.10 26.00 5.48
N LEU A 703 -10.54 24.90 6.00
CA LEU A 703 -9.34 25.00 6.82
C LEU A 703 -8.10 25.09 5.96
N ASN A 704 -8.06 24.31 4.90
CA ASN A 704 -6.90 24.23 4.03
C ASN A 704 -7.16 24.88 2.69
N LEU A 705 -7.87 26.01 2.68
CA LEU A 705 -8.12 26.72 1.44
C LEU A 705 -6.89 27.43 0.91
N THR A 706 -5.90 27.70 1.75
CA THR A 706 -4.80 28.56 1.33
C THR A 706 -3.76 27.83 0.49
N GLU A 707 -3.65 26.51 0.64
CA GLU A 707 -2.64 25.75 -0.10
C GLU A 707 -3.28 25.14 -1.34
N TRP A 708 -3.87 25.97 -2.18
CA TRP A 708 -4.55 25.37 -3.32
C TRP A 708 -3.63 25.00 -4.49
N PRO A 709 -2.56 25.73 -4.81
CA PRO A 709 -1.68 25.26 -5.91
C PRO A 709 -1.20 23.84 -5.70
N TYR A 710 -0.92 23.48 -4.45
CA TYR A 710 -0.54 22.11 -4.13
C TYR A 710 -1.63 21.13 -4.55
N PHE A 711 -2.88 21.41 -4.17
CA PHE A 711 -3.94 20.48 -4.51
C PHE A 711 -4.23 20.46 -5.99
N VAL A 712 -3.97 21.55 -6.70
CA VAL A 712 -4.18 21.55 -8.15
C VAL A 712 -3.19 20.60 -8.83
N VAL A 713 -1.90 20.79 -8.54
CA VAL A 713 -0.93 19.86 -9.11
C VAL A 713 -1.15 18.44 -8.60
N GLY A 714 -1.68 18.31 -7.37
CA GLY A 714 -1.91 16.99 -6.82
C GLY A 714 -3.02 16.24 -7.52
N VAL A 715 -4.14 16.92 -7.77
CA VAL A 715 -5.23 16.29 -8.50
C VAL A 715 -4.78 15.94 -9.90
N PHE A 716 -4.00 16.82 -10.55
CA PHE A 716 -3.55 16.52 -11.90
C PHE A 716 -2.70 15.25 -11.94
N CYS A 717 -1.69 15.15 -11.07
CA CYS A 717 -0.86 13.94 -11.06
C CYS A 717 -1.64 12.72 -10.61
N ALA A 718 -2.61 12.88 -9.71
CA ALA A 718 -3.49 11.77 -9.36
C ALA A 718 -4.21 11.23 -10.59
N ILE A 719 -4.76 12.13 -11.40
CA ILE A 719 -5.47 11.72 -12.61
C ILE A 719 -4.54 10.94 -13.53
N ILE A 720 -3.32 11.46 -13.74
CA ILE A 720 -2.40 10.78 -14.67
C ILE A 720 -2.05 9.39 -14.14
N ASN A 721 -1.72 9.30 -12.85
CA ASN A 721 -1.33 8.02 -12.28
C ASN A 721 -2.50 7.06 -12.12
N GLY A 722 -3.73 7.54 -12.19
CA GLY A 722 -4.86 6.64 -12.12
C GLY A 722 -5.25 6.18 -13.51
N GLY A 723 -4.92 6.97 -14.52
CA GLY A 723 -5.15 6.53 -15.87
C GLY A 723 -4.04 5.70 -16.48
N LEU A 724 -2.89 5.60 -15.81
CA LEU A 724 -1.84 4.74 -16.31
C LEU A 724 -2.19 3.26 -16.37
N GLN A 725 -3.24 2.80 -15.67
CA GLN A 725 -3.51 1.37 -15.70
C GLN A 725 -4.24 0.93 -16.97
N PRO A 726 -5.37 1.54 -17.35
CA PRO A 726 -5.94 1.24 -18.66
C PRO A 726 -4.96 1.40 -19.81
N ALA A 727 -4.01 2.33 -19.71
CA ALA A 727 -3.00 2.43 -20.74
C ALA A 727 -2.18 1.16 -20.83
N PHE A 728 -1.84 0.57 -19.68
CA PHE A 728 -1.10 -0.69 -19.69
C PHE A 728 -1.96 -1.81 -20.23
N ALA A 729 -3.24 -1.84 -19.87
CA ALA A 729 -4.13 -2.85 -20.43
C ALA A 729 -4.15 -2.81 -21.95
N ILE A 730 -4.32 -1.62 -22.51
CA ILE A 730 -4.37 -1.48 -23.96
C ILE A 730 -3.05 -1.91 -24.58
N ILE A 731 -1.92 -1.46 -24.01
CA ILE A 731 -0.63 -1.77 -24.60
C ILE A 731 -0.36 -3.27 -24.55
N PHE A 732 -0.75 -3.93 -23.47
CA PHE A 732 -0.50 -5.35 -23.33
C PHE A 732 -1.36 -6.16 -24.29
N SER A 733 -2.67 -5.88 -24.31
CA SER A 733 -3.54 -6.57 -25.25
C SER A 733 -3.06 -6.38 -26.68
N LYS A 734 -2.58 -5.18 -27.01
CA LYS A 734 -2.10 -4.95 -28.36
C LYS A 734 -0.77 -5.64 -28.63
N ILE A 735 0.10 -5.78 -27.63
CA ILE A 735 1.37 -6.45 -27.86
C ILE A 735 1.24 -7.96 -27.93
N ILE A 736 0.11 -8.51 -27.53
CA ILE A 736 -0.17 -9.90 -27.86
C ILE A 736 -0.91 -10.03 -29.19
N GLY A 737 -1.82 -9.08 -29.46
CA GLY A 737 -2.39 -8.98 -30.79
C GLY A 737 -1.34 -8.91 -31.88
N VAL A 738 -0.20 -8.28 -31.60
CA VAL A 738 0.88 -8.25 -32.58
C VAL A 738 1.25 -9.65 -33.04
N PHE A 739 1.07 -10.66 -32.18
CA PHE A 739 1.46 -12.02 -32.49
C PHE A 739 0.31 -12.92 -32.88
N THR A 740 -0.94 -12.54 -32.60
CA THR A 740 -2.02 -13.37 -33.12
C THR A 740 -2.30 -13.09 -34.61
N ARG A 741 -2.24 -11.84 -35.03
CA ARG A 741 -2.50 -11.49 -36.43
C ARG A 741 -1.47 -12.12 -37.35
N ILE A 742 -1.79 -12.14 -38.64
CA ILE A 742 -0.94 -12.73 -39.66
C ILE A 742 -0.19 -11.60 -40.34
N ASP A 743 1.06 -11.36 -39.92
CA ASP A 743 1.89 -10.30 -40.48
C ASP A 743 3.22 -10.88 -40.96
N ASP A 744 4.15 -10.03 -41.36
CA ASP A 744 5.46 -10.52 -41.77
C ASP A 744 6.41 -10.49 -40.58
N PRO A 745 7.64 -10.97 -40.70
CA PRO A 745 8.59 -10.77 -39.61
C PRO A 745 8.87 -9.31 -39.33
N GLU A 746 8.95 -8.49 -40.38
CA GLU A 746 9.41 -7.11 -40.25
C GLU A 746 8.37 -6.23 -39.57
N THR A 747 7.09 -6.44 -39.89
CA THR A 747 6.04 -5.69 -39.21
C THR A 747 5.92 -6.10 -37.75
N LYS A 748 6.06 -7.39 -37.47
CA LYS A 748 6.05 -7.83 -36.08
C LYS A 748 7.22 -7.24 -35.32
N ARG A 749 8.39 -7.15 -35.96
CA ARG A 749 9.54 -6.55 -35.31
C ARG A 749 9.30 -5.08 -35.00
N GLN A 750 8.80 -4.31 -35.96
CA GLN A 750 8.64 -2.88 -35.72
C GLN A 750 7.56 -2.59 -34.70
N ASN A 751 6.44 -3.32 -34.74
CA ASN A 751 5.43 -3.09 -33.73
C ASN A 751 5.88 -3.57 -32.36
N SER A 752 6.68 -4.63 -32.29
CA SER A 752 7.21 -5.04 -31.00
C SER A 752 8.17 -4.02 -30.44
N ASN A 753 9.01 -3.41 -31.27
CA ASN A 753 9.90 -2.37 -30.79
C ASN A 753 9.13 -1.17 -30.28
N LEU A 754 8.16 -0.70 -31.05
CA LEU A 754 7.41 0.47 -30.63
C LEU A 754 6.63 0.20 -29.34
N PHE A 755 6.09 -1.00 -29.19
CA PHE A 755 5.33 -1.26 -27.98
C PHE A 755 6.22 -1.46 -26.77
N SER A 756 7.40 -2.06 -26.94
CA SER A 756 8.37 -2.08 -25.85
C SER A 756 8.76 -0.67 -25.43
N LEU A 757 8.97 0.23 -26.39
CA LEU A 757 9.29 1.61 -26.05
C LEU A 757 8.15 2.29 -25.29
N LEU A 758 6.90 1.98 -25.65
CA LEU A 758 5.79 2.56 -24.92
C LEU A 758 5.67 2.00 -23.51
N PHE A 759 6.05 0.74 -23.31
CA PHE A 759 6.13 0.20 -21.95
C PHE A 759 7.16 0.97 -21.13
N LEU A 760 8.33 1.18 -21.70
CA LEU A 760 9.38 1.90 -20.98
C LEU A 760 8.94 3.32 -20.62
N ALA A 761 8.33 4.03 -21.57
CA ALA A 761 7.87 5.39 -21.29
C ALA A 761 6.78 5.42 -20.24
N LEU A 762 5.88 4.43 -20.27
CA LEU A 762 4.88 4.33 -19.21
C LEU A 762 5.55 4.17 -17.86
N GLY A 763 6.63 3.38 -17.80
CA GLY A 763 7.33 3.22 -16.54
C GLY A 763 7.92 4.52 -16.02
N ILE A 764 8.55 5.28 -16.93
CA ILE A 764 9.17 6.54 -16.51
C ILE A 764 8.13 7.55 -16.05
N ILE A 765 7.03 7.67 -16.79
CA ILE A 765 5.95 8.56 -16.37
C ILE A 765 5.40 8.12 -15.02
N SER A 766 5.32 6.81 -14.78
CA SER A 766 4.85 6.32 -13.49
C SER A 766 5.75 6.81 -12.37
N PHE A 767 7.06 6.65 -12.53
CA PHE A 767 8.00 7.13 -11.53
C PHE A 767 7.80 8.61 -11.24
N ILE A 768 7.84 9.44 -12.28
CA ILE A 768 7.81 10.89 -12.08
C ILE A 768 6.50 11.30 -11.42
N THR A 769 5.39 10.81 -11.94
CA THR A 769 4.10 11.18 -11.39
C THR A 769 3.97 10.72 -9.94
N PHE A 770 4.56 9.59 -9.58
CA PHE A 770 4.47 9.15 -8.19
C PHE A 770 5.25 10.06 -7.28
N PHE A 771 6.49 10.37 -7.64
CA PHE A 771 7.27 11.27 -6.79
C PHE A 771 6.58 12.62 -6.64
N LEU A 772 5.99 13.13 -7.72
CA LEU A 772 5.37 14.45 -7.67
C LEU A 772 4.12 14.45 -6.80
N GLN A 773 3.24 13.46 -6.99
CA GLN A 773 2.06 13.35 -6.16
C GLN A 773 2.44 13.26 -4.69
N GLY A 774 3.47 12.47 -4.41
CA GLY A 774 3.92 12.35 -3.03
C GLY A 774 4.39 13.68 -2.46
N PHE A 775 5.33 14.31 -3.14
CA PHE A 775 5.80 15.63 -2.73
C PHE A 775 4.64 16.56 -2.43
N THR A 776 3.71 16.73 -3.36
CA THR A 776 2.75 17.82 -3.22
C THR A 776 1.68 17.51 -2.17
N PHE A 777 1.12 16.29 -2.16
CA PHE A 777 0.14 16.01 -1.12
C PHE A 777 0.79 15.91 0.24
N GLY A 778 2.04 15.44 0.32
CA GLY A 778 2.74 15.42 1.58
C GLY A 778 3.01 16.80 2.12
N LYS A 779 3.39 17.73 1.25
CA LYS A 779 3.69 19.08 1.73
C LYS A 779 2.41 19.81 2.14
N ALA A 780 1.31 19.61 1.42
CA ALA A 780 0.06 20.21 1.88
C ALA A 780 -0.37 19.63 3.22
N GLY A 781 -0.23 18.30 3.38
CA GLY A 781 -0.59 17.69 4.65
C GLY A 781 0.24 18.21 5.81
N GLU A 782 1.55 18.38 5.60
CA GLU A 782 2.39 18.83 6.71
C GLU A 782 2.12 20.28 7.05
N ILE A 783 1.98 21.16 6.06
CA ILE A 783 1.62 22.53 6.38
C ILE A 783 0.32 22.57 7.17
N LEU A 784 -0.65 21.73 6.79
CA LEU A 784 -1.92 21.74 7.50
C LEU A 784 -1.76 21.32 8.95
N THR A 785 -1.11 20.17 9.20
CA THR A 785 -1.02 19.72 10.59
C THR A 785 -0.18 20.68 11.43
N LYS A 786 0.88 21.24 10.86
CA LYS A 786 1.66 22.22 11.59
C LYS A 786 0.79 23.39 12.04
N ARG A 787 0.19 24.08 11.07
CA ARG A 787 -0.67 25.21 11.41
C ARG A 787 -1.74 24.81 12.40
N LEU A 788 -2.26 23.59 12.27
CA LEU A 788 -3.38 23.19 13.10
C LEU A 788 -2.95 22.98 14.54
N ARG A 789 -1.80 22.36 14.75
CA ARG A 789 -1.32 22.18 16.12
C ARG A 789 -0.98 23.51 16.74
N TYR A 790 -0.38 24.41 15.98
CA TYR A 790 -0.11 25.74 16.48
C TYR A 790 -1.38 26.42 16.98
N MET A 791 -2.44 26.44 16.15
CA MET A 791 -3.66 27.13 16.55
C MET A 791 -4.36 26.41 17.70
N VAL A 792 -4.42 25.08 17.68
CA VAL A 792 -5.02 24.36 18.80
C VAL A 792 -4.36 24.78 20.09
N PHE A 793 -3.03 24.73 20.14
CA PHE A 793 -2.31 25.09 21.36
C PHE A 793 -2.61 26.54 21.76
N ARG A 794 -2.51 27.47 20.81
CA ARG A 794 -2.75 28.87 21.11
C ARG A 794 -4.11 29.07 21.74
N SER A 795 -5.14 28.44 21.16
CA SER A 795 -6.48 28.55 21.73
C SER A 795 -6.59 27.77 23.03
N MET A 796 -5.63 26.88 23.30
CA MET A 796 -5.68 26.13 24.55
C MET A 796 -5.20 26.98 25.70
N LEU A 797 -4.20 27.84 25.47
CA LEU A 797 -3.74 28.67 26.58
C LEU A 797 -4.62 29.89 26.84
N ARG A 798 -5.84 29.93 26.30
CA ARG A 798 -6.74 31.03 26.62
C ARG A 798 -7.85 30.64 27.57
N GLN A 799 -8.16 29.35 27.68
CA GLN A 799 -9.24 28.92 28.55
C GLN A 799 -8.81 28.98 30.00
N ASP A 800 -9.77 29.26 30.89
CA ASP A 800 -9.49 29.45 32.30
C ASP A 800 -8.98 28.15 32.92
N VAL A 801 -8.59 28.20 34.20
CA VAL A 801 -8.33 26.96 34.88
C VAL A 801 -9.64 26.25 35.19
N SER A 802 -10.72 27.02 35.34
CA SER A 802 -12.05 26.44 35.49
C SER A 802 -12.50 25.71 34.24
N TRP A 803 -11.75 25.82 33.15
CA TRP A 803 -11.83 24.89 32.03
C TRP A 803 -10.79 23.80 32.11
N PHE A 804 -9.67 24.06 32.78
CA PHE A 804 -8.55 23.13 32.71
C PHE A 804 -8.53 22.11 33.85
N ASP A 805 -9.46 22.22 34.80
CA ASP A 805 -9.43 21.29 35.93
C ASP A 805 -9.95 19.91 35.54
N ASP A 806 -11.00 19.86 34.72
CA ASP A 806 -11.81 18.66 34.55
C ASP A 806 -10.94 17.44 34.24
N PRO A 807 -11.15 16.31 34.93
CA PRO A 807 -10.37 15.10 34.61
C PRO A 807 -10.92 14.33 33.42
N LYS A 808 -12.08 14.71 32.89
CA LYS A 808 -12.44 14.32 31.55
C LYS A 808 -11.73 15.17 30.52
N ASN A 809 -11.01 16.21 30.96
CA ASN A 809 -10.12 17.00 30.13
C ASN A 809 -8.73 16.89 30.74
N THR A 810 -8.06 15.76 30.45
CA THR A 810 -6.72 15.48 31.03
C THR A 810 -5.62 15.80 30.02
N THR A 811 -4.37 15.90 30.50
CA THR A 811 -3.19 16.21 29.65
C THR A 811 -3.02 15.09 28.62
N GLY A 812 -3.21 13.84 29.04
CA GLY A 812 -3.07 12.69 28.13
C GLY A 812 -4.06 12.78 26.99
N ALA A 813 -5.30 13.17 27.28
CA ALA A 813 -6.32 13.33 26.22
C ALA A 813 -5.88 14.47 25.29
N LEU A 814 -5.38 15.57 25.86
CA LEU A 814 -4.93 16.75 25.07
C LEU A 814 -3.73 16.38 24.17
N THR A 815 -2.77 15.63 24.71
CA THR A 815 -1.57 15.24 23.91
C THR A 815 -2.00 14.34 22.74
N THR A 816 -2.97 13.46 22.98
CA THR A 816 -3.49 12.55 21.93
C THR A 816 -4.14 13.40 20.83
N ARG A 817 -4.87 14.42 21.23
CA ARG A 817 -5.57 15.34 20.28
C ARG A 817 -4.52 16.07 19.42
N LEU A 818 -3.52 16.68 20.05
CA LEU A 818 -2.46 17.43 19.34
C LEU A 818 -1.88 16.57 18.20
N ALA A 819 -1.43 15.35 18.52
CA ALA A 819 -0.87 14.46 17.51
C ALA A 819 -1.96 13.76 16.69
N ASN A 820 -2.98 13.23 17.37
CA ASN A 820 -3.96 12.45 16.63
C ASN A 820 -4.73 13.32 15.65
N ASP A 821 -5.27 14.46 16.10
CA ASP A 821 -5.89 15.43 15.21
C ASP A 821 -5.04 15.73 13.99
N ALA A 822 -3.75 16.01 14.21
CA ALA A 822 -2.88 16.26 13.06
C ALA A 822 -3.06 15.17 12.02
N ALA A 823 -2.77 13.94 12.45
CA ALA A 823 -2.91 12.79 11.55
C ALA A 823 -4.26 12.80 10.83
N GLN A 824 -5.34 12.89 11.62
CA GLN A 824 -6.67 12.61 11.10
C GLN A 824 -7.09 13.66 10.07
N VAL A 825 -6.94 14.94 10.40
CA VAL A 825 -7.42 15.96 9.47
C VAL A 825 -6.58 15.97 8.21
N LYS A 826 -5.28 15.74 8.36
CA LYS A 826 -4.36 15.66 7.19
C LYS A 826 -4.89 14.58 6.25
N GLY A 827 -5.38 13.47 6.82
CA GLY A 827 -5.97 12.39 6.07
C GLY A 827 -7.22 12.81 5.35
N ALA A 828 -8.22 13.20 6.13
CA ALA A 828 -9.56 13.48 5.59
C ALA A 828 -9.62 14.74 4.78
N ILE A 829 -8.53 15.44 4.48
CA ILE A 829 -8.54 16.49 3.46
C ILE A 829 -7.76 16.09 2.22
N GLY A 830 -6.50 15.66 2.38
CA GLY A 830 -5.72 15.40 1.19
C GLY A 830 -5.91 14.02 0.60
N SER A 831 -5.91 13.00 1.47
CA SER A 831 -5.94 11.65 0.95
C SER A 831 -7.28 11.31 0.32
N ARG A 832 -8.36 11.95 0.77
CA ARG A 832 -9.67 11.70 0.19
C ARG A 832 -9.69 12.07 -1.29
N LEU A 833 -9.22 13.26 -1.65
CA LEU A 833 -9.21 13.64 -3.06
C LEU A 833 -8.20 12.81 -3.84
N ALA A 834 -7.04 12.52 -3.25
CA ALA A 834 -6.10 11.63 -3.93
C ALA A 834 -6.78 10.32 -4.33
N VAL A 835 -7.48 9.70 -3.38
CA VAL A 835 -8.02 8.37 -3.59
C VAL A 835 -9.20 8.41 -4.54
N ILE A 836 -10.15 9.32 -4.32
CA ILE A 836 -11.32 9.39 -5.18
C ILE A 836 -10.91 9.64 -6.62
N THR A 837 -9.92 10.52 -6.84
CA THR A 837 -9.61 10.84 -8.24
C THR A 837 -8.80 9.74 -8.91
N GLN A 838 -7.84 9.13 -8.19
CA GLN A 838 -7.19 7.96 -8.74
C GLN A 838 -8.21 6.92 -9.15
N ASN A 839 -9.14 6.60 -8.25
CA ASN A 839 -10.09 5.53 -8.52
C ASN A 839 -11.04 5.88 -9.65
N ILE A 840 -11.47 7.15 -9.75
CA ILE A 840 -12.36 7.51 -10.85
C ILE A 840 -11.65 7.38 -12.17
N ALA A 841 -10.46 7.97 -12.31
CA ALA A 841 -9.72 7.78 -13.54
C ALA A 841 -9.60 6.30 -13.89
N ASN A 842 -9.17 5.50 -12.90
CA ASN A 842 -8.94 4.06 -13.07
C ASN A 842 -10.16 3.30 -13.57
N LEU A 843 -11.20 3.23 -12.75
CA LEU A 843 -12.33 2.37 -13.12
C LEU A 843 -13.25 3.04 -14.13
N GLY A 844 -13.44 4.36 -14.08
CA GLY A 844 -14.16 5.02 -15.14
C GLY A 844 -13.57 4.68 -16.49
N THR A 845 -12.27 4.88 -16.69
CA THR A 845 -11.72 4.60 -17.99
C THR A 845 -11.77 3.11 -18.31
N GLY A 846 -11.52 2.24 -17.33
CA GLY A 846 -11.57 0.82 -17.60
C GLY A 846 -12.94 0.35 -18.07
N ILE A 847 -13.99 0.73 -17.34
CA ILE A 847 -15.33 0.32 -17.71
C ILE A 847 -15.76 0.93 -19.03
N ILE A 848 -15.44 2.21 -19.26
CA ILE A 848 -15.95 2.86 -20.47
C ILE A 848 -15.22 2.36 -21.70
N ILE A 849 -13.94 2.04 -21.58
CA ILE A 849 -13.23 1.45 -22.70
C ILE A 849 -13.65 0.00 -22.91
N SER A 850 -14.10 -0.68 -21.86
CA SER A 850 -14.50 -2.06 -22.04
C SER A 850 -15.89 -2.16 -22.66
N PHE A 851 -16.80 -1.30 -22.25
CA PHE A 851 -18.18 -1.38 -22.73
C PHE A 851 -18.27 -1.26 -24.24
N ILE A 852 -17.31 -0.57 -24.86
CA ILE A 852 -17.40 -0.37 -26.31
C ILE A 852 -16.57 -1.38 -27.08
N TYR A 853 -15.87 -2.28 -26.40
CA TYR A 853 -15.08 -3.30 -27.08
C TYR A 853 -15.71 -4.68 -26.99
N GLY A 854 -16.38 -4.99 -25.89
CA GLY A 854 -17.43 -5.99 -25.91
C GLY A 854 -18.33 -5.81 -24.71
N TRP A 855 -19.63 -5.63 -24.91
CA TRP A 855 -20.51 -5.41 -23.79
C TRP A 855 -21.00 -6.70 -23.15
N GLN A 856 -21.03 -7.80 -23.90
CA GLN A 856 -21.50 -9.07 -23.36
C GLN A 856 -20.61 -9.54 -22.23
N LEU A 857 -19.31 -9.57 -22.46
CA LEU A 857 -18.39 -10.05 -21.44
C LEU A 857 -18.24 -9.05 -20.30
N THR A 858 -18.28 -7.75 -20.60
CA THR A 858 -18.17 -6.76 -19.53
C THR A 858 -19.37 -6.78 -18.60
N LEU A 859 -20.56 -7.08 -19.12
CA LEU A 859 -21.72 -7.16 -18.25
C LEU A 859 -21.60 -8.31 -17.26
N LEU A 860 -21.11 -9.47 -17.72
CA LEU A 860 -20.87 -10.58 -16.80
C LEU A 860 -19.80 -10.25 -15.80
N LEU A 861 -18.62 -9.87 -16.28
CA LEU A 861 -17.45 -9.71 -15.45
C LEU A 861 -17.51 -8.43 -14.63
N LEU A 862 -18.54 -7.62 -14.80
CA LEU A 862 -18.80 -6.50 -13.92
C LEU A 862 -19.73 -6.87 -12.78
N ALA A 863 -20.11 -8.15 -12.69
CA ALA A 863 -20.77 -8.67 -11.49
C ALA A 863 -19.81 -9.44 -10.61
N ILE A 864 -18.51 -9.30 -10.84
CA ILE A 864 -17.48 -9.92 -10.02
C ILE A 864 -16.67 -8.88 -9.26
N VAL A 865 -16.37 -7.76 -9.89
CA VAL A 865 -15.41 -6.78 -9.40
C VAL A 865 -15.70 -6.24 -8.00
N PRO A 866 -16.94 -6.25 -7.48
CA PRO A 866 -17.07 -5.99 -6.04
C PRO A 866 -16.19 -6.90 -5.20
N ILE A 867 -16.15 -8.19 -5.53
CA ILE A 867 -15.37 -9.13 -4.72
C ILE A 867 -13.89 -9.08 -5.03
N ILE A 868 -13.47 -8.71 -6.24
CA ILE A 868 -12.04 -8.54 -6.49
C ILE A 868 -11.52 -7.29 -5.80
N ALA A 869 -12.33 -6.23 -5.81
CA ALA A 869 -11.98 -4.95 -5.16
C ALA A 869 -11.86 -5.21 -3.64
N ILE A 870 -12.87 -5.89 -3.08
CA ILE A 870 -12.91 -6.24 -1.63
C ILE A 870 -11.72 -7.16 -1.31
N ALA A 871 -11.42 -8.10 -2.21
CA ALA A 871 -10.31 -9.06 -2.00
C ALA A 871 -8.99 -8.30 -1.87
N GLY A 872 -8.78 -7.27 -2.69
CA GLY A 872 -7.55 -6.48 -2.60
C GLY A 872 -7.42 -5.76 -1.27
N VAL A 873 -8.52 -5.16 -0.79
CA VAL A 873 -8.53 -4.40 0.50
C VAL A 873 -8.23 -5.31 1.70
N VAL A 874 -8.87 -6.49 1.76
CA VAL A 874 -8.65 -7.41 2.91
C VAL A 874 -7.20 -7.91 2.91
N GLU A 875 -6.66 -8.22 1.73
CA GLU A 875 -5.26 -8.72 1.62
C GLU A 875 -4.30 -7.65 2.14
N MET A 876 -4.47 -6.43 1.64
CA MET A 876 -3.61 -5.26 2.00
C MET A 876 -3.54 -5.15 3.52
N LYS A 877 -4.67 -5.24 4.20
CA LYS A 877 -4.68 -5.16 5.68
C LYS A 877 -3.84 -6.32 6.22
N MET A 878 -4.04 -7.52 5.69
CA MET A 878 -3.26 -8.71 6.14
C MET A 878 -1.76 -8.49 5.88
N LEU A 879 -1.41 -7.89 4.74
CA LEU A 879 0.00 -7.67 4.34
C LEU A 879 0.74 -6.74 5.32
N SER A 880 0.13 -5.61 5.72
CA SER A 880 0.84 -4.70 6.66
C SER A 880 -0.02 -4.40 7.89
N GLY A 881 0.46 -4.78 9.08
CA GLY A 881 -0.27 -4.54 10.34
C GLY A 881 -1.69 -5.07 10.23
N GLN A 882 -2.68 -4.29 10.66
CA GLN A 882 -4.13 -4.60 10.51
C GLN A 882 -4.44 -6.06 10.92
N ALA A 883 -3.94 -6.48 12.08
CA ALA A 883 -4.18 -7.86 12.59
C ALA A 883 -5.28 -7.83 13.65
N LEU A 884 -6.00 -6.68 13.71
CA LEU A 884 -7.09 -6.27 14.64
C LEU A 884 -6.50 -5.85 15.99
N LYS A 885 -5.75 -6.76 16.65
CA LYS A 885 -5.04 -6.55 17.94
C LYS A 885 -5.86 -5.67 18.89
N ASP A 886 -7.13 -6.01 19.08
CA ASP A 886 -8.00 -5.25 20.03
C ASP A 886 -7.26 -5.16 21.37
N LYS A 887 -7.11 -3.93 21.89
CA LYS A 887 -6.39 -3.71 23.18
C LYS A 887 -7.38 -3.19 24.22
N LYS A 888 -8.59 -2.80 23.80
CA LYS A 888 -9.60 -2.30 24.77
C LYS A 888 -9.93 -3.44 25.75
N GLU A 889 -10.12 -4.64 25.23
CA GLU A 889 -10.40 -5.84 26.06
C GLU A 889 -9.15 -6.11 26.91
N LEU A 890 -7.98 -5.97 26.30
CA LEU A 890 -6.65 -6.17 26.95
C LEU A 890 -6.45 -5.14 28.06
N GLU A 891 -6.96 -3.92 27.85
CA GLU A 891 -6.79 -2.80 28.82
C GLU A 891 -7.38 -3.20 30.18
N GLY A 892 -8.55 -3.86 30.17
CA GLY A 892 -9.17 -4.26 31.46
C GLY A 892 -8.27 -5.22 32.22
N ALA A 893 -7.69 -6.19 31.52
CA ALA A 893 -6.74 -7.16 32.14
C ALA A 893 -5.50 -6.39 32.60
N GLY A 894 -5.03 -5.47 31.77
CA GLY A 894 -3.84 -4.63 32.05
C GLY A 894 -4.05 -3.73 33.25
N LYS A 895 -5.25 -3.17 33.41
CA LYS A 895 -5.58 -2.25 34.52
C LYS A 895 -5.38 -2.97 35.85
N ILE A 896 -5.81 -4.24 35.94
CA ILE A 896 -5.64 -5.03 37.20
C ILE A 896 -4.14 -5.17 37.49
N ALA A 897 -3.35 -5.45 36.44
CA ALA A 897 -1.88 -5.60 36.58
C ALA A 897 -1.25 -4.29 37.04
N THR A 898 -1.72 -3.16 36.50
CA THR A 898 -1.16 -1.83 36.85
C THR A 898 -1.38 -1.54 38.34
N GLU A 899 -2.56 -1.87 38.87
CA GLU A 899 -2.87 -1.64 40.31
C GLU A 899 -1.81 -2.32 41.18
N ALA A 900 -1.73 -3.65 41.10
CA ALA A 900 -0.76 -4.46 41.89
C ALA A 900 0.65 -3.91 41.67
N ILE A 901 0.96 -3.54 40.43
CA ILE A 901 2.31 -3.03 40.02
C ILE A 901 2.64 -1.73 40.77
N GLU A 902 1.65 -0.85 40.97
CA GLU A 902 1.92 0.46 41.62
C GLU A 902 2.45 0.26 43.04
N ASN A 903 1.88 -0.67 43.81
CA ASN A 903 2.37 -0.92 45.19
C ASN A 903 2.54 -2.43 45.41
N PHE A 904 3.48 -3.05 44.70
CA PHE A 904 3.73 -4.51 44.83
C PHE A 904 4.25 -4.85 46.24
N ARG A 905 5.19 -4.05 46.75
CA ARG A 905 5.80 -4.30 48.09
C ARG A 905 4.76 -4.16 49.20
N THR A 906 3.92 -3.12 49.13
CA THR A 906 2.88 -2.87 50.16
C THR A 906 1.85 -4.00 50.17
N VAL A 907 1.45 -4.47 48.99
CA VAL A 907 0.42 -5.54 48.85
C VAL A 907 0.97 -6.91 49.26
N VAL A 908 2.24 -7.20 48.95
CA VAL A 908 2.79 -8.54 49.24
C VAL A 908 2.63 -8.92 50.70
N SER A 909 2.89 -7.98 51.62
CA SER A 909 2.70 -8.27 53.03
C SER A 909 1.25 -8.59 53.36
N LEU A 910 0.30 -8.13 52.53
CA LEU A 910 -1.09 -8.55 52.68
C LEU A 910 -1.30 -9.97 52.17
N THR A 911 -0.36 -10.48 51.38
CA THR A 911 -0.37 -11.82 50.81
C THR A 911 -1.47 -12.03 49.77
N GLN A 912 -2.13 -10.95 49.33
CA GLN A 912 -3.27 -11.07 48.44
C GLN A 912 -2.88 -11.31 46.98
N GLU A 913 -1.60 -11.61 46.71
CA GLU A 913 -1.15 -11.72 45.33
C GLU A 913 -1.87 -12.84 44.60
N GLN A 914 -2.16 -13.93 45.31
CA GLN A 914 -3.02 -14.96 44.76
C GLN A 914 -4.30 -14.34 44.24
N LYS A 915 -5.04 -13.67 45.13
CA LYS A 915 -6.32 -13.11 44.71
C LYS A 915 -6.15 -11.97 43.72
N PHE A 916 -4.92 -11.67 43.31
CA PHE A 916 -4.72 -10.82 42.16
C PHE A 916 -4.22 -11.61 40.95
N GLU A 917 -3.33 -12.59 41.17
CA GLU A 917 -2.98 -13.53 40.11
C GLU A 917 -4.23 -14.09 39.43
N HIS A 918 -5.17 -14.61 40.22
CA HIS A 918 -6.43 -15.08 39.64
C HIS A 918 -7.21 -13.95 39.01
N MET A 919 -7.20 -12.77 39.64
CA MET A 919 -7.88 -11.63 39.06
C MET A 919 -7.28 -11.27 37.71
N TYR A 920 -6.11 -11.83 37.41
CA TYR A 920 -5.60 -11.76 36.05
C TYR A 920 -6.28 -12.82 35.19
N ALA A 921 -6.10 -14.09 35.57
CA ALA A 921 -6.47 -15.20 34.70
C ALA A 921 -7.95 -15.14 34.32
N GLN A 922 -8.83 -15.15 35.32
CA GLN A 922 -10.27 -15.14 35.07
C GLN A 922 -10.67 -13.98 34.17
N SER A 923 -9.86 -12.91 34.13
CA SER A 923 -10.14 -11.79 33.23
C SER A 923 -9.60 -12.02 31.84
N LEU A 924 -8.39 -12.57 31.73
CA LEU A 924 -7.80 -12.81 30.41
C LEU A 924 -8.60 -13.82 29.60
N GLN A 925 -9.56 -14.49 30.24
CA GLN A 925 -10.24 -15.59 29.57
C GLN A 925 -11.26 -15.08 28.54
N VAL A 926 -11.80 -13.89 28.74
CA VAL A 926 -12.76 -13.33 27.80
C VAL A 926 -12.10 -13.12 26.44
N PRO A 927 -11.08 -12.25 26.31
CA PRO A 927 -10.57 -11.96 24.97
C PRO A 927 -9.90 -13.15 24.32
N TYR A 928 -9.16 -13.95 25.09
CA TYR A 928 -8.54 -15.15 24.55
C TYR A 928 -9.55 -15.96 23.75
N ARG A 929 -10.61 -16.42 24.41
CA ARG A 929 -11.67 -17.12 23.69
C ARG A 929 -12.05 -16.35 22.43
N ASN A 930 -12.43 -15.08 22.59
CA ASN A 930 -12.82 -14.29 21.43
C ASN A 930 -11.73 -14.33 20.36
N SER A 931 -10.48 -14.02 20.73
CA SER A 931 -9.44 -13.96 19.73
C SER A 931 -9.29 -15.30 19.02
N LEU A 932 -9.46 -16.40 19.72
CA LEU A 932 -9.42 -17.70 19.07
C LEU A 932 -10.41 -17.75 17.91
N ARG A 933 -11.69 -17.49 18.20
CA ARG A 933 -12.68 -17.52 17.13
C ARG A 933 -12.26 -16.66 15.97
N LYS A 934 -11.63 -15.50 16.25
CA LYS A 934 -11.34 -14.58 15.17
C LYS A 934 -10.27 -15.15 14.25
N ALA A 935 -9.30 -15.90 14.79
CA ALA A 935 -8.27 -16.45 13.92
C ALA A 935 -8.83 -17.54 13.03
N HIS A 936 -10.10 -17.91 13.23
CA HIS A 936 -10.82 -18.71 12.24
C HIS A 936 -11.50 -17.80 11.23
N ILE A 937 -12.26 -16.82 11.72
CA ILE A 937 -13.08 -15.96 10.86
C ILE A 937 -12.21 -15.32 9.78
N PHE A 938 -11.23 -14.53 10.18
CA PHE A 938 -10.35 -13.91 9.20
C PHE A 938 -9.77 -14.96 8.26
N GLY A 939 -9.38 -16.11 8.80
CA GLY A 939 -8.71 -17.11 7.99
C GLY A 939 -9.53 -17.57 6.81
N ILE A 940 -10.86 -17.42 6.89
CA ILE A 940 -11.67 -17.82 5.75
C ILE A 940 -11.83 -16.66 4.77
N THR A 941 -12.12 -15.45 5.28
CA THR A 941 -12.40 -14.35 4.36
C THR A 941 -11.23 -14.15 3.43
N PHE A 942 -10.05 -13.88 4.00
CA PHE A 942 -8.81 -13.87 3.23
C PHE A 942 -8.80 -15.00 2.23
N SER A 943 -8.84 -16.24 2.73
CA SER A 943 -8.77 -17.38 1.83
C SER A 943 -9.79 -17.25 0.72
N PHE A 944 -11.05 -17.09 1.09
CA PHE A 944 -12.12 -17.04 0.10
C PHE A 944 -11.78 -16.06 -0.99
N THR A 945 -11.43 -14.82 -0.62
CA THR A 945 -11.26 -13.81 -1.64
C THR A 945 -10.07 -14.12 -2.53
N GLN A 946 -9.00 -14.67 -1.96
CA GLN A 946 -7.89 -15.08 -2.80
C GLN A 946 -8.34 -16.11 -3.82
N ALA A 947 -9.11 -17.11 -3.37
CA ALA A 947 -9.67 -18.08 -4.29
C ALA A 947 -10.38 -17.39 -5.44
N MET A 948 -11.14 -16.33 -5.12
CA MET A 948 -11.95 -15.68 -6.15
C MET A 948 -11.09 -15.19 -7.30
N MET A 949 -9.90 -14.66 -7.01
CA MET A 949 -9.04 -14.24 -8.11
C MET A 949 -8.75 -15.41 -9.04
N TYR A 950 -8.33 -16.53 -8.48
CA TYR A 950 -8.01 -17.71 -9.28
C TYR A 950 -9.24 -18.26 -9.99
N PHE A 951 -10.43 -17.85 -9.59
CA PHE A 951 -11.62 -18.36 -10.26
C PHE A 951 -12.00 -17.50 -11.45
N SER A 952 -11.56 -16.25 -11.48
CA SER A 952 -11.95 -15.36 -12.57
C SER A 952 -11.39 -15.84 -13.90
N TYR A 953 -10.12 -16.26 -13.91
CA TYR A 953 -9.54 -16.80 -15.13
C TYR A 953 -10.31 -18.00 -15.63
N ALA A 954 -11.23 -18.53 -14.83
CA ALA A 954 -12.02 -19.66 -15.29
C ALA A 954 -13.35 -19.21 -15.84
N GLY A 955 -13.96 -18.20 -15.21
CA GLY A 955 -15.24 -17.74 -15.71
C GLY A 955 -15.09 -16.91 -16.97
N CYS A 956 -14.48 -15.73 -16.84
CA CYS A 956 -14.27 -14.86 -17.98
C CYS A 956 -13.76 -15.62 -19.19
N PHE A 957 -12.61 -16.28 -19.05
CA PHE A 957 -12.02 -16.93 -20.21
C PHE A 957 -12.94 -18.00 -20.78
N ARG A 958 -13.68 -18.72 -19.94
CA ARG A 958 -14.66 -19.65 -20.49
C ARG A 958 -15.66 -18.91 -21.37
N PHE A 959 -16.31 -17.89 -20.82
CA PHE A 959 -17.22 -17.11 -21.65
C PHE A 959 -16.51 -16.61 -22.89
N GLY A 960 -15.24 -16.23 -22.75
CA GLY A 960 -14.51 -15.76 -23.92
C GLY A 960 -14.48 -16.80 -25.01
N ALA A 961 -14.22 -18.05 -24.66
CA ALA A 961 -14.19 -19.13 -25.63
C ALA A 961 -15.49 -19.19 -26.42
N TYR A 962 -16.62 -18.87 -25.77
CA TYR A 962 -17.89 -18.86 -26.47
C TYR A 962 -17.90 -17.77 -27.53
N LEU A 963 -17.60 -16.53 -27.12
CA LEU A 963 -17.76 -15.39 -28.01
C LEU A 963 -16.81 -15.47 -29.20
N VAL A 964 -15.54 -15.76 -28.93
CA VAL A 964 -14.55 -15.92 -29.98
C VAL A 964 -14.99 -17.02 -30.94
N ALA A 965 -15.84 -17.94 -30.46
CA ALA A 965 -16.27 -19.04 -31.32
C ALA A 965 -17.50 -18.69 -32.14
N HIS A 966 -18.12 -17.55 -31.88
CA HIS A 966 -19.23 -17.05 -32.68
C HIS A 966 -18.94 -15.66 -33.22
N LYS A 967 -17.65 -15.37 -33.38
CA LYS A 967 -17.18 -14.14 -34.01
C LYS A 967 -17.88 -12.91 -33.48
N LEU A 968 -18.31 -12.95 -32.22
CA LEU A 968 -18.87 -11.77 -31.58
C LEU A 968 -17.80 -10.85 -31.02
N MET A 969 -16.55 -11.26 -31.03
CA MET A 969 -15.40 -10.41 -30.70
C MET A 969 -14.15 -11.18 -31.08
N SER A 970 -12.99 -10.64 -30.72
CA SER A 970 -11.72 -11.25 -31.04
C SER A 970 -11.01 -11.67 -29.76
N PHE A 971 -9.86 -12.31 -29.91
CA PHE A 971 -9.08 -12.71 -28.75
C PHE A 971 -8.54 -11.50 -28.01
N GLU A 972 -7.79 -10.64 -28.72
CA GLU A 972 -7.25 -9.45 -28.09
C GLU A 972 -8.35 -8.57 -27.50
N ASP A 973 -9.59 -8.71 -27.97
CA ASP A 973 -10.69 -8.00 -27.34
C ASP A 973 -11.00 -8.58 -25.96
N VAL A 974 -10.91 -9.90 -25.80
CA VAL A 974 -11.11 -10.51 -24.49
C VAL A 974 -9.96 -10.16 -23.57
N LEU A 975 -8.73 -10.17 -24.11
CA LEU A 975 -7.59 -9.78 -23.28
C LEU A 975 -7.70 -8.34 -22.80
N LEU A 976 -8.13 -7.43 -23.67
CA LEU A 976 -8.30 -6.04 -23.27
C LEU A 976 -9.44 -5.85 -22.29
N VAL A 977 -10.55 -6.58 -22.45
CA VAL A 977 -11.63 -6.42 -21.50
C VAL A 977 -11.26 -7.00 -20.15
N PHE A 978 -10.62 -8.15 -20.12
CA PHE A 978 -10.25 -8.79 -18.87
C PHE A 978 -9.16 -8.01 -18.14
N SER A 979 -8.07 -7.67 -18.82
CA SER A 979 -6.96 -6.93 -18.25
C SER A 979 -7.34 -5.56 -17.73
N ALA A 980 -8.45 -4.99 -18.20
CA ALA A 980 -8.82 -3.63 -17.83
C ALA A 980 -9.91 -3.54 -16.80
N VAL A 981 -10.58 -4.64 -16.46
CA VAL A 981 -11.53 -4.63 -15.36
C VAL A 981 -11.07 -5.49 -14.19
N VAL A 982 -10.52 -6.68 -14.42
CA VAL A 982 -10.04 -7.47 -13.29
C VAL A 982 -8.84 -6.79 -12.62
N PHE A 983 -7.80 -6.51 -13.39
CA PHE A 983 -6.64 -5.82 -12.82
C PHE A 983 -7.03 -4.42 -12.34
N GLY A 984 -8.06 -3.83 -12.95
CA GLY A 984 -8.52 -2.53 -12.50
C GLY A 984 -9.17 -2.58 -11.13
N ALA A 985 -9.94 -3.62 -10.87
CA ALA A 985 -10.53 -3.76 -9.54
C ALA A 985 -9.48 -4.10 -8.50
N MET A 986 -8.47 -4.89 -8.88
CA MET A 986 -7.35 -5.11 -7.98
C MET A 986 -6.70 -3.79 -7.59
N ALA A 987 -6.37 -2.96 -8.59
CA ALA A 987 -5.74 -1.68 -8.31
C ALA A 987 -6.64 -0.77 -7.48
N VAL A 988 -7.95 -0.82 -7.72
CA VAL A 988 -8.87 0.00 -6.95
C VAL A 988 -8.86 -0.40 -5.48
N GLY A 989 -8.81 -1.71 -5.20
CA GLY A 989 -8.73 -2.14 -3.81
C GLY A 989 -7.42 -1.74 -3.16
N GLN A 990 -6.31 -2.08 -3.80
CA GLN A 990 -5.00 -1.80 -3.23
C GLN A 990 -4.79 -0.31 -3.02
N VAL A 991 -5.49 0.53 -3.78
CA VAL A 991 -5.34 1.96 -3.61
C VAL A 991 -6.27 2.47 -2.53
N SER A 992 -7.51 1.98 -2.49
CA SER A 992 -8.45 2.45 -1.49
C SER A 992 -8.15 1.88 -0.10
N SER A 993 -7.16 1.01 0.03
CA SER A 993 -6.78 0.56 1.37
C SER A 993 -5.52 1.22 1.90
N PHE A 994 -4.76 1.91 1.06
CA PHE A 994 -3.50 2.53 1.44
C PHE A 994 -3.67 3.94 1.97
N ALA A 995 -4.83 4.28 2.51
CA ALA A 995 -5.15 5.63 2.95
C ALA A 995 -5.91 5.56 4.27
N PRO A 996 -5.75 6.58 5.12
CA PRO A 996 -6.43 6.57 6.44
C PRO A 996 -7.93 6.35 6.35
N ASP A 997 -8.55 6.03 7.49
CA ASP A 997 -9.99 5.89 7.50
C ASP A 997 -10.65 7.25 7.37
N TYR A 998 -11.94 7.25 7.00
CA TYR A 998 -12.64 8.50 6.80
C TYR A 998 -13.43 8.94 8.03
N ALA A 999 -14.39 8.13 8.49
CA ALA A 999 -15.34 8.61 9.49
C ALA A 999 -14.64 8.97 10.79
N LYS A 1000 -13.66 8.16 11.20
CA LYS A 1000 -12.78 8.53 12.30
C LYS A 1000 -12.20 9.92 12.10
N ALA A 1001 -11.52 10.12 10.98
CA ALA A 1001 -10.85 11.39 10.70
C ALA A 1001 -11.84 12.54 10.64
N LYS A 1002 -13.05 12.28 10.13
CA LYS A 1002 -14.04 13.35 10.10
C LYS A 1002 -14.48 13.72 11.50
N ILE A 1003 -14.59 12.74 12.41
CA ILE A 1003 -14.96 13.06 13.79
C ILE A 1003 -13.84 13.82 14.48
N SER A 1004 -12.59 13.47 14.18
CA SER A 1004 -11.45 14.19 14.76
C SER A 1004 -11.45 15.64 14.32
N ALA A 1005 -11.61 15.88 13.01
CA ALA A 1005 -11.71 17.24 12.52
C ALA A 1005 -12.92 17.96 13.13
N ALA A 1006 -14.00 17.23 13.36
CA ALA A 1006 -15.17 17.84 13.98
C ALA A 1006 -14.83 18.39 15.37
N HIS A 1007 -14.13 17.59 16.17
CA HIS A 1007 -13.80 18.05 17.51
C HIS A 1007 -12.76 19.17 17.47
N ILE A 1008 -11.80 19.08 16.56
CA ILE A 1008 -10.76 20.12 16.47
C ILE A 1008 -11.38 21.46 16.10
N ILE A 1009 -12.31 21.46 15.14
CA ILE A 1009 -12.98 22.72 14.80
C ILE A 1009 -13.88 23.14 15.94
N MET A 1010 -14.43 22.18 16.69
CA MET A 1010 -15.25 22.53 17.85
C MET A 1010 -14.45 23.34 18.85
N ILE A 1011 -13.17 23.01 19.02
CA ILE A 1011 -12.37 23.69 20.04
C ILE A 1011 -11.74 24.97 19.49
N ILE A 1012 -11.31 24.96 18.22
CA ILE A 1012 -10.67 26.13 17.60
C ILE A 1012 -11.55 27.36 17.75
N GLU A 1013 -12.84 27.21 17.45
CA GLU A 1013 -13.73 28.36 17.44
C GLU A 1013 -14.07 28.86 18.82
N LYS A 1014 -13.52 28.22 19.85
CA LYS A 1014 -13.77 28.56 21.25
C LYS A 1014 -13.51 30.00 21.67
N THR A 1015 -14.23 30.43 22.70
CA THR A 1015 -14.11 31.77 23.25
C THR A 1015 -14.32 31.70 24.77
N PRO A 1016 -13.23 31.77 25.53
CA PRO A 1016 -13.27 31.70 27.00
C PRO A 1016 -14.12 32.80 27.63
N LEU A 1017 -14.76 32.49 28.74
CA LEU A 1017 -15.44 33.49 29.56
C LEU A 1017 -14.51 34.67 29.81
N ILE A 1018 -13.33 34.39 30.35
CA ILE A 1018 -12.34 35.43 30.62
C ILE A 1018 -11.07 35.15 29.82
N ASP A 1019 -10.73 36.06 28.93
CA ASP A 1019 -9.55 35.90 28.09
C ASP A 1019 -8.30 36.45 28.76
N SER A 1020 -7.22 35.67 28.72
CA SER A 1020 -5.96 36.07 29.31
C SER A 1020 -5.21 37.00 28.35
N TYR A 1021 -5.55 36.91 27.07
CA TYR A 1021 -4.93 37.74 26.05
C TYR A 1021 -5.66 39.07 25.93
N SER A 1022 -6.96 39.04 26.19
CA SER A 1022 -7.79 40.25 26.12
C SER A 1022 -7.27 41.31 27.09
N THR A 1023 -7.29 42.56 26.66
CA THR A 1023 -6.80 43.67 27.48
C THR A 1023 -7.83 44.21 28.45
N GLU A 1024 -9.07 43.70 28.47
CA GLU A 1024 -10.16 44.37 29.17
C GLU A 1024 -9.89 44.50 30.66
N GLY A 1025 -10.58 45.41 31.33
CA GLY A 1025 -10.63 45.48 32.77
C GLY A 1025 -10.34 46.87 33.29
N LEU A 1026 -9.62 46.91 34.41
CA LEU A 1026 -9.18 48.15 35.01
C LEU A 1026 -7.67 48.25 34.93
N MET A 1027 -7.18 49.38 34.41
CA MET A 1027 -5.75 49.65 34.27
C MET A 1027 -5.42 50.91 35.06
N PRO A 1028 -5.51 50.85 36.38
CA PRO A 1028 -5.35 52.08 37.18
C PRO A 1028 -3.91 52.56 37.22
N ASN A 1029 -3.73 53.77 37.72
CA ASN A 1029 -2.42 54.40 37.78
C ASN A 1029 -1.72 54.18 39.12
N THR A 1030 -2.46 54.08 40.21
CA THR A 1030 -1.89 54.03 41.55
C THR A 1030 -2.39 52.78 42.28
N LEU A 1031 -1.74 52.48 43.41
CA LEU A 1031 -2.11 51.38 44.28
C LEU A 1031 -1.29 51.51 45.56
N GLU A 1032 -1.89 51.08 46.67
CA GLU A 1032 -1.23 51.09 47.97
C GLU A 1032 -0.88 49.69 48.46
N GLY A 1033 -1.64 48.67 48.06
CA GLY A 1033 -1.38 47.31 48.48
C GLY A 1033 -2.30 46.77 49.56
N ASN A 1034 -3.60 47.04 49.48
CA ASN A 1034 -4.55 46.55 50.46
C ASN A 1034 -5.45 45.48 49.86
N VAL A 1035 -5.68 44.41 50.62
CA VAL A 1035 -6.57 43.34 50.23
C VAL A 1035 -7.58 43.12 51.35
N THR A 1036 -8.84 42.86 50.99
CA THR A 1036 -9.88 42.58 51.96
C THR A 1036 -10.76 41.45 51.43
N PHE A 1037 -11.10 40.52 52.32
CA PHE A 1037 -11.99 39.41 52.00
C PHE A 1037 -13.29 39.57 52.76
N GLY A 1038 -14.41 39.26 52.10
CA GLY A 1038 -15.70 39.32 52.76
C GLY A 1038 -16.69 38.28 52.27
N GLU A 1039 -17.19 37.47 53.19
CA GLU A 1039 -18.23 36.44 52.97
C GLU A 1039 -18.03 35.69 51.65
N VAL A 1040 -16.77 35.40 51.32
CA VAL A 1040 -16.40 34.82 50.04
C VAL A 1040 -16.49 33.30 50.14
N VAL A 1041 -17.36 32.71 49.32
CA VAL A 1041 -17.52 31.27 49.21
C VAL A 1041 -16.93 30.83 47.88
N PHE A 1042 -16.34 29.63 47.86
CA PHE A 1042 -15.57 29.16 46.72
C PHE A 1042 -15.84 27.68 46.51
N ASN A 1043 -16.23 27.31 45.28
CA ASN A 1043 -16.58 25.93 44.94
C ASN A 1043 -16.03 25.57 43.56
N TYR A 1044 -15.61 24.32 43.42
CA TYR A 1044 -15.21 23.80 42.13
C TYR A 1044 -16.42 23.75 41.19
N PRO A 1045 -16.21 23.57 39.88
CA PRO A 1045 -17.35 23.20 39.03
C PRO A 1045 -17.51 21.70 38.88
N THR A 1046 -16.49 20.93 39.28
CA THR A 1046 -16.59 19.47 39.23
C THR A 1046 -16.92 18.88 40.60
N ARG A 1047 -16.46 19.51 41.67
CA ARG A 1047 -16.70 19.02 43.04
C ARG A 1047 -17.58 20.01 43.79
N PRO A 1048 -18.90 19.97 43.56
CA PRO A 1048 -19.79 20.88 44.30
C PRO A 1048 -20.20 20.37 45.67
N ASP A 1049 -20.29 19.05 45.86
CA ASP A 1049 -20.78 18.48 47.11
C ASP A 1049 -19.81 18.64 48.27
N ILE A 1050 -18.52 18.53 48.03
CA ILE A 1050 -17.53 18.67 49.10
C ILE A 1050 -17.16 20.15 49.19
N PRO A 1051 -17.34 20.77 50.35
CA PRO A 1051 -16.90 22.16 50.51
C PRO A 1051 -15.51 22.26 51.11
N VAL A 1052 -14.83 23.38 50.85
CA VAL A 1052 -13.53 23.62 51.44
C VAL A 1052 -13.57 24.79 52.42
N LEU A 1053 -13.96 25.97 51.97
CA LEU A 1053 -14.11 27.14 52.83
C LEU A 1053 -15.57 27.57 52.83
N GLN A 1054 -15.99 28.19 53.93
CA GLN A 1054 -17.40 28.46 54.20
C GLN A 1054 -17.66 29.95 54.39
N GLY A 1055 -17.18 30.78 53.47
CA GLY A 1055 -17.45 32.21 53.55
C GLY A 1055 -16.64 32.94 54.60
N LEU A 1056 -15.33 33.00 54.42
CA LEU A 1056 -14.45 33.65 55.39
C LEU A 1056 -14.22 35.11 55.01
N SER A 1057 -13.49 35.83 55.88
CA SER A 1057 -13.18 37.23 55.67
C SER A 1057 -11.79 37.51 56.20
N LEU A 1058 -11.12 38.51 55.60
CA LEU A 1058 -9.76 38.86 55.99
C LEU A 1058 -9.55 40.36 55.83
N GLU A 1059 -8.36 40.81 56.22
CA GLU A 1059 -7.97 42.22 56.07
C GLU A 1059 -6.45 42.28 56.09
N VAL A 1060 -5.84 42.55 54.93
CA VAL A 1060 -4.40 42.58 54.79
C VAL A 1060 -3.99 43.94 54.26
N LYS A 1061 -2.91 44.50 54.81
CA LYS A 1061 -2.45 45.85 54.49
C LYS A 1061 -1.06 45.82 53.89
N LYS A 1062 -0.63 46.99 53.43
CA LYS A 1062 0.68 47.14 52.80
C LYS A 1062 1.79 46.89 53.81
N GLY A 1063 2.80 46.11 53.40
CA GLY A 1063 3.96 45.84 54.23
C GLY A 1063 3.66 44.92 55.39
N GLN A 1064 2.38 44.79 55.75
CA GLN A 1064 1.98 43.93 56.85
C GLN A 1064 2.14 42.47 56.44
N THR A 1065 3.02 41.76 57.16
CA THR A 1065 3.36 40.37 56.83
C THR A 1065 2.32 39.46 57.47
N LEU A 1066 1.36 39.02 56.66
CA LEU A 1066 0.31 38.14 57.14
C LEU A 1066 0.90 36.80 57.53
N ALA A 1067 0.32 36.17 58.57
CA ALA A 1067 0.75 34.87 59.03
C ALA A 1067 -0.43 33.91 59.03
N LEU A 1068 -0.26 32.79 58.34
CA LEU A 1068 -1.30 31.77 58.24
C LEU A 1068 -0.64 30.41 58.25
N VAL A 1069 -1.26 29.47 58.97
CA VAL A 1069 -0.72 28.13 59.16
C VAL A 1069 -1.89 27.16 59.31
N GLY A 1070 -1.75 25.98 58.75
CA GLY A 1070 -2.78 24.96 58.88
C GLY A 1070 -2.20 23.58 58.69
N SER A 1071 -3.09 22.60 58.79
CA SER A 1071 -2.73 21.21 58.54
C SER A 1071 -2.66 20.94 57.04
N SER A 1072 -2.58 19.66 56.68
CA SER A 1072 -2.46 19.27 55.28
C SER A 1072 -3.80 19.44 54.56
N GLY A 1073 -4.05 20.64 54.06
CA GLY A 1073 -5.20 20.89 53.21
C GLY A 1073 -6.50 21.26 53.89
N CYS A 1074 -6.49 22.32 54.69
CA CYS A 1074 -7.72 22.88 55.23
C CYS A 1074 -8.17 24.12 54.47
N GLY A 1075 -7.54 24.42 53.34
CA GLY A 1075 -7.94 25.55 52.52
C GLY A 1075 -6.85 26.58 52.27
N LYS A 1076 -5.58 26.18 52.38
CA LYS A 1076 -4.50 27.11 52.10
C LYS A 1076 -4.12 27.12 50.63
N SER A 1077 -4.36 26.01 49.92
CA SER A 1077 -4.31 26.03 48.47
C SER A 1077 -5.49 26.77 47.87
N THR A 1078 -6.57 26.96 48.64
CA THR A 1078 -7.71 27.71 48.17
C THR A 1078 -7.37 29.16 47.88
N VAL A 1079 -6.82 29.87 48.88
CA VAL A 1079 -6.69 31.31 48.80
C VAL A 1079 -5.70 31.76 47.73
N VAL A 1080 -4.80 30.88 47.31
CA VAL A 1080 -3.82 31.25 46.29
C VAL A 1080 -4.53 31.57 44.97
N GLN A 1081 -5.29 30.61 44.44
CA GLN A 1081 -5.92 30.80 43.13
C GLN A 1081 -7.03 31.85 43.16
N LEU A 1082 -7.32 32.42 44.33
CA LEU A 1082 -8.29 33.50 44.41
C LEU A 1082 -7.69 34.87 44.18
N LEU A 1083 -6.38 35.03 44.36
CA LEU A 1083 -5.73 36.31 44.17
C LEU A 1083 -5.07 36.41 42.80
N GLU A 1084 -4.61 35.29 42.25
CA GLU A 1084 -4.04 35.25 40.90
C GLU A 1084 -5.05 34.75 39.88
N ARG A 1085 -6.33 34.88 40.20
CA ARG A 1085 -7.43 34.68 39.27
C ARG A 1085 -7.30 33.42 38.43
N PHE A 1086 -7.14 32.26 39.06
CA PHE A 1086 -7.46 31.00 38.39
C PHE A 1086 -8.90 30.62 38.64
N TYR A 1087 -9.49 31.18 39.70
CA TYR A 1087 -10.80 30.79 40.17
C TYR A 1087 -11.74 31.98 40.18
N ASP A 1088 -13.03 31.70 40.02
CA ASP A 1088 -14.08 32.70 40.14
C ASP A 1088 -15.11 32.19 41.15
N PRO A 1089 -15.43 32.97 42.18
CA PRO A 1089 -16.47 32.56 43.11
C PRO A 1089 -17.83 33.12 42.73
N LEU A 1090 -18.88 32.43 43.20
CA LEU A 1090 -20.24 32.88 42.94
C LEU A 1090 -20.77 33.76 44.07
N ALA A 1091 -20.12 33.73 45.24
CA ALA A 1091 -20.55 34.51 46.40
C ALA A 1091 -19.40 35.37 46.88
N GLY A 1092 -19.71 36.27 47.81
CA GLY A 1092 -18.73 37.10 48.47
C GLY A 1092 -18.44 38.37 47.70
N LYS A 1093 -17.44 39.09 48.20
CA LYS A 1093 -16.95 40.31 47.58
C LYS A 1093 -15.50 40.54 48.00
N VAL A 1094 -14.66 40.89 47.05
CA VAL A 1094 -13.23 41.08 47.28
C VAL A 1094 -12.88 42.51 46.88
N LEU A 1095 -12.20 43.24 47.75
CA LEU A 1095 -11.81 44.61 47.50
C LEU A 1095 -10.30 44.75 47.65
N LEU A 1096 -9.60 44.84 46.52
CA LEU A 1096 -8.16 45.15 46.50
C LEU A 1096 -8.05 46.67 46.46
N ASP A 1097 -7.77 47.27 47.62
CA ASP A 1097 -7.77 48.72 47.78
C ASP A 1097 -9.13 49.31 47.43
N GLY A 1098 -10.19 48.57 47.76
CA GLY A 1098 -11.53 48.96 47.35
C GLY A 1098 -11.83 48.72 45.90
N LYS A 1099 -10.90 48.16 45.15
CA LYS A 1099 -11.05 47.93 43.71
C LYS A 1099 -11.13 46.43 43.47
N GLU A 1100 -12.30 45.97 43.05
CA GLU A 1100 -12.58 44.53 43.01
C GLU A 1100 -11.74 43.84 41.94
N ILE A 1101 -11.13 42.71 42.34
CA ILE A 1101 -10.38 41.91 41.38
C ILE A 1101 -11.31 41.27 40.36
N LYS A 1102 -12.62 41.24 40.67
CA LYS A 1102 -13.62 40.77 39.72
C LYS A 1102 -13.96 41.83 38.68
N ARG A 1103 -13.58 43.08 38.93
CA ARG A 1103 -13.64 44.13 37.92
C ARG A 1103 -12.28 44.41 37.30
N LEU A 1104 -11.23 44.46 38.12
CA LEU A 1104 -9.88 44.78 37.69
C LEU A 1104 -9.39 43.82 36.61
N ASN A 1105 -8.32 44.24 35.94
CA ASN A 1105 -7.78 43.50 34.81
C ASN A 1105 -7.27 42.13 35.26
N VAL A 1106 -7.01 41.28 34.27
CA VAL A 1106 -6.50 39.94 34.53
C VAL A 1106 -5.09 39.73 33.99
N GLN A 1107 -4.67 40.52 33.00
CA GLN A 1107 -3.26 40.53 32.63
C GLN A 1107 -2.53 41.71 33.25
N TRP A 1108 -3.20 42.87 33.30
CA TRP A 1108 -2.58 44.02 33.97
C TRP A 1108 -2.38 43.75 35.44
N LEU A 1109 -3.25 42.92 36.04
CA LEU A 1109 -3.01 42.44 37.39
C LEU A 1109 -1.71 41.65 37.48
N ARG A 1110 -1.32 40.97 36.40
CA ARG A 1110 -0.24 40.00 36.51
C ARG A 1110 1.13 40.65 36.29
N ALA A 1111 1.21 41.66 35.43
CA ALA A 1111 2.44 42.44 35.34
C ALA A 1111 2.69 43.26 36.61
N HIS A 1112 1.66 43.46 37.43
CA HIS A 1112 1.78 44.27 38.63
C HIS A 1112 2.30 43.48 39.82
N LEU A 1113 1.70 42.33 40.12
CA LEU A 1113 2.11 41.52 41.26
C LEU A 1113 2.57 40.15 40.81
N GLY A 1114 3.39 39.52 41.66
CA GLY A 1114 3.94 38.21 41.39
C GLY A 1114 4.06 37.36 42.64
N ILE A 1115 3.69 36.10 42.53
CA ILE A 1115 3.61 35.21 43.68
C ILE A 1115 4.60 34.07 43.52
N VAL A 1116 4.65 33.17 44.50
CA VAL A 1116 5.44 31.95 44.43
C VAL A 1116 4.52 30.78 44.74
N SER A 1117 4.74 29.65 44.06
CA SER A 1117 3.93 28.47 44.28
C SER A 1117 4.45 27.65 45.45
N GLN A 1118 3.85 26.48 45.66
CA GLN A 1118 4.33 25.51 46.64
C GLN A 1118 5.76 25.11 46.32
N GLU A 1119 5.99 24.59 45.12
CA GLU A 1119 7.31 24.11 44.73
C GLU A 1119 7.77 24.81 43.45
N PRO A 1120 9.08 24.92 43.24
CA PRO A 1120 9.60 25.45 41.97
C PRO A 1120 9.51 24.41 40.87
N ILE A 1121 9.06 24.84 39.69
CA ILE A 1121 9.01 24.00 38.49
C ILE A 1121 9.74 24.75 37.38
N LEU A 1122 10.36 24.00 36.46
CA LEU A 1122 11.37 24.58 35.60
C LEU A 1122 11.40 23.88 34.25
N PHE A 1123 12.38 24.28 33.44
CA PHE A 1123 12.38 24.12 31.99
C PHE A 1123 13.43 23.11 31.53
N ASP A 1124 13.39 22.83 30.24
CA ASP A 1124 14.55 22.36 29.50
C ASP A 1124 15.18 23.57 28.82
N CYS A 1125 15.80 24.39 29.66
CA CYS A 1125 16.48 25.60 29.21
C CYS A 1125 17.68 25.82 30.13
N SER A 1126 18.27 27.02 30.06
CA SER A 1126 19.36 27.36 30.96
C SER A 1126 18.82 27.79 32.32
N ILE A 1127 19.68 27.76 33.33
CA ILE A 1127 19.27 28.24 34.65
C ILE A 1127 18.99 29.72 34.60
N ALA A 1128 19.77 30.46 33.80
CA ALA A 1128 19.50 31.88 33.57
C ALA A 1128 18.11 32.08 32.98
N GLU A 1129 17.64 31.10 32.21
CA GLU A 1129 16.34 31.25 31.55
C GLU A 1129 15.19 31.27 32.56
N ASN A 1130 15.04 30.22 33.36
CA ASN A 1130 13.91 30.14 34.29
C ASN A 1130 13.93 31.32 35.27
N ILE A 1131 15.13 31.71 35.73
CA ILE A 1131 15.22 32.82 36.68
C ILE A 1131 14.90 34.14 35.99
N ALA A 1132 15.25 34.26 34.71
CA ALA A 1132 14.85 35.43 33.94
C ALA A 1132 13.45 35.26 33.37
N TYR A 1133 13.03 34.01 33.17
CA TYR A 1133 11.64 33.72 32.80
C TYR A 1133 10.67 34.46 33.70
N GLY A 1134 11.05 34.65 34.97
CA GLY A 1134 10.17 35.29 35.92
C GLY A 1134 9.60 36.62 35.46
N ASP A 1135 10.24 37.25 34.48
CA ASP A 1135 9.70 38.46 33.88
C ASP A 1135 10.02 38.46 32.40
N ASN A 1136 8.99 38.66 31.58
CA ASN A 1136 9.13 38.54 30.13
C ASN A 1136 8.63 39.79 29.43
N SER A 1137 8.54 39.72 28.10
CA SER A 1137 7.95 40.77 27.27
C SER A 1137 8.46 42.16 27.65
N ARG A 1138 9.72 42.23 28.06
CA ARG A 1138 10.37 43.47 28.44
C ARG A 1138 11.86 43.20 28.48
N VAL A 1139 12.66 44.23 28.23
CA VAL A 1139 14.11 44.06 28.14
C VAL A 1139 14.65 43.65 29.51
N VAL A 1140 15.06 42.39 29.62
CA VAL A 1140 15.61 41.88 30.87
C VAL A 1140 17.11 42.19 30.91
N SER A 1141 17.60 42.51 32.11
CA SER A 1141 19.02 42.80 32.28
C SER A 1141 19.72 41.62 32.92
N GLN A 1142 20.88 41.26 32.38
CA GLN A 1142 21.71 40.22 32.97
C GLN A 1142 22.11 40.56 34.40
N GLU A 1143 22.24 41.85 34.71
CA GLU A 1143 22.70 42.26 36.04
C GLU A 1143 21.60 42.12 37.08
N GLU A 1144 20.34 42.37 36.69
CA GLU A 1144 19.24 42.15 37.63
C GLU A 1144 19.19 40.71 38.11
N ILE A 1145 19.59 39.76 37.25
CA ILE A 1145 19.71 38.38 37.68
C ILE A 1145 20.79 38.24 38.73
N VAL A 1146 22.03 38.64 38.39
CA VAL A 1146 23.13 38.54 39.34
C VAL A 1146 22.85 39.39 40.58
N ARG A 1147 21.87 40.29 40.51
CA ARG A 1147 21.42 41.00 41.70
C ARG A 1147 20.69 40.06 42.65
N ALA A 1148 19.60 39.45 42.19
CA ALA A 1148 18.82 38.58 43.06
C ALA A 1148 19.47 37.21 43.23
N ALA A 1149 20.18 36.73 42.21
CA ALA A 1149 20.83 35.42 42.32
C ALA A 1149 21.93 35.44 43.38
N LYS A 1150 22.63 36.56 43.51
CA LYS A 1150 23.55 36.73 44.62
C LYS A 1150 22.84 37.08 45.92
N GLU A 1151 21.81 37.93 45.84
CA GLU A 1151 21.01 38.32 47.00
C GLU A 1151 20.45 37.14 47.77
N ALA A 1152 20.24 35.99 47.12
CA ALA A 1152 19.71 34.82 47.78
C ALA A 1152 20.73 33.70 47.92
N ASN A 1153 22.01 33.97 47.68
CA ASN A 1153 23.09 32.99 47.81
C ASN A 1153 22.91 31.82 46.83
N ILE A 1154 22.13 32.04 45.77
CA ILE A 1154 21.89 31.00 44.77
C ILE A 1154 22.80 31.15 43.56
N HIS A 1155 23.34 32.34 43.29
CA HIS A 1155 24.37 32.46 42.26
C HIS A 1155 25.66 31.78 42.68
N ALA A 1156 25.92 31.69 43.99
CA ALA A 1156 27.11 31.01 44.48
C ALA A 1156 27.22 29.62 43.88
N PHE A 1157 26.11 28.89 43.82
CA PHE A 1157 26.08 27.58 43.19
C PHE A 1157 25.95 27.65 41.67
N ILE A 1158 25.85 28.85 41.10
CA ILE A 1158 25.74 29.00 39.65
C ILE A 1158 27.12 29.26 39.06
N GLU A 1159 27.85 30.22 39.64
CA GLU A 1159 29.20 30.50 39.17
C GLU A 1159 30.13 29.30 39.31
N SER A 1160 29.87 28.39 40.24
CA SER A 1160 30.71 27.21 40.38
C SER A 1160 30.45 26.19 39.28
N LEU A 1161 29.17 25.95 38.95
CA LEU A 1161 28.86 24.98 37.91
C LEU A 1161 29.29 25.50 36.55
N PRO A 1162 29.99 24.69 35.76
CA PRO A 1162 30.43 25.14 34.43
C PRO A 1162 29.24 25.58 33.59
N ASN A 1163 29.49 26.56 32.73
CA ASN A 1163 28.43 27.26 32.00
C ASN A 1163 27.45 27.89 32.99
N LYS A 1164 27.99 28.85 33.75
CA LYS A 1164 27.33 29.36 34.95
C LYS A 1164 25.89 29.78 34.66
N TYR A 1165 25.72 30.79 33.83
CA TYR A 1165 24.41 31.21 33.36
C TYR A 1165 24.04 30.56 32.04
N SER A 1166 24.70 29.46 31.67
CA SER A 1166 24.52 28.87 30.35
C SER A 1166 24.47 27.35 30.39
N THR A 1167 24.11 26.76 31.52
CA THR A 1167 23.98 25.31 31.62
C THR A 1167 22.53 24.93 31.36
N LYS A 1168 22.29 24.13 30.32
CA LYS A 1168 20.95 23.65 30.03
C LYS A 1168 20.49 22.69 31.12
N VAL A 1169 19.54 23.16 31.93
CA VAL A 1169 19.10 22.43 33.12
C VAL A 1169 18.47 21.11 32.71
N GLY A 1170 18.45 20.15 33.63
CA GLY A 1170 17.72 18.92 33.42
C GLY A 1170 16.22 19.16 33.45
N ASP A 1171 15.48 18.07 33.21
CA ASP A 1171 14.03 18.19 33.12
C ASP A 1171 13.41 18.42 34.50
N LYS A 1172 12.71 19.54 34.63
CA LYS A 1172 11.82 19.83 35.76
C LYS A 1172 12.51 19.76 37.12
N GLY A 1173 13.83 19.79 37.16
CA GLY A 1173 14.53 19.77 38.43
C GLY A 1173 15.14 18.44 38.83
N THR A 1174 15.77 17.74 37.89
CA THR A 1174 16.46 16.50 38.23
C THR A 1174 17.94 16.72 38.49
N GLN A 1175 18.49 17.83 37.98
CA GLN A 1175 19.94 18.04 38.07
C GLN A 1175 20.33 18.61 39.42
N LEU A 1176 19.35 19.05 40.21
CA LEU A 1176 19.60 19.54 41.55
C LEU A 1176 18.55 19.02 42.53
N SER A 1177 18.66 19.45 43.78
CA SER A 1177 17.71 19.10 44.81
C SER A 1177 16.68 20.21 44.99
N GLY A 1178 15.90 20.11 46.06
CA GLY A 1178 14.91 21.13 46.34
C GLY A 1178 15.49 22.40 46.94
N GLY A 1179 16.37 22.26 47.93
CA GLY A 1179 16.95 23.43 48.56
C GLY A 1179 17.63 24.36 47.57
N GLN A 1180 18.16 23.80 46.48
CA GLN A 1180 18.72 24.62 45.42
C GLN A 1180 17.62 25.28 44.60
N LYS A 1181 16.50 24.59 44.40
CA LYS A 1181 15.43 25.13 43.56
C LYS A 1181 14.51 26.05 44.35
N GLN A 1182 14.34 25.79 45.65
CA GLN A 1182 13.44 26.63 46.45
C GLN A 1182 13.95 28.06 46.56
N ARG A 1183 15.24 28.27 46.26
CA ARG A 1183 15.76 29.63 46.19
C ARG A 1183 15.30 30.31 44.92
N ILE A 1184 15.49 29.67 43.76
CA ILE A 1184 15.37 30.34 42.47
C ILE A 1184 13.92 30.67 42.12
N ALA A 1185 12.95 30.01 42.75
CA ALA A 1185 11.55 30.35 42.45
C ALA A 1185 11.09 31.58 43.22
N ILE A 1186 11.37 31.64 44.52
CA ILE A 1186 11.20 32.90 45.23
C ILE A 1186 12.03 33.99 44.57
N ALA A 1187 13.25 33.66 44.12
CA ALA A 1187 14.07 34.60 43.37
C ALA A 1187 13.51 34.86 41.98
N ARG A 1188 12.71 33.94 41.44
CA ARG A 1188 12.08 34.19 40.15
C ARG A 1188 11.15 35.39 40.22
N ALA A 1189 10.16 35.37 41.09
CA ALA A 1189 9.29 36.52 41.28
C ALA A 1189 9.94 37.64 42.08
N LEU A 1190 11.17 37.42 42.57
CA LEU A 1190 11.92 38.51 43.19
C LEU A 1190 12.27 39.58 42.17
N VAL A 1191 12.71 39.17 40.97
CA VAL A 1191 13.05 40.13 39.94
C VAL A 1191 11.80 40.80 39.39
N ARG A 1192 10.62 40.24 39.65
CA ARG A 1192 9.38 40.83 39.15
C ARG A 1192 9.15 42.21 39.75
N GLN A 1193 9.60 42.41 40.99
CA GLN A 1193 9.40 43.65 41.74
C GLN A 1193 7.91 43.98 41.82
N PRO A 1194 7.12 43.18 42.52
CA PRO A 1194 5.68 43.43 42.60
C PRO A 1194 5.32 44.45 43.66
N HIS A 1195 4.02 44.64 43.84
CA HIS A 1195 3.49 45.41 44.96
C HIS A 1195 2.67 44.57 45.92
N ILE A 1196 2.75 43.24 45.82
CA ILE A 1196 2.11 42.32 46.76
C ILE A 1196 3.02 41.09 46.87
N LEU A 1197 3.42 40.75 48.09
CA LEU A 1197 4.27 39.59 48.33
C LEU A 1197 3.43 38.43 48.83
N LEU A 1198 3.61 37.26 48.21
CA LEU A 1198 2.89 36.05 48.57
C LEU A 1198 3.82 34.85 48.51
N LEU A 1199 3.90 34.10 49.61
CA LEU A 1199 4.61 32.83 49.63
C LEU A 1199 3.70 31.75 50.18
N ASP A 1200 4.02 30.50 49.84
CA ASP A 1200 3.24 29.33 50.23
C ASP A 1200 4.19 28.14 50.29
N GLU A 1201 4.41 27.62 51.49
CA GLU A 1201 5.36 26.52 51.71
C GLU A 1201 6.73 26.87 51.15
N ALA A 1202 7.29 27.97 51.67
CA ALA A 1202 8.60 28.44 51.23
C ALA A 1202 9.75 27.76 51.96
N THR A 1203 9.49 27.12 53.09
CA THR A 1203 10.49 26.36 53.83
C THR A 1203 10.21 24.86 53.69
N SER A 1204 9.57 24.47 52.59
CA SER A 1204 9.21 23.07 52.38
C SER A 1204 10.44 22.19 52.33
N ALA A 1205 11.31 22.38 51.34
CA ALA A 1205 12.54 21.61 51.19
C ALA A 1205 13.69 22.61 51.08
N LEU A 1206 14.21 23.05 52.22
CA LEU A 1206 15.25 24.08 52.25
C LEU A 1206 15.99 23.98 53.57
N ASP A 1207 17.26 24.36 53.54
CA ASP A 1207 18.13 24.26 54.70
C ASP A 1207 17.78 25.34 55.73
N THR A 1208 17.77 24.95 57.00
CA THR A 1208 17.50 25.90 58.08
C THR A 1208 18.48 27.06 58.08
N GLU A 1209 19.62 26.92 57.41
CA GLU A 1209 20.57 28.02 57.27
C GLU A 1209 20.43 28.74 55.93
N SER A 1210 19.64 28.19 55.01
CA SER A 1210 19.26 28.92 53.80
C SER A 1210 17.88 29.53 53.91
N GLU A 1211 17.05 29.05 54.84
CA GLU A 1211 15.76 29.70 55.09
C GLU A 1211 15.93 31.11 55.64
N LYS A 1212 17.13 31.45 56.11
CA LYS A 1212 17.45 32.82 56.47
C LYS A 1212 17.73 33.69 55.25
N VAL A 1213 18.63 33.25 54.37
CA VAL A 1213 18.95 34.01 53.17
C VAL A 1213 17.79 34.00 52.18
N VAL A 1214 16.81 33.11 52.35
CA VAL A 1214 15.64 33.11 51.48
C VAL A 1214 14.54 33.98 52.09
N GLN A 1215 14.49 34.04 53.43
CA GLN A 1215 13.53 34.92 54.09
C GLN A 1215 14.05 36.34 54.21
N GLU A 1216 15.38 36.51 54.16
CA GLU A 1216 15.93 37.86 54.11
C GLU A 1216 15.67 38.51 52.77
N ALA A 1217 15.46 37.69 51.73
CA ALA A 1217 15.01 38.22 50.45
C ALA A 1217 13.65 38.89 50.57
N LEU A 1218 12.82 38.45 51.52
CA LEU A 1218 11.60 39.14 51.86
C LEU A 1218 11.85 40.45 52.60
N ASP A 1219 12.51 40.38 53.75
CA ASP A 1219 12.44 41.46 54.73
C ASP A 1219 12.91 42.79 54.14
N LYS A 1220 14.07 42.79 53.49
CA LYS A 1220 14.55 44.03 52.88
C LYS A 1220 13.75 44.41 51.64
N ALA A 1221 12.87 43.53 51.15
CA ALA A 1221 11.99 43.83 50.04
C ALA A 1221 10.51 43.71 50.40
N ARG A 1222 10.18 43.38 51.65
CA ARG A 1222 8.78 43.34 52.09
C ARG A 1222 8.07 44.65 51.81
N GLU A 1223 8.81 45.76 51.87
CA GLU A 1223 8.31 47.12 51.70
C GLU A 1223 7.35 47.27 50.52
N GLY A 1224 6.29 48.04 50.71
CA GLY A 1224 5.37 48.36 49.64
C GLY A 1224 4.40 47.26 49.26
N ARG A 1225 4.69 46.03 49.67
CA ARG A 1225 3.93 44.87 49.21
C ARG A 1225 3.06 44.31 50.34
N THR A 1226 1.87 43.85 49.97
CA THR A 1226 0.96 43.20 50.90
C THR A 1226 1.47 41.81 51.20
N CYS A 1227 2.36 41.70 52.18
CA CYS A 1227 3.14 40.50 52.42
C CYS A 1227 2.30 39.44 53.10
N ILE A 1228 2.17 38.28 52.48
CA ILE A 1228 1.38 37.18 53.01
C ILE A 1228 2.23 35.93 52.95
N VAL A 1229 2.90 35.61 54.05
CA VAL A 1229 3.79 34.45 54.13
C VAL A 1229 2.99 33.30 54.71
N ILE A 1230 3.18 32.11 54.15
CA ILE A 1230 2.54 30.89 54.61
C ILE A 1230 3.58 29.78 54.57
N ALA A 1231 3.91 29.23 55.75
CA ALA A 1231 4.81 28.09 55.85
C ALA A 1231 4.22 27.12 56.85
N HIS A 1232 4.89 25.97 57.01
CA HIS A 1232 4.45 24.97 57.98
C HIS A 1232 5.03 25.17 59.37
N ARG A 1233 6.35 25.16 59.51
CA ARG A 1233 6.99 25.43 60.79
C ARG A 1233 6.88 26.92 61.10
N LEU A 1234 6.56 27.22 62.36
CA LEU A 1234 6.29 28.58 62.77
C LEU A 1234 7.55 29.42 62.91
N SER A 1235 8.72 28.87 62.55
CA SER A 1235 9.98 29.60 62.70
C SER A 1235 9.95 30.93 61.95
N THR A 1236 9.48 30.91 60.71
CA THR A 1236 9.35 32.13 59.93
C THR A 1236 8.01 32.84 60.14
N ILE A 1237 7.03 32.15 60.73
CA ILE A 1237 5.72 32.77 60.95
C ILE A 1237 5.73 33.65 62.19
N GLN A 1238 6.49 33.28 63.22
CA GLN A 1238 6.48 34.06 64.47
C GLN A 1238 6.98 35.49 64.27
N ASN A 1239 7.67 35.78 63.17
CA ASN A 1239 8.07 37.13 62.84
C ASN A 1239 7.13 37.82 61.87
N ALA A 1240 6.17 37.08 61.30
CA ALA A 1240 5.14 37.68 60.47
C ALA A 1240 4.24 38.56 61.31
N ASP A 1241 3.83 39.70 60.72
CA ASP A 1241 3.13 40.74 61.46
C ASP A 1241 1.81 40.24 62.05
N LEU A 1242 0.85 39.89 61.19
CA LEU A 1242 -0.50 39.54 61.62
C LEU A 1242 -0.73 38.06 61.37
N ILE A 1243 -1.25 37.36 62.37
CA ILE A 1243 -1.42 35.91 62.31
C ILE A 1243 -2.89 35.58 62.12
N VAL A 1244 -3.20 34.86 61.04
CA VAL A 1244 -4.55 34.40 60.74
C VAL A 1244 -4.49 32.88 60.61
N VAL A 1245 -4.75 32.18 61.70
CA VAL A 1245 -4.83 30.72 61.69
C VAL A 1245 -6.22 30.32 61.25
N PHE A 1246 -6.33 29.18 60.57
CA PHE A 1246 -7.59 28.74 59.99
C PHE A 1246 -7.98 27.37 60.50
N GLN A 1247 -9.28 27.06 60.37
CA GLN A 1247 -9.77 25.70 60.60
C GLN A 1247 -11.08 25.54 59.83
N ASN A 1248 -11.00 24.91 58.66
CA ASN A 1248 -12.18 24.44 57.93
C ASN A 1248 -13.19 25.55 57.65
N GLY A 1249 -12.75 26.58 56.94
CA GLY A 1249 -13.64 27.62 56.43
C GLY A 1249 -13.83 28.80 57.36
N ARG A 1250 -14.06 28.55 58.65
CA ARG A 1250 -14.22 29.62 59.61
C ARG A 1250 -12.87 30.20 59.99
N VAL A 1251 -12.80 31.53 60.06
CA VAL A 1251 -11.54 32.20 60.40
C VAL A 1251 -11.28 31.93 61.88
N LYS A 1252 -10.35 31.02 62.17
CA LYS A 1252 -10.10 30.58 63.53
C LYS A 1252 -9.66 31.74 64.40
N GLU A 1253 -8.76 32.57 63.90
CA GLU A 1253 -8.32 33.77 64.60
C GLU A 1253 -7.65 34.72 63.63
N HIS A 1254 -7.64 36.00 64.02
CA HIS A 1254 -6.96 37.05 63.27
C HIS A 1254 -6.64 38.19 64.23
N GLY A 1255 -5.44 38.76 64.14
CA GLY A 1255 -5.02 39.84 65.00
C GLY A 1255 -3.60 39.66 65.50
N THR A 1256 -3.22 40.53 66.43
CA THR A 1256 -1.89 40.51 67.03
C THR A 1256 -1.57 39.14 67.62
N HIS A 1257 -0.28 38.82 67.74
CA HIS A 1257 0.13 37.52 68.22
C HIS A 1257 -0.28 37.24 69.65
N GLN A 1258 -0.17 38.23 70.55
CA GLN A 1258 -0.50 38.00 71.94
C GLN A 1258 -2.01 37.90 72.15
N GLN A 1259 -2.79 38.27 71.13
CA GLN A 1259 -4.21 37.94 71.13
C GLN A 1259 -4.39 36.44 70.96
N LEU A 1260 -3.38 35.77 70.41
CA LEU A 1260 -3.44 34.32 70.21
C LEU A 1260 -2.80 33.56 71.37
N LEU A 1261 -2.08 34.25 72.24
CA LEU A 1261 -1.32 33.60 73.31
C LEU A 1261 -1.94 33.75 74.69
N ALA A 1262 -2.51 34.91 75.03
CA ALA A 1262 -3.19 35.07 76.30
C ALA A 1262 -4.46 34.24 76.34
N GLN A 1263 -5.22 34.25 75.25
CA GLN A 1263 -6.32 33.31 75.07
C GLN A 1263 -5.81 32.09 74.33
N LYS A 1264 -5.59 31.00 75.04
CA LYS A 1264 -4.91 29.82 74.51
C LYS A 1264 -5.92 28.96 73.76
N GLY A 1265 -5.52 28.45 72.60
CA GLY A 1265 -6.40 27.62 71.79
C GLY A 1265 -5.66 26.57 70.98
N ILE A 1266 -6.13 26.34 69.74
CA ILE A 1266 -5.50 25.33 68.88
C ILE A 1266 -4.12 25.78 68.44
N TYR A 1267 -3.84 27.09 68.54
CA TYR A 1267 -2.49 27.57 68.26
C TYR A 1267 -1.55 27.29 69.41
N PHE A 1268 -2.05 27.37 70.65
CA PHE A 1268 -1.24 27.05 71.83
C PHE A 1268 -0.62 25.65 71.70
N SER A 1269 -1.26 24.77 70.93
CA SER A 1269 -0.69 23.45 70.68
C SER A 1269 0.17 23.43 69.42
N MET A 1270 -0.17 24.26 68.44
CA MET A 1270 0.49 24.16 67.14
C MET A 1270 1.94 24.63 67.20
N VAL A 1271 2.29 25.44 68.20
CA VAL A 1271 3.69 25.77 68.45
C VAL A 1271 4.33 24.87 69.48
N SER A 1272 3.69 23.75 69.82
CA SER A 1272 4.16 22.88 70.90
C SER A 1272 4.66 21.52 70.39
N VAL A 1273 5.17 21.46 69.16
CA VAL A 1273 5.65 20.20 68.61
C VAL A 1273 7.05 19.90 69.12
N GLN A 1274 8.01 20.78 68.78
CA GLN A 1274 9.39 20.54 69.17
C GLN A 1274 10.11 21.81 69.64
N ALA A 1275 9.46 22.63 70.48
CA ALA A 1275 10.08 23.85 70.97
C ALA A 1275 11.25 23.51 71.89
N GLY A 1276 12.20 24.44 71.97
CA GLY A 1276 13.37 24.25 72.81
C GLY A 1276 13.43 25.18 74.01
N ASP B 1 20.66 -3.30 -54.46
CA ASP B 1 19.60 -4.28 -54.27
C ASP B 1 20.16 -5.68 -54.11
N VAL B 2 19.34 -6.66 -54.48
CA VAL B 2 19.74 -8.05 -54.60
C VAL B 2 19.00 -8.61 -55.80
N LEU B 3 19.74 -9.08 -56.79
CA LEU B 3 19.14 -9.52 -58.05
C LEU B 3 19.27 -11.03 -58.14
N MET B 4 18.16 -11.71 -58.35
CA MET B 4 18.09 -13.15 -58.37
C MET B 4 18.03 -13.63 -59.81
N THR B 5 19.02 -14.39 -60.22
CA THR B 5 19.02 -14.94 -61.56
C THR B 5 18.54 -16.38 -61.54
N GLN B 6 18.19 -16.90 -62.71
CA GLN B 6 17.71 -18.26 -62.87
C GLN B 6 18.31 -18.80 -64.16
N THR B 7 19.33 -19.65 -64.03
CA THR B 7 20.18 -19.96 -65.17
C THR B 7 19.45 -20.67 -66.31
N PRO B 8 18.66 -21.72 -66.09
CA PRO B 8 17.92 -22.30 -67.22
C PRO B 8 16.76 -21.40 -67.63
N VAL B 9 16.45 -21.42 -68.92
CA VAL B 9 15.35 -20.65 -69.48
C VAL B 9 14.38 -21.55 -70.24
N SER B 10 14.88 -22.31 -71.19
CA SER B 10 14.06 -23.21 -71.99
C SER B 10 14.34 -24.64 -71.52
N LEU B 11 13.36 -25.23 -70.85
CA LEU B 11 13.45 -26.62 -70.40
C LEU B 11 12.66 -27.51 -71.35
N SER B 12 13.29 -28.58 -71.81
CA SER B 12 12.62 -29.55 -72.67
C SER B 12 12.51 -30.85 -71.88
N VAL B 13 11.47 -30.92 -71.05
CA VAL B 13 11.24 -32.10 -70.22
C VAL B 13 10.23 -33.05 -70.85
N SER B 14 10.46 -34.34 -70.68
CA SER B 14 9.56 -35.36 -71.22
C SER B 14 8.78 -36.00 -70.08
N LEU B 15 7.55 -36.40 -70.37
CA LEU B 15 6.69 -37.02 -69.36
C LEU B 15 7.38 -38.21 -68.68
N GLY B 16 7.64 -38.07 -67.39
CA GLY B 16 8.28 -39.13 -66.62
C GLY B 16 9.72 -38.80 -66.25
N ASP B 17 10.26 -37.75 -66.86
CA ASP B 17 11.63 -37.34 -66.59
C ASP B 17 11.72 -36.38 -65.40
N GLN B 18 12.90 -35.80 -65.20
CA GLN B 18 13.12 -34.86 -64.10
C GLN B 18 13.46 -33.48 -64.63
N ALA B 19 13.55 -32.51 -63.73
CA ALA B 19 13.87 -31.15 -64.10
C ALA B 19 14.50 -30.43 -62.92
N SER B 20 15.52 -29.62 -63.20
CA SER B 20 16.31 -28.93 -62.19
C SER B 20 16.42 -27.46 -62.56
N ILE B 21 15.83 -26.59 -61.75
CA ILE B 21 15.73 -25.16 -62.03
C ILE B 21 16.45 -24.42 -60.93
N SER B 22 17.56 -23.75 -61.27
CA SER B 22 18.40 -23.10 -60.28
C SER B 22 17.89 -21.69 -59.99
N CYS B 23 18.41 -21.09 -58.93
CA CYS B 23 18.14 -19.69 -58.58
C CYS B 23 19.35 -19.23 -57.79
N ARG B 24 20.26 -18.51 -58.46
CA ARG B 24 21.58 -18.18 -57.93
C ARG B 24 21.63 -16.74 -57.48
N SER B 25 21.37 -16.48 -56.21
CA SER B 25 21.29 -15.10 -55.74
C SER B 25 22.64 -14.42 -55.88
N SER B 26 22.69 -13.13 -55.55
CA SER B 26 23.92 -12.34 -55.72
C SER B 26 24.52 -11.95 -54.38
N GLN B 27 23.78 -11.26 -53.52
CA GLN B 27 24.10 -11.16 -52.11
C GLN B 27 23.64 -12.45 -51.43
N SER B 28 23.94 -12.59 -50.14
CA SER B 28 23.65 -13.83 -49.43
C SER B 28 22.41 -13.67 -48.57
N ILE B 29 21.41 -14.52 -48.84
CA ILE B 29 20.07 -14.36 -48.28
C ILE B 29 19.99 -15.04 -46.91
N VAL B 30 20.08 -14.21 -45.87
CA VAL B 30 20.02 -14.62 -44.44
C VAL B 30 19.41 -13.47 -43.65
N HIS B 31 18.24 -13.69 -43.04
CA HIS B 31 17.51 -12.66 -42.25
C HIS B 31 18.17 -12.48 -40.87
N SER B 32 17.86 -11.37 -40.18
CA SER B 32 18.41 -11.05 -38.84
C SER B 32 18.01 -12.15 -37.85
N THR B 33 16.77 -12.64 -37.96
CA THR B 33 16.22 -13.74 -37.12
C THR B 33 17.04 -15.02 -37.37
N GLY B 34 17.46 -15.25 -38.61
CA GLY B 34 18.23 -16.44 -39.01
C GLY B 34 17.43 -17.33 -39.96
N ASN B 35 16.18 -16.95 -40.22
CA ASN B 35 15.33 -17.68 -41.20
C ASN B 35 15.73 -17.25 -42.61
N THR B 36 15.46 -18.07 -43.62
CA THR B 36 15.77 -17.73 -45.02
C THR B 36 14.50 -17.85 -45.86
N TYR B 37 13.93 -16.73 -46.31
CA TYR B 37 12.69 -16.82 -47.07
C TYR B 37 12.98 -16.85 -48.55
N LEU B 38 12.53 -17.89 -49.23
CA LEU B 38 12.68 -17.96 -50.68
C LEU B 38 11.62 -18.91 -51.21
N GLU B 39 10.57 -18.38 -51.81
CA GLU B 39 9.41 -19.18 -52.17
C GLU B 39 9.41 -19.42 -53.66
N TRP B 40 8.68 -20.42 -54.13
CA TRP B 40 8.64 -20.60 -55.57
C TRP B 40 7.22 -20.44 -56.03
N TYR B 41 7.04 -19.80 -57.18
CA TYR B 41 5.72 -19.49 -57.67
C TYR B 41 5.59 -20.07 -59.07
N LEU B 42 4.38 -20.49 -59.40
CA LEU B 42 4.10 -21.08 -60.69
C LEU B 42 2.97 -20.31 -61.35
N GLN B 43 3.08 -20.10 -62.65
CA GLN B 43 2.02 -19.45 -63.41
C GLN B 43 1.66 -20.34 -64.57
N LYS B 44 0.46 -20.91 -64.54
CA LYS B 44 0.00 -21.67 -65.67
C LYS B 44 -0.68 -20.74 -66.67
N PRO B 45 -0.59 -21.05 -67.97
CA PRO B 45 -1.06 -20.08 -68.97
C PRO B 45 -2.42 -19.48 -68.68
N GLY B 46 -2.43 -18.17 -68.47
CA GLY B 46 -3.64 -17.40 -68.31
C GLY B 46 -4.30 -17.53 -66.96
N GLN B 47 -3.52 -17.45 -65.89
CA GLN B 47 -4.06 -17.53 -64.55
C GLN B 47 -3.14 -16.77 -63.60
N SER B 48 -3.66 -16.45 -62.43
CA SER B 48 -2.83 -15.88 -61.40
C SER B 48 -1.83 -16.92 -60.92
N PRO B 49 -0.57 -16.56 -60.68
CA PRO B 49 0.39 -17.52 -60.13
C PRO B 49 -0.10 -18.08 -58.80
N LYS B 50 0.39 -19.26 -58.46
CA LYS B 50 0.03 -19.92 -57.22
C LYS B 50 1.28 -20.27 -56.41
N LEU B 51 1.18 -20.16 -55.10
CA LEU B 51 2.31 -20.46 -54.23
C LEU B 51 2.65 -21.95 -54.25
N LEU B 52 3.93 -22.26 -54.38
CA LEU B 52 4.38 -23.65 -54.40
C LEU B 52 4.96 -24.05 -53.06
N ILE B 53 6.21 -23.68 -52.82
CA ILE B 53 6.88 -24.00 -51.57
C ILE B 53 7.47 -22.77 -50.91
N TYR B 54 7.10 -22.52 -49.65
CA TYR B 54 7.60 -21.36 -48.92
C TYR B 54 8.95 -21.65 -48.25
N LYS B 55 9.47 -20.66 -47.52
CA LYS B 55 10.79 -20.77 -46.83
C LYS B 55 11.84 -21.28 -47.83
N ILE B 56 12.39 -22.47 -47.58
CA ILE B 56 13.42 -23.07 -48.49
C ILE B 56 12.97 -24.47 -48.90
N SER B 57 12.62 -25.31 -47.91
CA SER B 57 12.17 -26.70 -48.18
C SER B 57 10.83 -26.96 -47.50
N ASN B 58 9.73 -26.52 -48.13
CA ASN B 58 8.35 -26.70 -47.60
C ASN B 58 7.37 -26.79 -48.77
N ARG B 59 6.13 -27.20 -48.53
CA ARG B 59 5.16 -27.28 -49.60
C ARG B 59 3.84 -26.70 -49.15
N PHE B 60 3.29 -25.81 -49.96
CA PHE B 60 1.97 -25.27 -49.69
C PHE B 60 0.98 -26.42 -49.63
N SER B 61 -0.02 -26.29 -48.77
CA SER B 61 -0.99 -27.37 -48.63
C SER B 61 -1.73 -27.58 -49.95
N GLY B 62 -1.43 -28.67 -50.64
CA GLY B 62 -2.10 -28.97 -51.88
C GLY B 62 -1.19 -29.15 -53.09
N VAL B 63 0.04 -29.58 -52.83
CA VAL B 63 0.99 -29.79 -53.91
C VAL B 63 1.47 -31.24 -53.91
N PRO B 64 1.97 -31.71 -55.06
CA PRO B 64 2.49 -33.07 -55.22
C PRO B 64 3.81 -33.28 -54.49
N ASP B 65 4.18 -34.54 -54.28
CA ASP B 65 5.42 -34.88 -53.58
C ASP B 65 6.65 -34.91 -54.49
N ARG B 66 6.45 -34.67 -55.78
CA ARG B 66 7.54 -34.67 -56.74
C ARG B 66 8.33 -33.37 -56.68
N PHE B 67 7.72 -32.33 -56.13
CA PHE B 67 8.36 -31.02 -56.02
C PHE B 67 9.35 -30.99 -54.86
N SER B 68 10.62 -30.80 -55.18
CA SER B 68 11.67 -30.74 -54.16
C SER B 68 12.45 -29.44 -54.27
N GLY B 69 12.93 -28.95 -53.11
CA GLY B 69 13.72 -27.70 -53.06
C GLY B 69 14.79 -27.77 -52.00
N SER B 70 16.06 -27.76 -52.41
CA SER B 70 17.19 -27.84 -51.45
C SER B 70 18.28 -26.84 -51.85
N GLY B 71 19.13 -26.45 -50.88
CA GLY B 71 20.23 -25.50 -51.13
C GLY B 71 20.58 -24.72 -49.88
N SER B 72 21.60 -23.84 -49.97
CA SER B 72 22.05 -23.03 -48.82
C SER B 72 22.75 -21.76 -49.32
N GLY B 73 22.88 -20.75 -48.45
CA GLY B 73 23.54 -19.49 -48.83
C GLY B 73 22.84 -18.78 -49.97
N THR B 74 23.58 -18.41 -51.01
CA THR B 74 23.03 -17.67 -52.18
C THR B 74 22.58 -18.63 -53.30
N ASP B 75 22.74 -19.95 -53.11
CA ASP B 75 22.36 -20.89 -54.19
C ASP B 75 21.12 -21.72 -53.77
N PHE B 76 20.07 -21.69 -54.60
CA PHE B 76 18.82 -22.46 -54.34
C PHE B 76 18.39 -23.16 -55.64
N THR B 77 17.86 -24.38 -55.53
CA THR B 77 17.42 -25.13 -56.73
C THR B 77 16.06 -25.79 -56.49
N LEU B 78 15.33 -26.06 -57.58
CA LEU B 78 13.99 -26.70 -57.54
C LEU B 78 14.02 -27.92 -58.47
N LYS B 79 13.41 -29.04 -58.08
CA LYS B 79 13.45 -30.23 -58.90
C LYS B 79 12.06 -30.82 -58.99
N ILE B 80 11.75 -31.36 -60.17
CA ILE B 80 10.45 -31.93 -60.46
C ILE B 80 10.69 -33.31 -61.05
N SER B 81 10.06 -34.32 -60.47
CA SER B 81 10.18 -35.69 -60.96
C SER B 81 8.84 -36.09 -61.58
N ARG B 82 8.90 -36.96 -62.59
CA ARG B 82 7.70 -37.44 -63.29
C ARG B 82 6.80 -36.28 -63.72
N VAL B 83 7.29 -35.45 -64.63
CA VAL B 83 6.54 -34.30 -65.14
C VAL B 83 5.23 -34.72 -65.80
N GLU B 84 4.13 -34.17 -65.30
CA GLU B 84 2.81 -34.46 -65.85
C GLU B 84 2.24 -33.20 -66.47
N ALA B 85 1.58 -33.34 -67.61
CA ALA B 85 1.07 -32.22 -68.39
C ALA B 85 0.33 -31.19 -67.55
N GLU B 86 -0.20 -31.61 -66.40
CA GLU B 86 -0.82 -30.67 -65.48
C GLU B 86 0.21 -29.72 -64.87
N ASP B 87 1.47 -29.84 -65.25
CA ASP B 87 2.55 -29.03 -64.71
C ASP B 87 3.30 -28.41 -65.89
N LEU B 88 2.91 -27.19 -66.24
CA LEU B 88 3.44 -26.54 -67.42
C LEU B 88 3.17 -25.06 -67.27
N GLY B 89 4.22 -24.26 -67.15
CA GLY B 89 4.06 -22.83 -66.92
C GLY B 89 5.37 -22.11 -66.76
N VAL B 90 5.36 -21.02 -65.99
CA VAL B 90 6.56 -20.22 -65.76
C VAL B 90 6.80 -20.13 -64.25
N TYR B 91 8.06 -20.30 -63.86
CA TYR B 91 8.45 -20.45 -62.45
C TYR B 91 9.27 -19.26 -61.99
N TYR B 92 8.88 -18.65 -60.88
CA TYR B 92 9.51 -17.45 -60.35
C TYR B 92 10.02 -17.71 -58.95
N CYS B 93 11.26 -17.32 -58.65
CA CYS B 93 11.82 -17.57 -57.32
C CYS B 93 11.81 -16.30 -56.48
N PHE B 94 10.71 -16.07 -55.78
CA PHE B 94 10.61 -14.88 -54.96
C PHE B 94 11.51 -15.01 -53.74
N GLN B 95 11.94 -13.87 -53.20
CA GLN B 95 12.77 -13.84 -52.01
C GLN B 95 12.41 -12.62 -51.18
N ALA B 96 12.33 -12.76 -49.87
CA ALA B 96 11.85 -11.67 -49.04
C ALA B 96 12.79 -11.33 -47.90
N SER B 97 14.10 -11.48 -48.10
CA SER B 97 15.02 -11.24 -46.99
C SER B 97 15.41 -9.77 -46.85
N HIS B 98 15.41 -9.01 -47.95
CA HIS B 98 15.90 -7.64 -47.92
C HIS B 98 14.84 -6.68 -48.43
N ALA B 99 14.84 -5.47 -47.88
CA ALA B 99 13.70 -4.56 -47.87
C ALA B 99 13.10 -4.23 -49.22
N PRO B 100 13.83 -4.29 -50.35
CA PRO B 100 13.13 -4.47 -51.62
C PRO B 100 12.95 -5.95 -51.94
N ARG B 101 11.72 -6.43 -52.00
CA ARG B 101 11.45 -7.81 -52.35
C ARG B 101 11.53 -7.96 -53.86
N THR B 102 12.22 -8.97 -54.33
CA THR B 102 12.48 -9.09 -55.76
C THR B 102 12.13 -10.47 -56.25
N PHE B 103 11.30 -10.55 -57.27
CA PHE B 103 11.09 -11.79 -57.97
C PHE B 103 12.32 -12.12 -58.82
N GLY B 104 12.20 -13.16 -59.63
CA GLY B 104 13.25 -13.55 -60.53
C GLY B 104 12.77 -13.48 -61.96
N GLY B 105 13.68 -13.79 -62.87
CA GLY B 105 13.35 -13.73 -64.28
C GLY B 105 12.18 -14.63 -64.62
N GLY B 106 12.39 -15.94 -64.54
CA GLY B 106 11.34 -16.85 -64.88
C GLY B 106 11.83 -17.92 -65.83
N THR B 107 11.41 -19.15 -65.61
CA THR B 107 11.81 -20.27 -66.44
C THR B 107 10.59 -20.82 -67.16
N LYS B 108 10.75 -21.09 -68.45
CA LYS B 108 9.69 -21.67 -69.26
C LYS B 108 9.89 -23.17 -69.27
N LEU B 109 8.79 -23.91 -69.15
CA LEU B 109 8.84 -25.38 -69.16
C LEU B 109 8.10 -25.95 -70.35
N GLU B 110 8.84 -26.35 -71.38
CA GLU B 110 8.25 -26.91 -72.59
C GLU B 110 8.36 -28.43 -72.64
N ILE B 111 7.29 -29.11 -72.26
CA ILE B 111 7.26 -30.57 -72.28
C ILE B 111 7.39 -31.09 -73.70
N LYS B 112 8.20 -32.13 -73.89
CA LYS B 112 8.41 -32.72 -75.20
C LYS B 112 7.16 -33.43 -75.72
N ARG B 113 6.89 -33.27 -77.02
CA ARG B 113 5.74 -33.92 -77.65
C ARG B 113 6.12 -34.39 -79.05
N ALA B 114 5.43 -35.41 -79.53
CA ALA B 114 5.70 -35.96 -80.87
C ALA B 114 5.39 -34.93 -81.96
N ASP B 115 6.22 -34.91 -82.99
CA ASP B 115 6.03 -33.98 -84.11
C ASP B 115 4.69 -34.20 -84.79
N ALA B 116 4.07 -33.11 -85.24
CA ALA B 116 2.78 -33.19 -85.92
C ALA B 116 2.65 -32.08 -86.96
N ALA B 117 2.01 -32.40 -88.08
CA ALA B 117 1.82 -31.44 -89.16
C ALA B 117 0.58 -30.61 -88.86
N PRO B 118 0.66 -29.28 -88.98
CA PRO B 118 -0.48 -28.45 -88.60
C PRO B 118 -1.65 -28.63 -89.56
N THR B 119 -2.84 -28.79 -88.97
CA THR B 119 -4.08 -28.89 -89.75
C THR B 119 -4.47 -27.48 -90.16
N VAL B 120 -3.89 -27.03 -91.27
CA VAL B 120 -4.09 -25.67 -91.75
C VAL B 120 -5.54 -25.49 -92.18
N SER B 121 -6.02 -24.25 -92.09
CA SER B 121 -7.38 -23.92 -92.51
C SER B 121 -7.45 -22.43 -92.79
N ILE B 122 -7.78 -22.08 -94.02
CA ILE B 122 -7.98 -20.69 -94.42
C ILE B 122 -9.41 -20.31 -94.10
N PHE B 123 -9.67 -19.00 -94.03
CA PHE B 123 -11.01 -18.52 -93.72
C PHE B 123 -11.36 -17.36 -94.65
N PRO B 124 -12.39 -17.50 -95.47
CA PRO B 124 -12.79 -16.42 -96.38
C PRO B 124 -13.33 -15.23 -95.59
N PRO B 125 -13.35 -14.04 -96.20
CA PRO B 125 -13.76 -12.85 -95.46
C PRO B 125 -15.26 -12.63 -95.54
N SER B 126 -15.81 -12.07 -94.47
CA SER B 126 -17.21 -11.67 -94.46
C SER B 126 -17.39 -10.43 -95.32
N SER B 127 -18.59 -10.28 -95.89
CA SER B 127 -18.88 -9.11 -96.71
C SER B 127 -18.99 -7.85 -95.87
N GLU B 128 -19.09 -7.98 -94.55
CA GLU B 128 -19.28 -6.83 -93.69
C GLU B 128 -18.04 -5.93 -93.69
N GLN B 129 -16.88 -6.50 -93.35
CA GLN B 129 -15.65 -5.73 -93.46
C GLN B 129 -15.31 -5.41 -94.91
N LEU B 130 -15.79 -6.23 -95.85
CA LEU B 130 -15.67 -5.89 -97.27
C LEU B 130 -16.45 -4.63 -97.59
N THR B 131 -17.69 -4.54 -97.11
CA THR B 131 -18.50 -3.35 -97.33
C THR B 131 -17.84 -2.10 -96.75
N SER B 132 -17.14 -2.25 -95.63
CA SER B 132 -16.47 -1.14 -94.97
C SER B 132 -15.09 -0.86 -95.53
N GLY B 133 -14.49 -1.81 -96.23
CA GLY B 133 -13.18 -1.61 -96.79
C GLY B 133 -12.07 -2.43 -96.17
N GLY B 134 -12.38 -3.62 -95.65
CA GLY B 134 -11.37 -4.47 -95.05
C GLY B 134 -11.46 -5.91 -95.48
N ALA B 135 -10.34 -6.63 -95.39
CA ALA B 135 -10.28 -8.04 -95.75
C ALA B 135 -9.93 -8.85 -94.52
N SER B 136 -10.85 -9.73 -94.10
CA SER B 136 -10.69 -10.50 -92.87
C SER B 136 -10.47 -11.96 -93.23
N VAL B 137 -9.22 -12.33 -93.47
CA VAL B 137 -8.87 -13.71 -93.79
C VAL B 137 -7.70 -14.14 -92.90
N VAL B 138 -7.82 -15.32 -92.31
CA VAL B 138 -6.86 -15.82 -91.34
C VAL B 138 -6.57 -17.28 -91.66
N CYS B 139 -5.48 -17.81 -91.09
CA CYS B 139 -5.08 -19.20 -91.30
C CYS B 139 -4.60 -19.75 -89.97
N PHE B 140 -5.45 -20.53 -89.31
CA PHE B 140 -5.17 -21.06 -87.98
C PHE B 140 -4.38 -22.34 -88.10
N LEU B 141 -3.06 -22.26 -87.90
CA LEU B 141 -2.17 -23.41 -87.99
C LEU B 141 -2.26 -24.18 -86.66
N ASN B 142 -3.23 -25.08 -86.61
CA ASN B 142 -3.59 -25.72 -85.35
C ASN B 142 -2.75 -26.95 -85.07
N ASN B 143 -2.63 -27.27 -83.78
CA ASN B 143 -2.14 -28.56 -83.28
C ASN B 143 -0.85 -29.05 -83.93
N PHE B 144 0.26 -28.36 -83.70
CA PHE B 144 1.54 -28.77 -84.25
C PHE B 144 2.62 -28.79 -83.16
N TYR B 145 3.76 -29.39 -83.51
CA TYR B 145 4.95 -29.41 -82.69
C TYR B 145 6.13 -29.73 -83.59
N PRO B 146 7.33 -29.14 -83.34
CA PRO B 146 7.74 -28.24 -82.25
C PRO B 146 7.11 -26.86 -82.28
N LYS B 147 7.52 -26.03 -81.33
CA LYS B 147 6.84 -24.75 -81.11
C LYS B 147 6.91 -23.85 -82.34
N ASP B 148 8.02 -23.91 -83.07
CA ASP B 148 8.22 -22.99 -84.18
C ASP B 148 7.61 -23.53 -85.47
N ILE B 149 6.95 -22.65 -86.22
CA ILE B 149 6.43 -22.97 -87.55
C ILE B 149 6.07 -21.66 -88.24
N ASN B 150 6.10 -21.67 -89.56
CA ASN B 150 5.79 -20.49 -90.36
C ASN B 150 4.57 -20.76 -91.21
N VAL B 151 4.07 -19.71 -91.85
CA VAL B 151 2.82 -19.77 -92.61
C VAL B 151 2.93 -18.85 -93.82
N LYS B 152 2.59 -19.38 -95.00
CA LYS B 152 2.73 -18.65 -96.26
C LYS B 152 1.38 -18.60 -96.95
N TRP B 153 1.09 -17.47 -97.59
CA TRP B 153 -0.17 -17.28 -98.29
C TRP B 153 0.08 -17.00 -99.77
N LYS B 154 -0.40 -17.90 -100.63
CA LYS B 154 -0.28 -17.75 -102.08
C LYS B 154 -1.55 -17.12 -102.61
N ILE B 155 -1.47 -15.87 -103.03
CA ILE B 155 -2.60 -15.10 -103.51
C ILE B 155 -2.84 -15.48 -104.96
N ASP B 156 -3.92 -16.23 -105.21
CA ASP B 156 -4.25 -16.77 -106.54
C ASP B 156 -3.09 -17.52 -107.18
N GLY B 157 -2.20 -18.09 -106.38
CA GLY B 157 -1.23 -19.05 -106.86
C GLY B 157 0.21 -18.58 -106.89
N SER B 158 0.46 -17.32 -107.23
CA SER B 158 1.83 -16.87 -107.45
C SER B 158 2.25 -15.82 -106.43
N GLU B 159 1.32 -14.96 -106.06
CA GLU B 159 1.60 -13.90 -105.10
C GLU B 159 1.57 -14.40 -103.66
N ARG B 160 2.73 -14.81 -103.15
CA ARG B 160 2.83 -15.28 -101.78
C ARG B 160 2.79 -14.10 -100.82
N GLN B 161 1.58 -13.65 -100.49
CA GLN B 161 1.41 -12.51 -99.62
C GLN B 161 1.61 -12.83 -98.14
N ASN B 162 2.82 -12.59 -97.65
CA ASN B 162 3.16 -12.86 -96.27
C ASN B 162 2.82 -11.65 -95.39
N GLY B 163 1.87 -10.84 -95.84
CA GLY B 163 1.46 -9.66 -95.12
C GLY B 163 0.32 -9.91 -94.15
N VAL B 164 0.65 -10.45 -92.98
CA VAL B 164 -0.34 -10.78 -91.96
C VAL B 164 0.05 -10.23 -90.59
N LEU B 165 -0.68 -10.64 -89.56
CA LEU B 165 -0.42 -10.21 -88.19
C LEU B 165 -0.26 -11.44 -87.30
N ASN B 166 0.93 -12.03 -87.33
CA ASN B 166 1.23 -13.21 -86.54
C ASN B 166 0.84 -13.07 -85.06
N SER B 167 0.12 -14.06 -84.56
CA SER B 167 -0.32 -14.06 -83.17
C SER B 167 0.04 -15.39 -82.52
N TRP B 168 1.23 -15.45 -81.92
CA TRP B 168 1.72 -16.67 -81.28
C TRP B 168 0.85 -17.09 -80.09
N THR B 169 0.82 -18.39 -79.84
CA THR B 169 0.06 -18.94 -78.72
C THR B 169 0.96 -19.79 -77.83
N ASP B 170 0.43 -20.24 -76.70
CA ASP B 170 1.20 -21.06 -75.77
C ASP B 170 0.84 -22.54 -75.89
N GLN B 171 1.74 -23.39 -75.42
CA GLN B 171 1.54 -24.84 -75.46
C GLN B 171 0.22 -25.22 -74.82
N ASP B 172 -0.63 -25.88 -75.61
CA ASP B 172 -1.92 -26.33 -75.12
C ASP B 172 -1.71 -27.28 -73.97
N SER B 173 -2.24 -26.93 -72.80
CA SER B 173 -2.00 -27.76 -71.61
C SER B 173 -2.47 -29.19 -71.81
N LYS B 174 -3.65 -29.37 -72.41
CA LYS B 174 -4.25 -30.69 -72.51
C LYS B 174 -3.35 -31.68 -73.23
N ASP B 175 -3.11 -31.44 -74.52
CA ASP B 175 -2.36 -32.39 -75.34
C ASP B 175 -0.92 -31.96 -75.59
N SER B 176 -0.46 -30.87 -74.98
CA SER B 176 0.89 -30.36 -75.17
C SER B 176 1.18 -30.01 -76.62
N THR B 177 0.25 -29.35 -77.28
CA THR B 177 0.41 -28.89 -78.66
C THR B 177 0.45 -27.37 -78.70
N TYR B 178 0.69 -26.84 -79.90
CA TYR B 178 0.82 -25.41 -80.13
C TYR B 178 -0.24 -24.95 -81.14
N SER B 179 -0.20 -23.67 -81.50
CA SER B 179 -1.02 -23.10 -82.55
C SER B 179 -0.50 -21.69 -82.84
N MET B 180 -1.17 -21.02 -83.77
CA MET B 180 -0.83 -19.64 -84.15
C MET B 180 -1.87 -19.17 -85.16
N SER B 181 -1.93 -17.85 -85.35
CA SER B 181 -2.88 -17.24 -86.26
C SER B 181 -2.14 -16.29 -87.21
N SER B 182 -2.49 -16.35 -88.49
CA SER B 182 -1.90 -15.51 -89.52
C SER B 182 -3.01 -14.78 -90.26
N THR B 183 -3.37 -13.60 -89.77
CA THR B 183 -4.49 -12.83 -90.30
C THR B 183 -3.98 -11.95 -91.44
N LEU B 184 -4.38 -12.28 -92.66
CA LEU B 184 -3.97 -11.54 -93.85
C LEU B 184 -4.95 -10.39 -94.06
N THR B 185 -4.43 -9.17 -93.99
CA THR B 185 -5.23 -7.98 -94.22
C THR B 185 -4.63 -7.16 -95.34
N LEU B 186 -5.47 -6.76 -96.28
CA LEU B 186 -5.09 -5.88 -97.37
C LEU B 186 -6.34 -5.09 -97.78
N THR B 187 -6.11 -3.88 -98.29
CA THR B 187 -7.24 -3.04 -98.70
C THR B 187 -8.06 -3.75 -99.78
N LYS B 188 -9.37 -3.55 -99.71
CA LYS B 188 -10.29 -4.43 -100.46
C LYS B 188 -10.13 -4.29 -101.97
N ASP B 189 -9.41 -3.26 -102.42
CA ASP B 189 -9.24 -3.07 -103.86
C ASP B 189 -8.43 -4.20 -104.47
N GLU B 190 -7.19 -4.39 -104.00
CA GLU B 190 -6.35 -5.45 -104.52
C GLU B 190 -6.83 -6.84 -104.10
N TYR B 191 -7.67 -6.92 -103.07
CA TYR B 191 -8.19 -8.22 -102.63
C TYR B 191 -9.10 -8.83 -103.69
N GLU B 192 -10.14 -8.09 -104.10
CA GLU B 192 -11.07 -8.60 -105.11
C GLU B 192 -10.43 -8.74 -106.48
N ARG B 193 -9.22 -8.20 -106.67
CA ARG B 193 -8.42 -8.51 -107.84
C ARG B 193 -8.04 -9.99 -107.92
N HIS B 194 -8.33 -10.75 -106.86
CA HIS B 194 -8.12 -12.18 -106.85
C HIS B 194 -9.37 -12.85 -106.26
N ASN B 195 -9.76 -13.96 -106.87
CA ASN B 195 -10.95 -14.69 -106.43
C ASN B 195 -10.62 -15.84 -105.50
N SER B 196 -9.55 -16.59 -105.80
CA SER B 196 -9.09 -17.66 -104.93
C SER B 196 -7.91 -17.19 -104.11
N TYR B 197 -7.56 -17.95 -103.07
CA TYR B 197 -6.39 -17.73 -102.25
C TYR B 197 -6.00 -19.05 -101.63
N THR B 198 -4.70 -19.34 -101.59
CA THR B 198 -4.20 -20.65 -101.17
C THR B 198 -3.16 -20.49 -100.07
N CYS B 199 -3.56 -20.76 -98.83
CA CYS B 199 -2.70 -20.67 -97.66
C CYS B 199 -2.11 -22.04 -97.35
N GLU B 200 -0.91 -22.06 -96.79
CA GLU B 200 -0.18 -23.29 -96.51
C GLU B 200 0.65 -23.12 -95.24
N ALA B 201 1.35 -24.19 -94.87
CA ALA B 201 2.28 -24.18 -93.75
C ALA B 201 3.65 -24.66 -94.19
N THR B 202 4.69 -24.22 -93.50
CA THR B 202 6.05 -24.66 -93.80
C THR B 202 6.74 -25.23 -92.57
N SER B 208 7.04 -29.84 -96.68
CA SER B 208 5.80 -30.01 -97.44
C SER B 208 4.73 -29.07 -96.93
N PRO B 209 4.02 -28.41 -97.84
CA PRO B 209 2.95 -27.50 -97.46
C PRO B 209 1.61 -28.23 -97.36
N ILE B 210 0.89 -27.93 -96.28
CA ILE B 210 -0.47 -28.43 -96.07
C ILE B 210 -1.42 -27.33 -96.52
N VAL B 211 -2.30 -27.65 -97.47
CA VAL B 211 -2.98 -26.65 -98.27
C VAL B 211 -4.42 -26.47 -97.80
N LYS B 212 -5.02 -25.37 -98.22
CA LYS B 212 -6.45 -25.09 -98.16
C LYS B 212 -6.70 -23.76 -98.86
N SER B 213 -7.93 -23.56 -99.32
CA SER B 213 -8.23 -22.42 -100.18
C SER B 213 -9.69 -22.03 -100.04
N PHE B 214 -9.97 -20.76 -100.35
CA PHE B 214 -11.32 -20.28 -100.56
C PHE B 214 -11.37 -19.53 -101.87
N ASN B 215 -12.17 -20.05 -102.81
CA ASN B 215 -12.28 -19.49 -104.15
C ASN B 215 -13.72 -19.04 -104.39
N ARG B 216 -14.10 -17.90 -103.79
CA ARG B 216 -15.47 -17.33 -103.90
C ARG B 216 -15.54 -15.96 -103.20
N ASN B 217 -16.19 -14.96 -103.81
CA ASN B 217 -16.37 -13.70 -103.12
C ASN B 217 -17.72 -13.61 -102.41
N GLU B 218 -18.61 -14.57 -102.64
CA GLU B 218 -19.89 -14.64 -101.94
C GLU B 218 -20.59 -15.95 -102.31
N CYS B 219 -21.46 -16.44 -101.44
CA CYS B 219 -22.18 -17.69 -101.70
C CYS B 219 -23.66 -17.57 -101.35
N GLU C 1 -14.70 -20.20 -50.50
CA GLU C 1 -13.29 -20.13 -50.12
C GLU C 1 -12.88 -18.67 -50.03
N VAL C 2 -11.60 -18.39 -50.29
CA VAL C 2 -11.07 -17.04 -50.32
C VAL C 2 -11.20 -16.51 -51.73
N ILE C 3 -12.10 -15.54 -51.93
CA ILE C 3 -12.40 -15.00 -53.24
C ILE C 3 -12.11 -13.51 -53.21
N LEU C 4 -11.08 -13.10 -53.96
CA LEU C 4 -10.71 -11.71 -54.12
C LEU C 4 -11.09 -11.28 -55.52
N VAL C 5 -11.77 -10.14 -55.64
CA VAL C 5 -12.13 -9.60 -56.94
C VAL C 5 -11.81 -8.10 -56.94
N GLU C 6 -11.00 -7.71 -57.92
CA GLU C 6 -10.55 -6.30 -58.02
C GLU C 6 -11.25 -5.61 -59.20
N SER C 7 -11.24 -4.29 -59.20
CA SER C 7 -11.83 -3.49 -60.27
C SER C 7 -11.31 -2.07 -60.19
N GLY C 8 -11.28 -1.39 -61.34
CA GLY C 8 -10.96 0.02 -61.33
C GLY C 8 -9.92 0.48 -62.33
N GLY C 9 -9.60 -0.33 -63.33
CA GLY C 9 -8.52 -0.03 -64.24
C GLY C 9 -9.00 0.36 -65.63
N GLY C 10 -8.24 1.24 -66.27
CA GLY C 10 -8.57 1.65 -67.62
C GLY C 10 -7.57 2.67 -68.10
N LEU C 11 -7.79 3.14 -69.32
CA LEU C 11 -6.84 4.05 -69.97
C LEU C 11 -6.73 5.36 -69.20
N VAL C 12 -5.49 5.83 -69.02
CA VAL C 12 -5.21 7.05 -68.26
C VAL C 12 -4.14 7.83 -69.00
N LYS C 13 -4.24 9.17 -68.92
CA LYS C 13 -3.28 10.14 -69.44
C LYS C 13 -2.13 10.30 -68.45
N PRO C 14 -0.87 10.32 -68.93
CA PRO C 14 0.27 10.48 -68.02
C PRO C 14 0.10 11.63 -67.06
N GLY C 15 0.73 11.55 -65.89
CA GLY C 15 0.53 12.56 -64.88
C GLY C 15 -0.85 12.50 -64.27
N GLY C 16 -1.65 11.54 -64.70
CA GLY C 16 -3.02 11.42 -64.24
C GLY C 16 -3.15 10.91 -62.83
N SER C 17 -4.26 10.21 -62.54
CA SER C 17 -4.55 9.73 -61.20
C SER C 17 -5.65 8.68 -61.30
N LEU C 18 -5.51 7.60 -60.55
CA LEU C 18 -6.39 6.46 -60.68
C LEU C 18 -6.50 5.78 -59.33
N LYS C 19 -7.55 4.98 -59.14
CA LYS C 19 -7.79 4.33 -57.86
C LYS C 19 -8.30 2.92 -58.10
N LEU C 20 -7.45 1.93 -57.86
CA LEU C 20 -7.86 0.53 -57.96
C LEU C 20 -8.43 0.08 -56.62
N SER C 21 -9.40 -0.85 -56.68
CA SER C 21 -9.94 -1.41 -55.46
C SER C 21 -10.01 -2.92 -55.58
N CYS C 22 -9.96 -3.59 -54.43
CA CYS C 22 -9.90 -5.05 -54.35
C CYS C 22 -10.78 -5.47 -53.19
N ALA C 23 -11.92 -6.09 -53.49
CA ALA C 23 -12.88 -6.50 -52.50
C ALA C 23 -12.72 -7.99 -52.24
N ALA C 24 -12.63 -8.36 -50.97
CA ALA C 24 -12.29 -9.70 -50.55
C ALA C 24 -13.42 -10.29 -49.74
N SER C 25 -13.77 -11.54 -50.03
CA SER C 25 -14.74 -12.24 -49.21
C SER C 25 -14.26 -13.66 -48.96
N GLY C 26 -14.69 -14.22 -47.83
CA GLY C 26 -14.41 -15.60 -47.50
C GLY C 26 -13.38 -15.82 -46.42
N PHE C 27 -12.95 -14.79 -45.71
CA PHE C 27 -12.07 -14.97 -44.57
C PHE C 27 -12.24 -13.77 -43.65
N THR C 28 -11.35 -13.65 -42.66
CA THR C 28 -11.43 -12.56 -41.69
C THR C 28 -10.51 -11.44 -42.14
N PHE C 29 -10.98 -10.68 -43.13
CA PHE C 29 -10.16 -9.69 -43.81
C PHE C 29 -9.38 -8.80 -42.87
N SER C 30 -9.86 -8.61 -41.64
CA SER C 30 -9.22 -7.68 -40.72
C SER C 30 -8.05 -8.31 -39.98
N SER C 31 -7.43 -9.35 -40.53
CA SER C 31 -6.34 -10.03 -39.85
C SER C 31 -5.13 -10.29 -40.72
N TYR C 32 -5.19 -10.05 -42.02
CA TYR C 32 -4.15 -10.52 -42.93
C TYR C 32 -3.43 -9.36 -43.59
N THR C 33 -2.10 -9.40 -43.56
CA THR C 33 -1.28 -8.53 -44.38
C THR C 33 -1.70 -8.67 -45.82
N MET C 34 -1.73 -7.59 -46.59
CA MET C 34 -2.15 -7.70 -47.97
C MET C 34 -1.19 -6.91 -48.85
N SER C 35 -0.88 -7.44 -50.02
CA SER C 35 0.08 -6.81 -50.90
C SER C 35 -0.54 -6.59 -52.25
N TRP C 36 0.05 -5.66 -53.00
CA TRP C 36 -0.28 -5.44 -54.40
C TRP C 36 0.96 -5.77 -55.21
N VAL C 37 0.77 -6.52 -56.28
CA VAL C 37 1.86 -6.97 -57.13
C VAL C 37 1.47 -6.63 -58.57
N ARG C 38 2.46 -6.51 -59.43
CA ARG C 38 2.22 -5.99 -60.75
C ARG C 38 3.03 -6.76 -61.78
N GLN C 39 2.43 -7.03 -62.93
CA GLN C 39 3.07 -7.80 -63.98
C GLN C 39 3.08 -6.98 -65.26
N THR C 40 4.26 -6.62 -65.71
CA THR C 40 4.43 -5.73 -66.85
C THR C 40 4.29 -6.53 -68.12
N PRO C 41 4.01 -5.89 -69.26
CA PRO C 41 3.70 -6.65 -70.48
C PRO C 41 4.89 -7.31 -71.15
N GLU C 42 6.04 -7.38 -70.47
CA GLU C 42 7.05 -8.35 -70.80
C GLU C 42 6.90 -9.62 -69.98
N LYS C 43 5.87 -9.70 -69.13
CA LYS C 43 5.60 -10.82 -68.26
C LYS C 43 6.72 -11.05 -67.25
N ARG C 44 7.00 -10.04 -66.42
CA ARG C 44 8.05 -10.14 -65.40
C ARG C 44 7.53 -9.45 -64.15
N LEU C 45 7.15 -10.22 -63.15
CA LEU C 45 6.48 -9.68 -61.98
C LEU C 45 7.33 -8.66 -61.25
N GLU C 46 6.72 -7.87 -60.38
CA GLU C 46 7.40 -6.84 -59.59
C GLU C 46 6.52 -6.49 -58.41
N TRP C 47 7.09 -6.52 -57.22
CA TRP C 47 6.36 -6.10 -56.04
C TRP C 47 6.05 -4.61 -56.13
N VAL C 48 4.89 -4.19 -55.62
CA VAL C 48 4.51 -2.79 -55.73
C VAL C 48 4.08 -2.17 -54.40
N ALA C 49 3.51 -2.96 -53.49
CA ALA C 49 3.18 -2.33 -52.21
C ALA C 49 2.74 -3.38 -51.23
N THR C 50 2.75 -3.01 -49.95
CA THR C 50 2.35 -3.90 -48.87
C THR C 50 1.67 -3.08 -47.80
N ILE C 51 0.73 -3.69 -47.08
CA ILE C 51 0.10 -3.02 -45.95
C ILE C 51 -0.20 -4.08 -44.90
N SER C 52 0.10 -3.76 -43.65
CA SER C 52 -0.06 -4.70 -42.55
C SER C 52 -1.53 -4.86 -42.20
N SER C 53 -1.82 -5.57 -41.13
CA SER C 53 -3.15 -6.09 -40.88
C SER C 53 -4.06 -5.11 -40.15
N GLY C 54 -3.61 -3.90 -39.86
CA GLY C 54 -4.44 -2.94 -39.19
C GLY C 54 -4.38 -1.61 -39.92
N GLY C 55 -3.45 -1.50 -40.85
CA GLY C 55 -3.29 -0.31 -41.65
C GLY C 55 -2.12 0.55 -41.24
N GLY C 56 -1.52 0.29 -40.09
CA GLY C 56 -0.42 1.09 -39.62
C GLY C 56 0.76 1.11 -40.56
N ASN C 57 1.42 -0.03 -40.74
CA ASN C 57 2.64 -0.09 -41.50
C ASN C 57 2.35 -0.25 -42.98
N THR C 58 3.30 0.18 -43.80
CA THR C 58 3.13 0.15 -45.25
C THR C 58 4.50 0.34 -45.90
N TYR C 59 4.76 -0.42 -46.96
CA TYR C 59 6.09 -0.56 -47.53
C TYR C 59 6.00 -0.45 -49.04
N TYR C 60 6.80 0.41 -49.64
CA TYR C 60 6.86 0.53 -51.09
C TYR C 60 8.30 0.34 -51.54
N PRO C 61 8.51 -0.10 -52.78
CA PRO C 61 9.88 -0.19 -53.28
C PRO C 61 10.46 1.19 -53.53
N ASP C 62 11.68 1.28 -54.02
CA ASP C 62 12.36 2.56 -54.13
C ASP C 62 12.12 3.25 -55.46
N SER C 63 11.22 2.75 -56.29
CA SER C 63 10.88 3.37 -57.56
C SER C 63 9.40 3.69 -57.70
N VAL C 64 8.65 3.60 -56.61
CA VAL C 64 7.23 3.94 -56.61
C VAL C 64 6.90 4.89 -55.47
N LYS C 65 7.74 4.96 -54.44
CA LYS C 65 7.45 5.75 -53.25
C LYS C 65 7.11 7.18 -53.62
N GLY C 66 6.09 7.71 -52.97
CA GLY C 66 5.68 9.09 -53.19
C GLY C 66 4.46 9.24 -54.07
N ARG C 67 4.40 8.47 -55.15
CA ARG C 67 3.27 8.48 -56.06
C ARG C 67 2.13 7.59 -55.59
N PHE C 68 2.40 6.32 -55.35
CA PHE C 68 1.37 5.35 -54.99
C PHE C 68 1.05 5.46 -53.52
N THR C 69 -0.18 5.12 -53.17
CA THR C 69 -0.58 5.10 -51.76
C THR C 69 -1.62 4.00 -51.58
N ILE C 70 -1.29 3.02 -50.75
CA ILE C 70 -2.13 1.86 -50.54
C ILE C 70 -2.78 1.96 -49.17
N SER C 71 -4.06 1.60 -49.09
CA SER C 71 -4.78 1.72 -47.83
C SER C 71 -5.89 0.68 -47.85
N ARG C 72 -6.52 0.50 -46.69
CA ARG C 72 -7.54 -0.52 -46.58
C ARG C 72 -8.68 0.00 -45.73
N ASP C 73 -9.78 -0.73 -45.77
CA ASP C 73 -11.02 -0.38 -45.09
C ASP C 73 -11.57 -1.71 -44.59
N ASN C 74 -11.40 -1.97 -43.29
CA ASN C 74 -11.78 -3.25 -42.73
C ASN C 74 -13.29 -3.39 -42.60
N ALA C 75 -14.03 -2.28 -42.64
CA ALA C 75 -15.46 -2.34 -42.41
C ALA C 75 -16.20 -2.97 -43.58
N LYS C 76 -15.83 -2.62 -44.80
CA LYS C 76 -16.39 -3.22 -45.99
C LYS C 76 -15.49 -4.25 -46.63
N ASN C 77 -14.32 -4.51 -46.04
CA ASN C 77 -13.34 -5.45 -46.59
C ASN C 77 -12.85 -4.99 -47.96
N ASN C 78 -12.25 -3.81 -48.00
CA ASN C 78 -11.76 -3.29 -49.27
C ASN C 78 -10.30 -2.87 -49.16
N LEU C 79 -9.57 -2.98 -50.27
CA LEU C 79 -8.17 -2.60 -50.33
C LEU C 79 -7.95 -1.72 -51.55
N TYR C 80 -7.54 -0.47 -51.34
CA TYR C 80 -7.42 0.51 -52.40
C TYR C 80 -5.96 0.86 -52.66
N LEU C 81 -5.64 1.11 -53.92
CA LEU C 81 -4.33 1.63 -54.31
C LEU C 81 -4.57 2.87 -55.17
N GLN C 82 -4.25 4.04 -54.63
CA GLN C 82 -4.42 5.30 -55.33
C GLN C 82 -3.09 5.71 -55.92
N MET C 83 -3.01 5.73 -57.25
CA MET C 83 -1.77 6.10 -57.93
C MET C 83 -1.86 7.50 -58.53
N SER C 84 -0.81 8.29 -58.32
CA SER C 84 -0.76 9.65 -58.84
C SER C 84 0.48 9.85 -59.69
N SER C 85 0.41 10.80 -60.63
CA SER C 85 1.51 11.11 -61.53
C SER C 85 2.08 9.86 -62.19
N LEU C 86 1.21 9.08 -62.82
CA LEU C 86 1.61 7.86 -63.49
C LEU C 86 2.59 8.10 -64.63
N ARG C 87 3.47 7.13 -64.87
CA ARG C 87 4.46 7.24 -65.93
C ARG C 87 4.10 6.30 -67.08
N SER C 88 5.01 6.18 -68.04
CA SER C 88 4.78 5.31 -69.20
C SER C 88 5.26 3.89 -68.91
N GLU C 89 5.99 3.74 -67.80
CA GLU C 89 6.49 2.44 -67.38
C GLU C 89 5.58 1.74 -66.39
N ASP C 90 4.49 2.40 -65.98
CA ASP C 90 3.51 1.82 -65.07
C ASP C 90 2.30 1.26 -65.79
N THR C 91 2.50 0.72 -66.98
CA THR C 91 1.43 0.06 -67.74
C THR C 91 1.57 -1.42 -67.49
N ALA C 92 0.64 -2.00 -66.73
CA ALA C 92 0.82 -3.38 -66.32
C ALA C 92 -0.45 -3.88 -65.67
N LEU C 93 -0.52 -5.20 -65.49
CA LEU C 93 -1.67 -5.86 -64.89
C LEU C 93 -1.45 -6.01 -63.39
N TYR C 94 -2.45 -5.67 -62.59
CA TYR C 94 -2.26 -5.49 -61.15
C TYR C 94 -3.04 -6.52 -60.36
N TYR C 95 -2.33 -7.40 -59.65
CA TYR C 95 -2.95 -8.41 -58.80
C TYR C 95 -2.99 -7.96 -57.36
N CYS C 96 -4.10 -8.27 -56.69
CA CYS C 96 -4.16 -8.30 -55.24
C CYS C 96 -3.30 -9.46 -54.76
N ALA C 97 -3.10 -9.57 -53.45
CA ALA C 97 -2.52 -10.81 -52.95
C ALA C 97 -2.63 -10.85 -51.43
N ARG C 98 -2.92 -12.02 -50.91
CA ARG C 98 -3.06 -12.26 -49.48
C ARG C 98 -1.73 -12.74 -48.92
N TYR C 99 -1.65 -12.83 -47.59
CA TYR C 99 -0.45 -13.31 -46.92
C TYR C 99 -0.82 -14.50 -46.07
N TYR C 100 0.09 -15.47 -46.00
CA TYR C 100 -0.19 -16.79 -45.46
C TYR C 100 0.62 -17.00 -44.19
N ARG C 101 -0.03 -17.43 -43.11
CA ARG C 101 0.68 -17.81 -41.90
C ARG C 101 1.71 -18.87 -42.27
N TYR C 102 2.71 -19.09 -41.41
CA TYR C 102 3.91 -19.87 -41.74
C TYR C 102 4.79 -19.14 -42.75
N GLU C 103 4.55 -17.85 -42.98
CA GLU C 103 5.48 -16.97 -43.66
C GLU C 103 5.77 -17.42 -45.09
N ALA C 104 4.72 -17.43 -45.89
CA ALA C 104 4.80 -17.42 -47.34
C ALA C 104 4.05 -16.20 -47.84
N TRP C 105 4.60 -15.52 -48.84
CA TRP C 105 4.28 -14.11 -48.96
C TRP C 105 3.00 -13.85 -49.76
N PHE C 106 2.77 -14.57 -50.85
CA PHE C 106 1.58 -14.34 -51.67
C PHE C 106 0.83 -15.65 -51.78
N ALA C 107 -0.05 -15.91 -50.83
CA ALA C 107 -0.76 -17.19 -50.81
C ALA C 107 -1.83 -17.24 -51.89
N SER C 108 -2.82 -16.36 -51.80
CA SER C 108 -4.02 -16.45 -52.62
C SER C 108 -4.21 -15.16 -53.39
N TRP C 109 -3.95 -15.19 -54.69
CA TRP C 109 -4.05 -14.00 -55.52
C TRP C 109 -5.49 -13.71 -55.91
N GLY C 110 -5.63 -12.73 -56.77
CA GLY C 110 -6.87 -12.47 -57.48
C GLY C 110 -6.62 -12.50 -58.96
N GLN C 111 -7.52 -11.86 -59.71
CA GLN C 111 -7.33 -11.72 -61.14
C GLN C 111 -6.90 -10.30 -61.45
N GLY C 112 -6.30 -10.11 -62.61
CA GLY C 112 -5.75 -8.81 -62.91
C GLY C 112 -6.80 -7.73 -63.05
N THR C 113 -6.33 -6.49 -63.21
CA THR C 113 -7.13 -5.36 -63.66
C THR C 113 -6.20 -4.48 -64.49
N LEU C 114 -6.20 -4.70 -65.80
CA LEU C 114 -5.24 -4.05 -66.68
C LEU C 114 -5.36 -2.54 -66.59
N VAL C 115 -4.22 -1.87 -66.45
CA VAL C 115 -4.18 -0.43 -66.35
C VAL C 115 -3.23 0.19 -67.35
N THR C 116 -3.74 0.50 -68.55
CA THR C 116 -2.93 1.10 -69.60
C THR C 116 -2.74 2.59 -69.35
N VAL C 117 -1.50 3.05 -69.51
CA VAL C 117 -1.19 4.46 -69.30
C VAL C 117 -0.47 5.04 -70.52
N SER C 118 -1.20 5.76 -71.36
CA SER C 118 -0.64 6.36 -72.56
C SER C 118 -1.50 7.50 -73.07
N ALA C 119 -1.12 8.05 -74.21
CA ALA C 119 -1.86 9.15 -74.82
C ALA C 119 -2.64 8.69 -76.04
N ALA C 120 -3.72 7.95 -75.81
CA ALA C 120 -4.55 7.44 -76.89
C ALA C 120 -6.02 7.76 -76.65
N LYS C 121 -6.88 7.35 -77.58
CA LYS C 121 -8.31 7.58 -77.47
C LYS C 121 -9.10 6.28 -77.40
N THR C 122 -9.88 6.12 -76.34
CA THR C 122 -10.71 4.93 -76.16
C THR C 122 -11.67 4.77 -77.33
N THR C 123 -11.86 3.54 -77.79
CA THR C 123 -12.76 3.27 -78.90
C THR C 123 -13.40 1.90 -78.82
N ALA C 124 -14.50 1.72 -79.56
CA ALA C 124 -15.21 0.46 -79.60
C ALA C 124 -14.52 -0.47 -80.60
N PRO C 125 -14.88 -1.77 -80.61
CA PRO C 125 -14.25 -2.68 -81.56
C PRO C 125 -14.85 -2.62 -82.95
N SER C 126 -14.37 -3.48 -83.84
CA SER C 126 -14.98 -3.70 -85.16
C SER C 126 -15.15 -5.21 -85.31
N VAL C 127 -16.26 -5.72 -84.78
CA VAL C 127 -16.50 -7.16 -84.73
C VAL C 127 -16.91 -7.65 -86.11
N TYR C 128 -16.47 -8.86 -86.47
CA TYR C 128 -16.80 -9.45 -87.75
C TYR C 128 -16.92 -10.97 -87.61
N PRO C 129 -17.71 -11.59 -88.47
CA PRO C 129 -17.82 -13.05 -88.46
C PRO C 129 -16.82 -13.69 -89.42
N LEU C 130 -16.77 -15.02 -89.36
CA LEU C 130 -15.92 -15.80 -90.25
C LEU C 130 -16.54 -17.18 -90.41
N ALA C 131 -16.50 -17.70 -91.64
CA ALA C 131 -17.08 -18.99 -92.00
C ALA C 131 -16.69 -19.30 -93.43
N PRO C 132 -16.62 -20.58 -93.78
CA PRO C 132 -16.22 -20.94 -95.15
C PRO C 132 -17.33 -20.64 -96.15
N VAL C 133 -16.92 -20.43 -97.40
CA VAL C 133 -17.85 -20.06 -98.46
C VAL C 133 -18.83 -21.20 -98.66
N CYS C 134 -20.13 -20.89 -98.57
CA CYS C 134 -21.21 -21.88 -98.66
C CYS C 134 -21.15 -22.88 -97.51
N GLY C 135 -20.27 -22.65 -96.54
CA GLY C 135 -20.24 -23.45 -95.33
C GLY C 135 -19.96 -24.92 -95.54
N ASP C 136 -18.85 -25.24 -96.20
CA ASP C 136 -18.57 -26.64 -96.53
C ASP C 136 -17.93 -27.36 -95.36
N THR C 137 -18.65 -28.34 -94.81
CA THR C 137 -18.17 -29.16 -93.71
C THR C 137 -16.99 -30.01 -94.17
N THR C 138 -16.05 -30.23 -93.26
CA THR C 138 -14.86 -31.03 -93.55
C THR C 138 -14.82 -32.32 -92.74
N GLY C 139 -15.97 -32.76 -92.21
CA GLY C 139 -16.02 -33.99 -91.44
C GLY C 139 -16.88 -33.89 -90.20
N SER C 140 -16.53 -34.64 -89.16
CA SER C 140 -17.26 -34.60 -87.89
C SER C 140 -16.92 -33.37 -87.06
N SER C 141 -16.15 -32.43 -87.61
CA SER C 141 -15.81 -31.20 -86.93
C SER C 141 -15.77 -30.07 -87.96
N VAL C 142 -16.47 -28.98 -87.65
CA VAL C 142 -16.60 -27.85 -88.59
C VAL C 142 -15.93 -26.64 -87.95
N THR C 143 -15.01 -26.02 -88.68
CA THR C 143 -14.23 -24.89 -88.20
C THR C 143 -14.94 -23.59 -88.49
N LEU C 144 -15.06 -22.75 -87.46
CA LEU C 144 -15.66 -21.42 -87.57
C LEU C 144 -14.75 -20.41 -86.89
N GLY C 145 -14.64 -19.23 -87.51
CA GLY C 145 -13.77 -18.20 -86.97
C GLY C 145 -14.46 -16.98 -86.41
N CYS C 146 -13.67 -15.94 -86.15
CA CYS C 146 -14.14 -14.62 -85.74
C CYS C 146 -12.94 -13.70 -85.73
N LEU C 147 -13.13 -12.39 -85.88
CA LEU C 147 -12.03 -11.44 -85.93
C LEU C 147 -12.47 -10.10 -85.36
N VAL C 148 -12.00 -9.79 -84.16
CA VAL C 148 -12.20 -8.48 -83.53
C VAL C 148 -10.93 -7.66 -83.74
N LYS C 149 -11.09 -6.46 -84.29
CA LYS C 149 -9.95 -5.70 -84.76
C LYS C 149 -10.19 -4.21 -84.55
N GLY C 150 -9.10 -3.47 -84.33
CA GLY C 150 -9.16 -2.03 -84.20
C GLY C 150 -9.81 -1.53 -82.92
N TYR C 151 -9.17 -1.74 -81.78
CA TYR C 151 -9.68 -1.21 -80.51
C TYR C 151 -8.53 -0.83 -79.60
N PHE C 152 -8.88 -0.11 -78.53
CA PHE C 152 -7.98 0.45 -77.53
C PHE C 152 -8.83 0.87 -76.34
N PRO C 153 -8.53 0.42 -75.12
CA PRO C 153 -7.48 -0.44 -74.54
C PRO C 153 -7.71 -1.94 -74.70
N GLU C 154 -6.73 -2.71 -74.23
CA GLU C 154 -6.67 -4.15 -74.49
C GLU C 154 -7.77 -4.99 -73.84
N PRO C 155 -8.26 -4.74 -72.63
CA PRO C 155 -9.18 -5.71 -72.01
C PRO C 155 -10.46 -5.83 -72.81
N VAL C 156 -10.64 -6.99 -73.45
CA VAL C 156 -11.79 -7.27 -74.30
C VAL C 156 -12.19 -8.73 -74.10
N THR C 157 -13.48 -8.96 -73.93
CA THR C 157 -14.02 -10.30 -73.70
C THR C 157 -14.59 -10.89 -74.98
N LEU C 158 -14.22 -12.13 -75.27
CA LEU C 158 -14.79 -12.90 -76.37
C LEU C 158 -15.37 -14.20 -75.83
N THR C 159 -16.64 -14.44 -76.14
CA THR C 159 -17.31 -15.66 -75.72
C THR C 159 -18.14 -16.20 -76.87
N TRP C 160 -18.75 -17.36 -76.65
CA TRP C 160 -19.55 -18.05 -77.65
C TRP C 160 -20.71 -18.74 -76.94
N ASN C 161 -21.93 -18.51 -77.44
CA ASN C 161 -23.15 -19.12 -76.90
C ASN C 161 -23.40 -18.72 -75.45
N SER C 162 -22.64 -17.74 -74.97
CA SER C 162 -22.85 -17.12 -73.66
C SER C 162 -22.71 -18.12 -72.52
N GLY C 163 -21.75 -19.06 -72.62
CA GLY C 163 -21.47 -19.97 -71.54
C GLY C 163 -21.82 -21.42 -71.80
N SER C 164 -21.85 -21.86 -73.06
CA SER C 164 -22.24 -23.23 -73.36
C SER C 164 -21.08 -24.03 -73.93
N LEU C 165 -20.46 -23.54 -75.00
CA LEU C 165 -19.50 -24.33 -75.77
C LEU C 165 -18.08 -23.94 -75.38
N SER C 166 -17.22 -24.95 -75.20
CA SER C 166 -15.79 -24.71 -75.02
C SER C 166 -14.91 -25.76 -75.67
N SER C 167 -15.45 -26.63 -76.53
CA SER C 167 -14.79 -27.85 -76.95
C SER C 167 -13.59 -27.65 -77.87
N GLY C 168 -13.75 -26.94 -78.99
CA GLY C 168 -12.67 -26.81 -79.94
C GLY C 168 -12.29 -25.39 -80.23
N VAL C 169 -12.30 -24.55 -79.20
CA VAL C 169 -12.02 -23.14 -79.34
C VAL C 169 -10.50 -22.94 -79.43
N HIS C 170 -10.10 -21.91 -80.18
CA HIS C 170 -8.69 -21.53 -80.33
C HIS C 170 -8.64 -20.01 -80.47
N THR C 171 -8.41 -19.32 -79.36
CA THR C 171 -8.31 -17.87 -79.36
C THR C 171 -6.85 -17.46 -79.22
N PHE C 172 -6.48 -16.40 -79.93
CA PHE C 172 -5.09 -15.99 -80.02
C PHE C 172 -4.92 -14.57 -79.51
N PRO C 173 -3.78 -14.27 -78.87
CA PRO C 173 -3.63 -12.96 -78.23
C PRO C 173 -3.37 -11.86 -79.26
N ALA C 174 -3.74 -10.64 -78.89
CA ALA C 174 -3.60 -9.50 -79.79
C ALA C 174 -2.14 -9.11 -79.96
N VAL C 175 -1.86 -8.39 -81.04
CA VAL C 175 -0.53 -7.86 -81.31
C VAL C 175 -0.68 -6.38 -81.61
N LEU C 176 -0.20 -5.53 -80.70
CA LEU C 176 -0.32 -4.08 -80.86
C LEU C 176 0.31 -3.63 -82.17
N GLN C 177 -0.38 -2.74 -82.87
CA GLN C 177 0.16 -2.12 -84.09
C GLN C 177 -0.51 -0.77 -84.26
N SER C 178 0.24 0.30 -84.01
CA SER C 178 -0.25 1.67 -84.13
C SER C 178 -1.53 1.87 -83.33
N ASP C 179 -1.47 1.56 -82.03
CA ASP C 179 -2.52 1.88 -81.06
C ASP C 179 -3.84 1.18 -81.41
N LEU C 180 -3.78 0.02 -82.05
CA LEU C 180 -4.97 -0.74 -82.36
C LEU C 180 -4.67 -2.23 -82.20
N TYR C 181 -5.49 -2.89 -81.39
CA TYR C 181 -5.33 -4.31 -81.11
C TYR C 181 -6.29 -5.13 -81.96
N THR C 182 -5.77 -6.22 -82.52
CA THR C 182 -6.58 -7.19 -83.26
C THR C 182 -6.47 -8.54 -82.59
N LEU C 183 -7.61 -9.14 -82.26
CA LEU C 183 -7.61 -10.39 -81.52
C LEU C 183 -8.56 -11.36 -82.20
N SER C 184 -8.04 -12.53 -82.57
CA SER C 184 -8.76 -13.49 -83.38
C SER C 184 -9.07 -14.74 -82.58
N SER C 185 -10.22 -15.33 -82.87
CA SER C 185 -10.65 -16.55 -82.20
C SER C 185 -11.15 -17.54 -83.24
N SER C 186 -11.31 -18.79 -82.82
CA SER C 186 -11.83 -19.84 -83.68
C SER C 186 -12.77 -20.73 -82.88
N VAL C 187 -13.37 -21.70 -83.58
CA VAL C 187 -14.26 -22.69 -82.96
C VAL C 187 -14.04 -24.03 -83.65
N THR C 188 -14.69 -25.06 -83.11
CA THR C 188 -14.80 -26.36 -83.74
C THR C 188 -16.11 -26.98 -83.27
N VAL C 189 -17.00 -27.29 -84.22
CA VAL C 189 -18.31 -27.84 -83.91
C VAL C 189 -18.52 -29.06 -84.79
N THR C 190 -19.35 -29.98 -84.31
CA THR C 190 -19.64 -31.19 -85.08
C THR C 190 -20.57 -30.86 -86.25
N SER C 191 -20.63 -31.80 -87.21
CA SER C 191 -21.50 -31.61 -88.37
C SER C 191 -22.97 -31.66 -88.02
N SER C 192 -23.32 -32.19 -86.85
CA SER C 192 -24.70 -32.36 -86.44
C SER C 192 -25.23 -31.19 -85.61
N THR C 193 -24.44 -30.14 -85.39
CA THR C 193 -24.89 -29.00 -84.61
C THR C 193 -24.94 -27.72 -85.41
N TRP C 194 -23.91 -27.45 -86.24
CA TRP C 194 -23.82 -26.13 -86.88
C TRP C 194 -25.02 -25.82 -87.77
N PRO C 195 -25.46 -26.72 -88.66
CA PRO C 195 -26.69 -26.41 -89.42
C PRO C 195 -27.95 -26.45 -88.58
N SER C 196 -27.92 -27.13 -87.43
CA SER C 196 -29.10 -27.18 -86.57
C SER C 196 -29.09 -26.06 -85.54
N GLN C 197 -27.92 -25.77 -84.96
CA GLN C 197 -27.76 -24.74 -83.94
C GLN C 197 -26.71 -23.75 -84.44
N SER C 198 -27.17 -22.63 -85.01
CA SER C 198 -26.26 -21.59 -85.43
C SER C 198 -25.45 -21.08 -84.24
N ILE C 199 -24.25 -20.58 -84.51
CA ILE C 199 -23.30 -20.21 -83.47
C ILE C 199 -23.18 -18.69 -83.45
N THR C 200 -23.06 -18.14 -82.24
CA THR C 200 -22.92 -16.71 -82.04
C THR C 200 -21.52 -16.40 -81.49
N CYS C 201 -20.94 -15.30 -81.96
CA CYS C 201 -19.62 -14.85 -81.54
C CYS C 201 -19.82 -13.57 -80.74
N ASN C 202 -20.05 -13.71 -79.45
CA ASN C 202 -20.30 -12.57 -78.58
C ASN C 202 -19.01 -11.79 -78.37
N VAL C 203 -19.12 -10.47 -78.30
CA VAL C 203 -18.00 -9.56 -78.08
C VAL C 203 -18.50 -8.40 -77.24
N ALA C 204 -17.67 -7.95 -76.30
CA ALA C 204 -18.02 -6.80 -75.49
C ALA C 204 -16.76 -6.00 -75.17
N HIS C 205 -16.89 -4.67 -75.25
CA HIS C 205 -15.80 -3.76 -74.93
C HIS C 205 -16.13 -3.06 -73.62
N PRO C 206 -15.35 -3.31 -72.57
CA PRO C 206 -15.58 -2.57 -71.31
C PRO C 206 -15.35 -1.08 -71.45
N ALA C 207 -14.35 -0.68 -72.24
CA ALA C 207 -13.96 0.72 -72.28
C ALA C 207 -14.91 1.56 -73.12
N SER C 208 -15.75 0.93 -73.93
CA SER C 208 -16.70 1.63 -74.78
C SER C 208 -18.14 1.19 -74.59
N SER C 209 -18.43 0.40 -73.55
CA SER C 209 -19.78 -0.10 -73.27
C SER C 209 -20.36 -0.84 -74.47
N THR C 210 -19.53 -1.54 -75.22
CA THR C 210 -20.00 -2.24 -76.41
C THR C 210 -20.43 -3.66 -76.06
N LYS C 211 -21.45 -4.16 -76.76
CA LYS C 211 -21.90 -5.54 -76.62
C LYS C 211 -22.53 -5.97 -77.93
N VAL C 212 -21.76 -6.69 -78.76
CA VAL C 212 -22.21 -7.12 -80.07
C VAL C 212 -22.07 -8.63 -80.16
N ASP C 213 -23.21 -9.32 -80.18
CA ASP C 213 -23.26 -10.78 -80.27
C ASP C 213 -23.54 -11.13 -81.73
N LYS C 214 -22.49 -11.38 -82.49
CA LYS C 214 -22.60 -11.66 -83.92
C LYS C 214 -23.00 -13.11 -84.11
N LYS C 215 -24.15 -13.34 -84.74
CA LYS C 215 -24.57 -14.68 -85.09
C LYS C 215 -23.87 -15.12 -86.37
N ILE C 216 -23.19 -16.25 -86.30
CA ILE C 216 -22.33 -16.71 -87.39
C ILE C 216 -23.12 -17.66 -88.28
N GLU C 217 -22.98 -17.47 -89.58
CA GLU C 217 -23.69 -18.24 -90.60
C GLU C 217 -22.75 -18.49 -91.76
N PRO C 218 -23.12 -19.38 -92.70
CA PRO C 218 -22.31 -19.55 -93.91
C PRO C 218 -22.14 -18.25 -94.69
C01 ZQU D . 4.13 -8.34 -10.93
C02 ZQU D . 4.29 -8.40 -9.40
C03 ZQU D . 5.50 -8.64 -10.31
C04 ZQU D . 2.93 -9.08 -11.59
C05 ZQU D . 3.45 -9.39 -8.55
C06 ZQU D . 1.01 -8.97 -9.66
C07 ZQU D . 1.53 -9.37 -11.09
C08 ZQU D . 1.98 -9.68 -8.60
C09 ZQU D . 3.44 -9.49 -13.00
C10 ZQU D . 4.38 -10.10 -7.50
C11 ZQU D . 0.03 -7.37 -8.54
C12 ZQU D . 0.63 -7.05 -10.67
C13 ZQU D . 0.53 -10.15 -11.98
C14 ZQU D . 1.37 -10.72 -7.63
C15 ZQU D . -0.30 -5.88 -8.38
C16 ZQU D . 0.41 -5.53 -10.55
C17 ZQU D . 2.43 -10.27 -13.89
C18 ZQU D . 3.78 -11.12 -6.54
C19 ZQU D . 1.00 -10.58 -13.39
C20 ZQU D . 2.26 -11.44 -6.60
C21 ZQU D . -0.15 -3.90 -9.25
C22 ZQU D . -1.23 -2.99 -9.89
C23 ZQU D . -0.91 -1.54 -9.57
C24 ZQU D . -1.23 0.16 -7.96
C25 ZQU D . -1.08 0.69 -6.50
C26 ZQU D . -1.32 1.16 -9.11
C27 ZQU D . -1.03 2.16 -6.22
C28 ZQU D . -1.27 2.66 -8.83
C29 ZQU D . -0.98 -0.30 -5.35
C30 ZQU D . -1.13 3.17 -7.39
C31 ZQU D . -0.83 0.21 -3.94
C32 ZQU D . -0.80 1.73 -3.66
F01 ZQU D . 6.39 -7.62 -10.37
F02 ZQU D . 5.89 -9.94 -10.39
N01 ZQU D . 0.97 -7.64 -9.50
N02 ZQU D . -0.39 -5.14 -9.52
N03 ZQU D . -0.90 2.68 -4.81
O01 ZQU D . -2.48 -3.29 -9.37
O02 ZQU D . -1.27 -1.23 -8.23
C01 ZQU E . 4.39 -6.34 -5.49
C02 ZQU E . 3.11 -5.58 -5.86
C03 ZQU E . 4.43 -5.22 -6.53
C04 ZQU E . 4.71 -6.53 -3.98
C05 ZQU E . 2.29 -4.86 -4.75
C06 ZQU E . 2.24 -6.86 -2.94
C07 ZQU E . 3.81 -6.78 -2.82
C08 ZQU E . 1.84 -5.39 -3.43
C09 ZQU E . 6.27 -6.43 -3.88
C10 ZQU E . 1.92 -3.43 -5.24
C11 ZQU E . 0.52 -7.46 -4.13
C12 ZQU E . 1.91 -9.04 -3.32
C13 ZQU E . 4.40 -6.91 -1.40
C14 ZQU E . 1.02 -4.50 -2.47
C15 ZQU E . -0.13 -8.60 -4.91
C16 ZQU E . 0.58 -9.79 -3.09
C17 ZQU E . 6.87 -6.58 -2.47
C18 ZQU E . 1.11 -2.54 -4.29
C19 ZQU E . 5.94 -6.82 -1.24
C20 ZQU E . 0.65 -3.07 -2.91
C21 ZQU E . -0.72 -10.72 -4.68
C22 ZQU E . -2.26 -10.79 -4.71
C23 ZQU E . -2.77 -12.11 -5.32
C24 ZQU E . -2.60 -12.98 -7.57
C25 ZQU E . -2.74 -12.17 -8.89
C26 ZQU E . -3.13 -14.40 -7.51
C27 ZQU E . -3.40 -12.78 -10.09
C28 ZQU E . -3.81 -15.04 -8.74
C29 ZQU E . -2.21 -10.75 -8.96
C30 ZQU E . -3.96 -14.23 -10.02
C31 ZQU E . -2.35 -9.95 -10.22
C32 ZQU E . -3.03 -10.59 -11.44
F01 ZQU E . 4.53 -5.63 -7.83
F02 ZQU E . 5.02 -4.08 -6.09
N01 ZQU E . 1.80 -7.77 -3.80
N02 ZQU E . -0.38 -9.63 -4.06
N03 ZQU E . -3.55 -11.99 -11.36
O01 ZQU E . -2.76 -9.73 -5.45
O02 ZQU E . -1.95 -12.41 -6.45
C1 CLR F . 21.61 -8.39 -25.08
C2 CLR F . 21.38 -9.18 -26.37
C3 CLR F . 22.05 -10.57 -26.32
C4 CLR F . 21.55 -11.29 -25.05
C5 CLR F . 21.61 -10.50 -23.76
C6 CLR F . 22.44 -10.92 -22.79
C7 CLR F . 22.73 -10.09 -21.54
C8 CLR F . 21.59 -9.05 -21.32
C9 CLR F . 21.33 -8.24 -22.61
C10 CLR F . 21.00 -9.09 -23.85
C11 CLR F . 20.29 -7.15 -22.34
C12 CLR F . 20.75 -6.20 -21.23
C13 CLR F . 21.02 -6.97 -19.91
C14 CLR F . 22.07 -8.08 -20.27
C15 CLR F . 22.54 -8.67 -18.89
C16 CLR F . 22.40 -7.41 -17.93
C17 CLR F . 21.87 -6.21 -18.85
C18 CLR F . 19.78 -7.53 -19.23
C19 CLR F . 19.46 -9.15 -24.04
C20 CLR F . 21.09 -5.23 -17.99
C21 CLR F . 20.73 -3.90 -18.68
C22 CLR F . 22.06 -4.90 -16.80
C23 CLR F . 21.67 -3.60 -16.07
C24 CLR F . 22.27 -3.79 -14.63
C25 CLR F . 21.19 -4.42 -13.74
C26 CLR F . 21.89 -5.08 -12.51
C27 CLR F . 20.05 -3.43 -13.40
O1 CLR F . 21.88 -11.32 -27.50
C1 CLR G . 13.94 0.32 -27.74
C2 CLR G . 13.68 0.30 -29.24
C3 CLR G . 15.00 0.27 -30.01
C4 CLR G . 15.72 -1.04 -29.62
C5 CLR G . 15.94 -1.20 -28.13
C6 CLR G . 17.17 -1.44 -27.68
C7 CLR G . 17.47 -1.83 -26.23
C8 CLR G . 16.18 -1.81 -25.38
C9 CLR G . 15.28 -0.63 -25.84
C10 CLR G . 14.72 -0.90 -27.24
C11 CLR G . 14.23 -0.25 -24.81
C12 CLR G . 14.83 -0.03 -23.41
C13 CLR G . 15.45 -1.38 -22.96
C14 CLR G . 16.61 -1.61 -23.96
C15 CLR G . 17.48 -2.76 -23.34
C16 CLR G . 17.35 -2.48 -21.79
C17 CLR G . 16.24 -1.34 -21.63
C18 CLR G . 14.44 -2.53 -22.94
C19 CLR G . 13.78 -2.13 -27.16
C20 CLR G . 15.35 -1.63 -20.43
C21 CLR G . 14.65 -0.37 -19.87
C22 CLR G . 16.26 -2.29 -19.32
C23 CLR G . 17.01 -1.33 -18.39
C24 CLR G . 16.20 -1.34 -17.03
C25 CLR G . 16.70 -2.44 -16.08
C26 CLR G . 15.58 -3.52 -16.02
C27 CLR G . 18.12 -2.97 -16.37
O1 CLR G . 14.90 0.40 -31.42
C1 CLR H . -3.13 4.19 -29.63
C2 CLR H . -2.55 3.13 -30.57
C3 CLR H . -1.03 3.28 -30.76
C4 CLR H . -0.38 3.29 -29.37
C5 CLR H . -0.98 4.27 -28.37
C6 CLR H . -0.21 4.80 -27.41
C7 CLR H . -0.77 5.39 -26.12
C8 CLR H . -2.27 5.04 -25.93
C9 CLR H . -2.98 5.21 -27.30
C10 CLR H . -2.49 4.08 -28.23
C11 CLR H . -4.52 5.34 -27.17
C12 CLR H . -4.99 6.26 -26.03
C13 CLR H . -4.39 5.78 -24.69
C14 CLR H . -2.85 5.97 -24.90
C15 CLR H . -2.18 5.94 -23.49
C16 CLR H . -3.36 6.34 -22.51
C17 CLR H . -4.61 6.69 -23.44
C18 CLR H . -4.75 4.32 -24.35
C19 CLR H . -2.77 2.69 -27.61
C20 CLR H . -5.90 6.52 -22.64
C21 CLR H . -7.16 7.18 -23.24
C22 CLR H . -5.61 7.22 -21.26
C23 CLR H . -6.83 7.81 -20.55
C24 CLR H . -6.20 8.78 -19.48
C25 CLR H . -7.26 9.23 -18.44
C26 CLR H . -6.49 9.79 -17.23
C27 CLR H . -8.36 10.19 -18.95
O1 CLR H . -0.46 2.31 -31.61
C1 CLR I . -25.73 -14.33 -24.06
C2 CLR I . -26.35 -15.03 -25.28
C3 CLR I . -27.86 -14.79 -25.40
C4 CLR I . -27.97 -13.28 -25.63
C5 CLR I . -27.47 -12.46 -24.45
C6 CLR I . -28.35 -11.59 -23.92
C7 CLR I . -28.36 -11.28 -22.43
C8 CLR I . -26.91 -11.36 -21.84
C9 CLR I . -26.14 -12.62 -22.31
C10 CLR I . -26.10 -12.84 -23.85
C11 CLR I . -24.79 -12.66 -21.60
C12 CLR I . -24.93 -12.67 -20.06
C13 CLR I . -25.72 -11.41 -19.59
C14 CLR I . -27.06 -11.46 -20.36
C15 CLR I . -27.99 -10.40 -19.69
C16 CLR I . -27.65 -10.66 -18.16
C17 CLR I . -26.26 -11.44 -18.13
C18 CLR I . -24.98 -10.10 -19.87
C19 CLR I . -24.98 -11.96 -24.46
C20 CLR I . -25.37 -10.80 -17.07
C21 CLR I . -24.18 -11.68 -16.63
C22 CLR I . -26.27 -10.62 -15.81
C23 CLR I . -26.28 -9.18 -15.27
C24 CLR I . -25.21 -9.19 -14.13
C25 CLR I . -25.24 -7.80 -13.44
C26 CLR I . -25.82 -7.99 -12.01
C27 CLR I . -23.89 -7.03 -13.50
O1 CLR I . -28.54 -15.54 -26.38
C1 CLR J . -23.45 -23.34 -21.11
C2 CLR J . -23.94 -23.92 -22.45
C3 CLR J . -24.26 -22.83 -23.51
C4 CLR J . -23.04 -21.91 -23.63
C5 CLR J . -22.55 -21.31 -22.32
C6 CLR J . -22.72 -20.00 -22.13
C7 CLR J . -22.28 -19.31 -20.84
C8 CLR J . -21.38 -20.26 -20.01
C9 CLR J . -22.10 -21.62 -19.85
C10 CLR J . -22.25 -22.35 -21.21
C11 CLR J . -21.46 -22.49 -18.74
C12 CLR J . -21.34 -21.73 -17.41
C13 CLR J . -20.51 -20.43 -17.57
C14 CLR J . -21.20 -19.59 -18.68
C15 CLR J . -20.37 -18.27 -18.69
C16 CLR J . -20.02 -18.10 -17.16
C17 CLR J . -20.67 -19.37 -16.46
C18 CLR J . -19.03 -20.61 -17.91
C19 CLR J . -20.94 -23.12 -21.51
C20 CLR J . -19.99 -19.67 -15.12
C21 CLR J . -20.98 -19.95 -13.96
C22 CLR J . -19.17 -18.40 -14.74
C23 CLR J . -18.91 -18.26 -13.24
C24 CLR J . -17.67 -17.30 -13.16
C25 CLR J . -18.12 -15.88 -13.56
C26 CLR J . -16.88 -14.96 -13.50
C27 CLR J . -19.34 -15.37 -12.76
O1 CLR J . -24.67 -23.33 -24.77
C1 CLR K . -16.38 -24.44 -16.52
C2 CLR K . -17.05 -24.95 -17.81
C3 CLR K . -17.82 -26.28 -17.65
C4 CLR K . -18.70 -26.22 -16.38
C5 CLR K . -18.03 -25.68 -15.14
C6 CLR K . -17.82 -26.47 -14.08
C7 CLR K . -17.33 -25.86 -12.76
C8 CLR K . -17.49 -24.33 -12.86
C9 CLR K . -16.67 -23.86 -14.09
C10 CLR K . -17.39 -24.31 -15.37
C11 CLR K . -16.37 -22.36 -14.07
C12 CLR K . -15.98 -21.79 -12.69
C13 CLR K . -17.06 -22.17 -11.65
C14 CLR K . -16.98 -23.71 -11.59
C15 CLR K . -17.72 -24.15 -10.30
C16 CLR K . -17.55 -22.90 -9.34
C17 CLR K . -16.76 -21.80 -10.17
C18 CLR K . -18.47 -21.72 -12.01
C19 CLR K . -18.50 -23.28 -15.67
C20 CLR K . -17.29 -20.44 -9.78
C21 CLR K . -16.40 -19.25 -10.17
C22 CLR K . -17.37 -20.50 -8.21
C23 CLR K . -18.09 -19.28 -7.64
C24 CLR K . -18.43 -19.72 -6.17
C25 CLR K . -19.94 -19.49 -5.94
C26 CLR K . -20.28 -19.99 -4.51
C27 CLR K . -20.42 -18.04 -6.27
O1 CLR K . -18.57 -26.64 -18.79
C1 CLR L . -16.54 4.99 -3.45
C2 CLR L . -15.95 5.46 -2.13
C3 CLR L . -14.60 4.81 -1.79
C4 CLR L . -13.66 4.85 -3.01
C5 CLR L . -14.27 4.57 -4.36
C6 CLR L . -13.73 3.62 -5.14
C7 CLR L . -14.16 3.41 -6.59
C8 CLR L . -15.17 4.50 -7.02
C9 CLR L . -16.23 4.71 -5.91
C10 CLR L . -15.59 5.28 -4.63
C11 CLR L . -17.41 5.55 -6.41
C12 CLR L . -18.05 4.97 -7.68
C13 CLR L . -16.96 4.97 -8.77
C14 CLR L . -15.87 4.00 -8.25
C15 CLR L . -14.94 3.68 -9.46
C16 CLR L . -15.89 3.93 -10.70
C17 CLR L . -17.32 4.27 -10.11
C18 CLR L . -16.38 6.36 -9.03
C19 CLR L . -15.38 6.80 -4.81
C20 CLR L . -18.10 5.13 -11.10
C21 CLR L . -19.61 5.30 -10.81
C22 CLR L . -17.98 4.40 -12.48
C23 CLR L . -18.35 5.32 -13.65
C24 CLR L . -18.54 4.36 -14.88
C25 CLR L . -20.04 4.26 -15.28
C26 CLR L . -20.49 2.77 -15.15
C27 CLR L . -20.99 5.29 -14.62
O1 CLR L . -13.98 5.34 -0.63
C1 CLR M . -13.92 -0.41 -2.83
C2 CLR M . -13.28 -0.66 -1.47
C3 CLR M . -13.95 0.14 -0.34
C4 CLR M . -15.46 -0.19 -0.36
C5 CLR M . -16.13 0.00 -1.72
C6 CLR M . -17.35 0.55 -1.76
C7 CLR M . -18.02 0.88 -3.10
C8 CLR M . -17.54 -0.12 -4.19
C9 CLR M . -16.00 -0.26 -4.23
C10 CLR M . -15.43 -0.74 -2.88
C11 CLR M . -15.57 -1.12 -5.42
C12 CLR M . -16.18 -0.69 -6.77
C13 CLR M . -17.71 -0.60 -6.66
C14 CLR M . -17.98 0.42 -5.52
C15 CLR M . -19.47 0.87 -5.64
C16 CLR M . -19.86 0.51 -7.13
C17 CLR M . -18.46 0.15 -7.82
C18 CLR M . -18.39 -1.94 -6.38
C19 CLR M . -15.66 -2.26 -2.75
C20 CLR M . -18.69 -0.64 -9.10
C21 CLR M . -17.60 -0.45 -10.18
C22 CLR M . -20.02 -0.09 -9.69
C23 CLR M . -20.17 -0.42 -11.18
C24 CLR M . -20.71 0.91 -11.83
C25 CLR M . -22.25 0.84 -11.91
C26 CLR M . -22.75 2.27 -12.23
C27 CLR M . -22.80 -0.25 -12.86
O1 CLR M . -13.39 -0.06 0.95
#